data_8UAW
#
_entry.id   8UAW
#
_cell.length_a   1.00
_cell.length_b   1.00
_cell.length_c   1.00
_cell.angle_alpha   90.00
_cell.angle_beta   90.00
_cell.angle_gamma   90.00
#
_symmetry.space_group_name_H-M   'P 1'
#
_entity_poly.entity_id   1
_entity_poly.type   'polypeptide(L)'
_entity_poly.pdbx_seq_one_letter_code
;MHADCAKGKIEFSKYNEDDTFTVKVDGKEYWTSRWNLQPLLQSAQLTGMTVTIKSSTCESGSGFAEVQFNNDGSGSGSGS
GSLKTSFKIAFIQARWHADIVDEARKSFVAELAAKTGGSVEVEIFDVPGAYEIPLHAKTLARTGRYAAIVGAAFVIDGGI
YRHDFVATAVINGMMQVQLETEVPVLSVVLTPHHFHESKEHHDFFHAHFKVKGVEAAHAALQIVSERSRIAALV
;
_entity_poly.pdbx_strand_id   A,B,C,D,E,F,G,H,I,J
#
# COMPACT_ATOMS: atom_id res chain seq x y z
N MET A 1 47.65 -50.28 19.82
CA MET A 1 47.55 -48.92 19.33
C MET A 1 48.53 -48.08 20.15
N HIS A 2 49.28 -47.21 19.46
CA HIS A 2 50.35 -46.46 20.13
C HIS A 2 49.78 -45.51 21.17
N ALA A 3 50.55 -45.28 22.23
CA ALA A 3 50.13 -44.39 23.29
C ALA A 3 50.08 -42.94 22.80
N ASP A 4 49.07 -42.20 23.26
CA ASP A 4 48.91 -40.79 22.90
C ASP A 4 49.48 -39.94 24.02
N CYS A 5 50.69 -39.42 23.80
CA CYS A 5 51.30 -38.52 24.78
C CYS A 5 50.50 -37.24 24.93
N ALA A 6 50.05 -36.67 23.81
CA ALA A 6 49.26 -35.45 23.83
C ALA A 6 48.59 -35.28 22.47
N LYS A 7 47.31 -34.93 22.49
CA LYS A 7 46.53 -34.73 21.27
C LYS A 7 45.87 -33.36 21.31
N GLY A 8 46.02 -32.61 20.23
CA GLY A 8 45.42 -31.30 20.14
C GLY A 8 46.15 -30.45 19.11
N LYS A 9 45.68 -29.21 19.00
CA LYS A 9 46.30 -28.26 18.08
C LYS A 9 47.65 -27.81 18.60
N ILE A 10 48.55 -27.50 17.66
CA ILE A 10 49.90 -27.05 18.01
C ILE A 10 49.79 -25.63 18.54
N GLU A 11 50.06 -25.46 19.84
CA GLU A 11 49.97 -24.13 20.46
C GLU A 11 51.03 -23.20 19.87
N PHE A 12 52.26 -23.69 19.72
CA PHE A 12 53.32 -22.90 19.10
C PHE A 12 54.38 -23.84 18.56
N SER A 13 54.93 -23.49 17.40
CA SER A 13 55.98 -24.27 16.76
C SER A 13 57.27 -23.48 16.79
N LYS A 14 58.34 -24.08 17.32
CA LYS A 14 59.61 -23.32 17.46
C LYS A 14 60.76 -24.05 16.75
N TYR A 15 61.00 -23.73 15.48
CA TYR A 15 62.16 -24.32 14.77
C TYR A 15 63.43 -23.65 15.29
N ASN A 16 64.14 -24.32 16.20
CA ASN A 16 65.38 -23.75 16.76
C ASN A 16 66.53 -24.00 15.77
N GLU A 17 67.64 -23.28 15.92
CA GLU A 17 68.83 -23.48 15.04
C GLU A 17 69.17 -24.98 15.02
N ASP A 18 68.78 -25.71 16.07
CA ASP A 18 69.07 -27.16 16.16
C ASP A 18 68.33 -27.91 15.05
N ASP A 19 67.60 -27.19 14.19
CA ASP A 19 66.79 -27.85 13.14
C ASP A 19 65.83 -28.84 13.82
N THR A 20 65.08 -28.37 14.83
CA THR A 20 64.07 -29.23 15.50
C THR A 20 62.76 -28.45 15.61
N PHE A 21 61.70 -28.91 14.93
CA PHE A 21 60.41 -28.20 14.95
C PHE A 21 59.73 -28.39 16.31
N THR A 22 60.32 -27.84 17.38
CA THR A 22 59.69 -27.93 18.72
C THR A 22 58.21 -27.56 18.58
N VAL A 23 57.30 -28.41 19.06
CA VAL A 23 55.88 -28.14 18.89
C VAL A 23 55.17 -28.45 20.21
N LYS A 24 54.31 -27.54 20.63
CA LYS A 24 53.54 -27.69 21.86
C LYS A 24 52.14 -28.19 21.52
N VAL A 25 51.80 -29.38 21.99
CA VAL A 25 50.51 -30.01 21.72
C VAL A 25 49.85 -30.33 23.06
N ASP A 26 48.60 -29.88 23.22
CA ASP A 26 47.81 -30.15 24.42
C ASP A 26 48.54 -29.68 25.69
N GLY A 27 49.22 -28.53 25.59
CA GLY A 27 49.91 -27.95 26.71
C GLY A 27 51.27 -28.54 27.01
N LYS A 28 51.75 -29.49 26.21
CA LYS A 28 53.04 -30.13 26.42
C LYS A 28 53.92 -29.90 25.21
N GLU A 29 55.16 -29.50 25.45
CA GLU A 29 56.10 -29.18 24.39
C GLU A 29 56.88 -30.44 23.98
N TYR A 30 56.90 -30.71 22.68
CA TYR A 30 57.62 -31.83 22.11
C TYR A 30 58.46 -31.36 20.93
N TRP A 31 59.63 -31.96 20.75
CA TRP A 31 60.55 -31.61 19.68
C TRP A 31 60.93 -32.85 18.89
N THR A 32 61.21 -32.65 17.61
CA THR A 32 61.63 -33.74 16.73
C THR A 32 62.84 -33.30 15.92
N SER A 33 63.78 -34.22 15.73
CA SER A 33 64.98 -33.96 14.94
C SER A 33 64.85 -34.43 13.50
N ARG A 34 63.71 -34.96 13.10
CA ARG A 34 63.53 -35.43 11.74
C ARG A 34 63.45 -34.25 10.77
N TRP A 35 64.22 -34.34 9.69
CA TRP A 35 64.21 -33.27 8.69
C TRP A 35 62.90 -33.27 7.91
N ASN A 36 62.34 -34.45 7.63
CA ASN A 36 61.11 -34.52 6.87
C ASN A 36 59.90 -34.09 7.70
N LEU A 37 59.97 -34.20 9.01
CA LEU A 37 58.83 -33.88 9.85
C LEU A 37 58.62 -32.37 9.97
N GLN A 38 59.68 -31.58 9.80
CA GLN A 38 59.55 -30.13 9.95
C GLN A 38 58.61 -29.51 8.93
N PRO A 39 58.73 -29.76 7.61
CA PRO A 39 57.72 -29.21 6.69
C PRO A 39 56.32 -29.74 6.96
N LEU A 40 56.20 -31.01 7.36
CA LEU A 40 54.89 -31.56 7.69
C LEU A 40 54.29 -30.86 8.90
N LEU A 41 55.10 -30.61 9.93
CA LEU A 41 54.62 -29.89 11.10
C LEU A 41 54.23 -28.46 10.75
N GLN A 42 55.01 -27.80 9.91
CA GLN A 42 54.66 -26.44 9.48
C GLN A 42 53.35 -26.43 8.71
N SER A 43 53.16 -27.39 7.81
CA SER A 43 51.92 -27.48 7.05
C SER A 43 50.73 -27.74 7.98
N ALA A 44 50.92 -28.63 8.96
CA ALA A 44 49.86 -28.89 9.94
C ALA A 44 49.51 -27.64 10.73
N GLN A 45 50.53 -26.87 11.13
CA GLN A 45 50.29 -25.65 11.88
C GLN A 45 49.53 -24.63 11.04
N LEU A 46 49.94 -24.44 9.79
CA LEU A 46 49.30 -23.42 8.95
C LEU A 46 47.92 -23.85 8.46
N THR A 47 47.64 -25.15 8.42
CA THR A 47 46.32 -25.63 8.01
C THR A 47 45.38 -25.83 9.19
N GLY A 48 45.80 -25.47 10.40
CA GLY A 48 44.97 -25.66 11.57
C GLY A 48 44.72 -27.12 11.88
N MET A 49 45.76 -27.94 11.76
CA MET A 49 45.69 -29.37 11.99
C MET A 49 46.01 -29.68 13.45
N THR A 50 45.30 -30.66 14.00
CA THR A 50 45.55 -31.17 15.34
C THR A 50 46.32 -32.48 15.23
N VAL A 51 47.52 -32.51 15.80
CA VAL A 51 48.39 -33.66 15.71
C VAL A 51 48.46 -34.35 17.07
N THR A 52 48.79 -35.63 17.04
CA THR A 52 48.94 -36.44 18.25
C THR A 52 50.40 -36.86 18.36
N ILE A 53 51.10 -36.29 19.34
CA ILE A 53 52.51 -36.62 19.55
C ILE A 53 52.62 -38.02 20.13
N LYS A 54 53.42 -38.86 19.48
CA LYS A 54 53.58 -40.25 19.89
C LYS A 54 55.05 -40.55 20.09
N SER A 55 55.39 -41.03 21.28
CA SER A 55 56.77 -41.37 21.61
C SER A 55 56.76 -42.30 22.81
N SER A 56 57.89 -42.98 23.02
CA SER A 56 58.03 -43.83 24.19
C SER A 56 58.04 -43.03 25.49
N THR A 57 58.47 -41.78 25.44
CA THR A 57 58.49 -40.90 26.60
C THR A 57 57.52 -39.75 26.35
N CYS A 58 56.56 -39.57 27.27
CA CYS A 58 55.52 -38.56 27.12
C CYS A 58 55.80 -37.30 27.94
N GLU A 59 56.97 -37.21 28.56
CA GLU A 59 57.30 -36.04 29.36
C GLU A 59 57.59 -34.83 28.47
N SER A 60 57.59 -33.66 29.11
CA SER A 60 57.86 -32.42 28.38
C SER A 60 59.30 -32.39 27.89
N GLY A 61 59.49 -31.86 26.68
CA GLY A 61 60.81 -31.78 26.09
C GLY A 61 61.38 -33.10 25.64
N SER A 62 60.54 -34.10 25.39
CA SER A 62 60.98 -35.41 24.95
C SER A 62 60.86 -35.53 23.45
N GLY A 63 61.85 -36.17 22.83
CA GLY A 63 61.83 -36.35 21.39
C GLY A 63 60.74 -37.30 20.95
N PHE A 64 60.28 -37.12 19.70
CA PHE A 64 59.24 -37.96 19.15
C PHE A 64 59.48 -38.12 17.66
N ALA A 65 59.00 -39.23 17.10
CA ALA A 65 59.12 -39.50 15.68
C ALA A 65 57.86 -40.10 15.08
N GLU A 66 56.78 -40.22 15.84
CA GLU A 66 55.53 -40.82 15.38
C GLU A 66 54.39 -39.84 15.58
N VAL A 67 53.52 -39.74 14.58
CA VAL A 67 52.40 -38.81 14.61
C VAL A 67 51.33 -39.32 13.67
N GLN A 68 50.06 -39.01 13.99
CA GLN A 68 48.92 -39.47 13.20
C GLN A 68 48.02 -38.31 12.85
N PHE A 69 47.63 -38.23 11.58
CA PHE A 69 46.67 -37.23 11.10
C PHE A 69 45.44 -37.99 10.60
N ASN A 70 44.36 -37.97 11.38
CA ASN A 70 43.16 -38.71 11.03
C ASN A 70 42.54 -38.17 9.74
N ASN A 71 42.02 -36.95 9.77
CA ASN A 71 41.48 -36.32 8.57
C ASN A 71 41.64 -34.81 8.73
N ASP A 72 42.75 -34.28 8.22
CA ASP A 72 43.07 -32.85 8.31
C ASP A 72 43.01 -32.35 9.75
N GLY A 73 43.26 -33.24 10.71
CA GLY A 73 43.16 -32.88 12.11
C GLY A 73 41.73 -32.59 12.52
N SER A 74 41.61 -31.84 13.61
CA SER A 74 40.32 -31.39 14.10
C SER A 74 40.15 -29.88 13.95
N GLY A 75 41.06 -29.09 14.52
CA GLY A 75 40.97 -27.65 14.39
C GLY A 75 39.65 -27.12 14.93
N SER A 76 39.00 -26.28 14.13
CA SER A 76 37.67 -25.78 14.47
C SER A 76 36.57 -26.76 14.09
N GLY A 77 36.91 -27.88 13.46
CA GLY A 77 35.92 -28.85 13.05
C GLY A 77 35.37 -29.69 14.19
N SER A 78 35.06 -30.96 13.89
CA SER A 78 34.47 -31.90 14.84
C SER A 78 33.12 -31.42 15.39
N GLY A 79 32.47 -30.50 14.69
CA GLY A 79 31.18 -29.97 15.08
C GLY A 79 30.05 -30.58 14.29
N SER A 80 28.99 -29.80 14.08
CA SER A 80 27.80 -30.21 13.33
C SER A 80 27.09 -31.39 13.96
N GLY A 81 27.30 -31.62 15.26
CA GLY A 81 26.65 -32.72 15.95
C GLY A 81 27.50 -33.30 17.07
N SER A 82 26.85 -33.90 18.05
CA SER A 82 27.54 -34.51 19.18
C SER A 82 27.38 -36.03 19.20
N LEU A 83 26.14 -36.51 19.23
CA LEU A 83 25.83 -37.93 19.27
C LEU A 83 24.32 -38.10 19.14
N LYS A 84 23.90 -39.25 18.61
CA LYS A 84 22.49 -39.54 18.49
C LYS A 84 21.90 -39.90 19.85
N THR A 85 20.68 -39.42 20.10
CA THR A 85 19.89 -39.69 21.29
C THR A 85 20.49 -39.03 22.53
N SER A 86 21.65 -38.37 22.37
CA SER A 86 22.27 -37.64 23.47
C SER A 86 23.08 -36.50 22.85
N PHE A 87 22.48 -35.31 22.83
CA PHE A 87 23.12 -34.13 22.25
C PHE A 87 22.68 -32.91 23.05
N LYS A 88 23.10 -31.73 22.59
CA LYS A 88 22.80 -30.48 23.27
C LYS A 88 22.22 -29.48 22.28
N ILE A 89 21.45 -28.53 22.80
CA ILE A 89 20.83 -27.48 22.00
C ILE A 89 21.11 -26.15 22.66
N ALA A 90 21.47 -25.15 21.86
CA ALA A 90 21.73 -23.81 22.34
C ALA A 90 20.52 -22.93 22.06
N PHE A 91 19.99 -22.29 23.11
CA PHE A 91 18.83 -21.43 23.00
C PHE A 91 19.27 -19.99 23.23
N ILE A 92 19.39 -19.23 22.14
CA ILE A 92 19.77 -17.82 22.22
C ILE A 92 18.48 -17.00 22.25
N GLN A 93 18.37 -16.14 23.27
CA GLN A 93 17.16 -15.35 23.48
C GLN A 93 17.52 -13.88 23.65
N ALA A 94 16.75 -13.01 23.01
CA ALA A 94 16.94 -11.58 23.14
C ALA A 94 16.29 -11.07 24.43
N ARG A 95 16.85 -10.00 24.97
CA ARG A 95 16.35 -9.40 26.20
C ARG A 95 15.40 -8.25 25.97
N TRP A 96 15.02 -7.98 24.72
CA TRP A 96 14.00 -7.00 24.39
C TRP A 96 12.65 -7.71 24.40
N HIS A 97 11.72 -7.21 25.22
CA HIS A 97 10.44 -7.88 25.48
C HIS A 97 10.68 -9.28 26.06
N ALA A 98 11.33 -9.31 27.22
CA ALA A 98 11.75 -10.57 27.82
C ALA A 98 10.58 -11.38 28.37
N ASP A 99 9.46 -10.72 28.70
CA ASP A 99 8.36 -11.41 29.36
C ASP A 99 7.64 -12.40 28.44
N ILE A 100 7.93 -12.39 27.14
CA ILE A 100 7.31 -13.28 26.18
C ILE A 100 8.28 -14.33 25.68
N VAL A 101 9.51 -13.92 25.39
CA VAL A 101 10.57 -14.88 25.08
C VAL A 101 10.78 -15.82 26.26
N ASP A 102 10.56 -15.34 27.49
CA ASP A 102 10.63 -16.23 28.64
C ASP A 102 9.60 -17.34 28.55
N GLU A 103 8.36 -17.00 28.17
CA GLU A 103 7.34 -18.02 28.02
C GLU A 103 7.72 -19.03 26.94
N ALA A 104 8.24 -18.52 25.81
CA ALA A 104 8.66 -19.43 24.74
C ALA A 104 9.74 -20.39 25.24
N ARG A 105 10.74 -19.86 25.95
CA ARG A 105 11.83 -20.70 26.44
C ARG A 105 11.35 -21.73 27.45
N LYS A 106 10.46 -21.32 28.36
CA LYS A 106 9.93 -22.28 29.33
C LYS A 106 9.16 -23.40 28.65
N SER A 107 8.34 -23.05 27.66
CA SER A 107 7.61 -24.08 26.92
C SER A 107 8.57 -25.04 26.22
N PHE A 108 9.59 -24.49 25.56
CA PHE A 108 10.56 -25.32 24.87
C PHE A 108 11.23 -26.30 25.82
N VAL A 109 11.74 -25.79 26.95
CA VAL A 109 12.47 -26.63 27.89
C VAL A 109 11.54 -27.68 28.49
N ALA A 110 10.32 -27.28 28.86
CA ALA A 110 9.39 -28.24 29.46
C ALA A 110 9.04 -29.37 28.50
N GLU A 111 8.77 -29.03 27.23
CA GLU A 111 8.46 -30.07 26.26
C GLU A 111 9.64 -31.01 26.03
N LEU A 112 10.83 -30.42 25.89
CA LEU A 112 12.04 -31.25 25.71
C LEU A 112 12.14 -32.23 26.88
N ALA A 113 12.04 -31.72 28.11
CA ALA A 113 12.18 -32.58 29.28
C ALA A 113 11.08 -33.61 29.35
N ALA A 114 9.89 -33.30 28.84
CA ALA A 114 8.79 -34.25 28.88
C ALA A 114 9.02 -35.41 27.91
N LYS A 115 9.44 -35.10 26.69
CA LYS A 115 9.62 -36.18 25.71
C LYS A 115 10.91 -36.95 25.94
N THR A 116 12.05 -36.26 25.83
CA THR A 116 13.34 -36.95 25.92
C THR A 116 13.60 -37.47 27.33
N GLY A 117 13.24 -36.69 28.35
CA GLY A 117 13.47 -37.10 29.72
C GLY A 117 14.93 -37.12 30.14
N GLY A 118 15.69 -36.10 29.79
CA GLY A 118 17.08 -35.99 30.18
C GLY A 118 18.08 -36.37 29.11
N SER A 119 17.61 -36.85 27.96
CA SER A 119 18.52 -37.20 26.88
C SER A 119 19.08 -35.96 26.19
N VAL A 120 18.32 -34.87 26.16
CA VAL A 120 18.71 -33.63 25.49
C VAL A 120 18.85 -32.54 26.55
N GLU A 121 19.97 -31.83 26.52
CA GLU A 121 20.24 -30.74 27.44
C GLU A 121 20.19 -29.42 26.69
N VAL A 122 19.59 -28.41 27.30
CA VAL A 122 19.42 -27.10 26.70
C VAL A 122 20.22 -26.09 27.50
N GLU A 123 21.07 -25.34 26.82
CA GLU A 123 21.83 -24.25 27.43
C GLU A 123 21.28 -22.92 26.96
N ILE A 124 21.14 -21.98 27.89
CA ILE A 124 20.51 -20.68 27.61
C ILE A 124 21.60 -19.63 27.48
N PHE A 125 21.54 -18.87 26.39
CA PHE A 125 22.48 -17.78 26.12
C PHE A 125 21.70 -16.50 25.94
N ASP A 126 22.13 -15.44 26.62
CA ASP A 126 21.43 -14.17 26.63
C ASP A 126 22.08 -13.21 25.64
N VAL A 127 21.28 -12.34 25.04
CA VAL A 127 21.74 -11.45 23.98
C VAL A 127 20.91 -10.16 24.02
N PRO A 128 21.53 -8.99 23.84
CA PRO A 128 20.77 -7.74 24.02
C PRO A 128 19.60 -7.55 23.08
N GLY A 129 19.71 -8.00 21.83
CA GLY A 129 18.64 -7.76 20.87
C GLY A 129 18.76 -8.70 19.69
N ALA A 130 17.76 -8.62 18.82
CA ALA A 130 17.68 -9.54 17.69
C ALA A 130 18.87 -9.40 16.76
N TYR A 131 19.43 -8.19 16.66
CA TYR A 131 20.54 -7.95 15.73
C TYR A 131 21.81 -8.70 16.12
N GLU A 132 21.90 -9.19 17.36
CA GLU A 132 23.11 -9.82 17.85
C GLU A 132 23.02 -11.34 17.88
N ILE A 133 21.99 -11.92 17.27
CA ILE A 133 21.79 -13.37 17.28
C ILE A 133 22.68 -14.08 16.25
N PRO A 134 22.75 -13.64 14.98
CA PRO A 134 23.51 -14.43 13.99
C PRO A 134 24.98 -14.65 14.35
N LEU A 135 25.66 -13.64 14.89
CA LEU A 135 27.07 -13.83 15.23
C LEU A 135 27.24 -14.81 16.39
N HIS A 136 26.36 -14.71 17.40
CA HIS A 136 26.39 -15.66 18.50
C HIS A 136 26.14 -17.08 18.00
N ALA A 137 25.18 -17.22 17.08
CA ALA A 137 24.89 -18.53 16.52
C ALA A 137 26.09 -19.07 15.74
N LYS A 138 26.76 -18.21 14.98
CA LYS A 138 27.93 -18.67 14.24
C LYS A 138 29.03 -19.12 15.18
N THR A 139 29.28 -18.37 16.26
CA THR A 139 30.30 -18.77 17.22
C THR A 139 29.97 -20.10 17.87
N LEU A 140 28.72 -20.26 18.32
CA LEU A 140 28.31 -21.48 18.99
C LEU A 140 28.29 -22.66 18.03
N ALA A 141 28.03 -22.43 16.75
CA ALA A 141 28.07 -23.52 15.78
C ALA A 141 29.51 -23.93 15.47
N ARG A 142 30.40 -22.97 15.30
CA ARG A 142 31.79 -23.31 15.01
C ARG A 142 32.47 -23.96 16.19
N THR A 143 32.03 -23.66 17.42
CA THR A 143 32.65 -24.29 18.58
C THR A 143 32.32 -25.78 18.69
N GLY A 144 31.36 -26.27 17.91
CA GLY A 144 30.93 -27.64 18.03
C GLY A 144 29.97 -27.82 19.19
N ARG A 145 29.90 -29.05 19.69
CA ARG A 145 29.17 -29.45 20.90
C ARG A 145 27.66 -29.37 20.75
N TYR A 146 27.13 -28.89 19.63
CA TYR A 146 25.71 -28.62 19.49
C TYR A 146 25.19 -29.23 18.21
N ALA A 147 24.05 -29.90 18.29
CA ALA A 147 23.40 -30.46 17.11
C ALA A 147 22.37 -29.51 16.51
N ALA A 148 21.91 -28.51 17.26
CA ALA A 148 20.96 -27.54 16.74
C ALA A 148 21.07 -26.27 17.55
N ILE A 149 20.61 -25.17 16.96
CA ILE A 149 20.64 -23.85 17.59
C ILE A 149 19.29 -23.20 17.38
N VAL A 150 18.74 -22.61 18.45
CA VAL A 150 17.44 -21.96 18.41
C VAL A 150 17.61 -20.51 18.81
N GLY A 151 17.05 -19.60 18.02
CA GLY A 151 17.10 -18.18 18.33
C GLY A 151 15.72 -17.58 18.46
N ALA A 152 15.45 -16.93 19.59
CA ALA A 152 14.13 -16.39 19.89
C ALA A 152 14.21 -14.88 20.12
N ALA A 153 13.26 -14.15 19.55
CA ALA A 153 13.17 -12.71 19.72
C ALA A 153 11.77 -12.26 19.32
N PHE A 154 11.45 -11.03 19.71
CA PHE A 154 10.14 -10.43 19.42
C PHE A 154 10.40 -9.05 18.82
N VAL A 155 10.38 -8.98 17.48
CA VAL A 155 10.66 -7.74 16.77
C VAL A 155 9.36 -6.96 16.62
N ILE A 156 9.36 -5.72 17.10
CA ILE A 156 8.13 -4.96 17.29
C ILE A 156 8.26 -3.62 16.57
N ASP A 157 7.23 -3.24 15.82
CA ASP A 157 7.15 -1.91 15.23
C ASP A 157 6.67 -0.94 16.31
N GLY A 158 7.57 -0.08 16.78
CA GLY A 158 7.24 0.82 17.86
C GLY A 158 6.49 2.07 17.47
N GLY A 159 6.26 2.29 16.18
CA GLY A 159 5.53 3.45 15.71
C GLY A 159 6.36 4.68 15.45
N ILE A 160 7.67 4.62 15.69
CA ILE A 160 8.57 5.74 15.43
C ILE A 160 9.51 5.44 14.27
N TYR A 161 10.31 4.39 14.39
CA TYR A 161 11.23 3.97 13.34
C TYR A 161 10.71 2.73 12.64
N ARG A 162 11.23 2.50 11.43
CA ARG A 162 10.89 1.29 10.68
C ARG A 162 11.69 0.11 11.21
N HIS A 163 11.03 -1.05 11.28
CA HIS A 163 11.60 -2.23 11.91
C HIS A 163 11.89 -3.38 10.97
N ASP A 164 11.49 -3.29 9.70
CA ASP A 164 11.61 -4.44 8.81
C ASP A 164 13.05 -4.68 8.37
N PHE A 165 13.88 -3.65 8.37
CA PHE A 165 15.27 -3.82 7.95
C PHE A 165 16.01 -4.78 8.89
N VAL A 166 15.85 -4.58 10.20
CA VAL A 166 16.54 -5.41 11.17
C VAL A 166 16.02 -6.85 11.11
N ALA A 167 14.70 -7.02 10.97
CA ALA A 167 14.14 -8.37 10.89
C ALA A 167 14.64 -9.10 9.66
N THR A 168 14.65 -8.43 8.50
CA THR A 168 15.16 -9.05 7.29
C THR A 168 16.63 -9.42 7.45
N ALA A 169 17.42 -8.51 8.02
CA ALA A 169 18.84 -8.80 8.23
C ALA A 169 19.02 -10.01 9.14
N VAL A 170 18.23 -10.11 10.20
CA VAL A 170 18.39 -11.20 11.16
C VAL A 170 18.04 -12.53 10.51
N ILE A 171 16.91 -12.59 9.80
CA ILE A 171 16.50 -13.85 9.17
C ILE A 171 17.53 -14.29 8.14
N ASN A 172 17.95 -13.36 7.28
CA ASN A 172 18.92 -13.72 6.24
C ASN A 172 20.27 -14.11 6.86
N GLY A 173 20.67 -13.45 7.94
CA GLY A 173 21.91 -13.81 8.59
C GLY A 173 21.88 -15.18 9.23
N MET A 174 20.75 -15.52 9.86
CA MET A 174 20.62 -16.86 10.43
C MET A 174 20.66 -17.93 9.34
N MET A 175 19.98 -17.69 8.22
CA MET A 175 20.05 -18.64 7.11
C MET A 175 21.48 -18.78 6.59
N GLN A 176 22.18 -17.66 6.44
CA GLN A 176 23.56 -17.71 5.96
C GLN A 176 24.46 -18.46 6.93
N VAL A 177 24.27 -18.23 8.23
CA VAL A 177 25.08 -18.91 9.24
C VAL A 177 24.85 -20.41 9.20
N GLN A 178 23.57 -20.82 9.12
CA GLN A 178 23.30 -22.26 9.12
C GLN A 178 23.76 -22.93 7.83
N LEU A 179 23.77 -22.19 6.71
CA LEU A 179 24.34 -22.75 5.50
C LEU A 179 25.86 -22.83 5.58
N GLU A 180 26.48 -21.87 6.25
CA GLU A 180 27.94 -21.83 6.35
C GLU A 180 28.47 -22.94 7.24
N THR A 181 27.88 -23.09 8.43
CA THR A 181 28.43 -23.99 9.44
C THR A 181 27.80 -25.38 9.42
N GLU A 182 26.77 -25.60 8.60
CA GLU A 182 26.11 -26.91 8.50
C GLU A 182 25.57 -27.39 9.84
N VAL A 183 25.02 -26.47 10.62
CA VAL A 183 24.34 -26.77 11.87
C VAL A 183 22.93 -26.18 11.77
N PRO A 184 21.89 -26.98 11.98
CA PRO A 184 20.53 -26.45 11.84
C PRO A 184 20.28 -25.30 12.80
N VAL A 185 19.61 -24.26 12.31
CA VAL A 185 19.22 -23.10 13.12
C VAL A 185 17.74 -22.89 12.93
N LEU A 186 16.97 -23.03 14.01
CA LEU A 186 15.53 -22.87 13.98
C LEU A 186 15.17 -21.46 14.43
N SER A 187 14.24 -20.84 13.72
CA SER A 187 13.90 -19.44 13.91
C SER A 187 12.63 -19.32 14.72
N VAL A 188 12.71 -18.67 15.88
CA VAL A 188 11.55 -18.35 16.68
C VAL A 188 11.53 -16.83 16.86
N VAL A 189 12.09 -16.11 15.89
CA VAL A 189 11.97 -14.65 15.85
C VAL A 189 10.72 -14.31 15.04
N LEU A 190 9.79 -13.59 15.67
CA LEU A 190 8.47 -13.40 15.11
C LEU A 190 8.11 -11.92 15.09
N THR A 191 7.49 -11.48 14.00
CA THR A 191 7.09 -10.09 13.82
C THR A 191 5.58 -10.01 13.67
N PRO A 192 4.86 -9.56 14.69
CA PRO A 192 3.40 -9.48 14.59
C PRO A 192 2.96 -8.36 13.65
N HIS A 193 1.74 -8.52 13.13
CA HIS A 193 1.18 -7.50 12.25
C HIS A 193 0.93 -6.20 13.01
N HIS A 194 0.36 -6.29 14.21
CA HIS A 194 0.05 -5.12 15.02
C HIS A 194 0.32 -5.43 16.48
N PHE A 195 0.90 -4.45 17.19
CA PHE A 195 1.14 -4.59 18.62
C PHE A 195 1.24 -3.17 19.19
N HIS A 196 0.16 -2.72 19.84
CA HIS A 196 0.07 -1.35 20.33
C HIS A 196 0.13 -1.27 21.86
N GLU A 197 0.47 -2.36 22.54
CA GLU A 197 0.67 -2.39 23.99
C GLU A 197 -0.59 -1.94 24.73
N SER A 198 -1.68 -2.67 24.50
CA SER A 198 -2.96 -2.38 25.14
C SER A 198 -3.39 -3.47 26.11
N LYS A 199 -2.48 -4.35 26.50
CA LYS A 199 -2.66 -5.41 27.49
C LYS A 199 -3.53 -6.54 26.93
N GLU A 200 -4.23 -6.27 25.83
CA GLU A 200 -4.91 -7.34 25.11
C GLU A 200 -3.91 -8.10 24.24
N HIS A 201 -3.10 -7.36 23.49
CA HIS A 201 -1.97 -7.97 22.79
C HIS A 201 -1.01 -8.62 23.78
N HIS A 202 -0.78 -7.97 24.91
CA HIS A 202 0.13 -8.54 25.91
C HIS A 202 -0.40 -9.86 26.45
N ASP A 203 -1.71 -9.96 26.69
CA ASP A 203 -2.26 -11.22 27.17
C ASP A 203 -2.25 -12.28 26.07
N PHE A 204 -2.50 -11.88 24.81
CA PHE A 204 -2.58 -12.83 23.72
C PHE A 204 -1.22 -13.45 23.40
N PHE A 205 -0.18 -12.61 23.32
CA PHE A 205 1.10 -13.09 22.82
C PHE A 205 1.83 -13.95 23.85
N HIS A 206 1.53 -13.82 25.14
CA HIS A 206 2.05 -14.75 26.12
C HIS A 206 1.69 -16.18 25.77
N ALA A 207 0.39 -16.44 25.57
CA ALA A 207 -0.06 -17.79 25.25
C ALA A 207 0.42 -18.21 23.86
N HIS A 208 0.44 -17.27 22.90
CA HIS A 208 0.87 -17.66 21.56
C HIS A 208 2.34 -18.09 21.56
N PHE A 209 3.20 -17.38 22.27
CA PHE A 209 4.59 -17.81 22.39
C PHE A 209 4.71 -19.11 23.19
N LYS A 210 3.82 -19.31 24.17
CA LYS A 210 3.78 -20.58 24.86
C LYS A 210 3.57 -21.73 23.90
N VAL A 211 2.69 -21.53 22.91
CA VAL A 211 2.47 -22.56 21.88
C VAL A 211 3.69 -22.69 20.97
N LYS A 212 4.25 -21.55 20.54
CA LYS A 212 5.37 -21.57 19.61
C LYS A 212 6.58 -22.29 20.18
N GLY A 213 6.78 -22.22 21.50
CA GLY A 213 7.90 -22.93 22.10
C GLY A 213 7.81 -24.43 21.91
N VAL A 214 6.62 -24.99 22.15
CA VAL A 214 6.41 -26.42 21.95
C VAL A 214 6.58 -26.79 20.48
N GLU A 215 6.05 -25.94 19.59
CA GLU A 215 6.20 -26.20 18.16
C GLU A 215 7.68 -26.26 17.77
N ALA A 216 8.47 -25.31 18.26
CA ALA A 216 9.89 -25.27 17.93
C ALA A 216 10.62 -26.46 18.53
N ALA A 217 10.24 -26.90 19.72
CA ALA A 217 10.86 -28.08 20.30
C ALA A 217 10.64 -29.32 19.43
N HIS A 218 9.39 -29.52 18.99
CA HIS A 218 9.09 -30.66 18.14
C HIS A 218 9.86 -30.57 16.82
N ALA A 219 9.92 -29.37 16.23
CA ALA A 219 10.63 -29.22 14.97
C ALA A 219 12.12 -29.51 15.14
N ALA A 220 12.73 -29.04 16.22
CA ALA A 220 14.14 -29.29 16.44
C ALA A 220 14.43 -30.77 16.61
N LEU A 221 13.61 -31.46 17.41
CA LEU A 221 13.82 -32.90 17.58
C LEU A 221 13.71 -33.63 16.25
N GLN A 222 12.68 -33.30 15.46
CA GLN A 222 12.48 -33.99 14.19
C GLN A 222 13.63 -33.73 13.22
N ILE A 223 14.09 -32.48 13.14
CA ILE A 223 15.15 -32.17 12.17
C ILE A 223 16.46 -32.81 12.58
N VAL A 224 16.77 -32.84 13.87
CA VAL A 224 18.00 -33.50 14.30
C VAL A 224 17.95 -34.99 14.00
N SER A 225 16.81 -35.63 14.30
CA SER A 225 16.69 -37.06 14.01
C SER A 225 16.83 -37.34 12.53
N GLU A 226 16.16 -36.55 11.68
CA GLU A 226 16.24 -36.78 10.24
C GLU A 226 17.65 -36.57 9.71
N ARG A 227 18.32 -35.50 10.15
CA ARG A 227 19.67 -35.25 9.68
C ARG A 227 20.62 -36.35 10.11
N SER A 228 20.46 -36.87 11.32
CA SER A 228 21.29 -38.00 11.74
C SER A 228 20.95 -39.25 10.94
N ARG A 229 19.70 -39.38 10.49
CA ARG A 229 19.31 -40.56 9.71
C ARG A 229 19.93 -40.54 8.32
N ILE A 230 19.83 -39.41 7.60
CA ILE A 230 20.30 -39.38 6.21
C ILE A 230 21.81 -39.41 6.08
N ALA A 231 22.55 -39.26 7.17
CA ALA A 231 24.01 -39.24 7.13
C ALA A 231 24.61 -40.63 7.24
N ALA A 232 23.79 -41.68 7.31
CA ALA A 232 24.30 -43.04 7.39
C ALA A 232 24.16 -43.75 6.05
N MET B 1 62.08 -18.65 26.14
CA MET B 1 62.22 -18.41 24.71
C MET B 1 63.57 -17.76 24.40
N HIS B 2 64.04 -17.94 23.17
CA HIS B 2 65.29 -17.34 22.73
C HIS B 2 65.11 -15.83 22.57
N ALA B 3 66.23 -15.12 22.56
CA ALA B 3 66.23 -13.67 22.43
C ALA B 3 65.54 -13.25 21.14
N ASP B 4 64.44 -12.52 21.27
CA ASP B 4 63.63 -12.09 20.13
C ASP B 4 64.26 -10.84 19.54
N CYS B 5 65.07 -11.02 18.50
CA CYS B 5 65.69 -9.87 17.84
C CYS B 5 64.64 -8.97 17.18
N ALA B 6 63.66 -9.59 16.50
CA ALA B 6 62.61 -8.84 15.84
C ALA B 6 61.43 -9.75 15.59
N LYS B 7 60.22 -9.23 15.83
CA LYS B 7 58.99 -9.97 15.59
C LYS B 7 58.07 -9.14 14.72
N GLY B 8 57.56 -9.74 13.66
CA GLY B 8 56.66 -9.05 12.76
C GLY B 8 56.59 -9.75 11.42
N LYS B 9 55.79 -9.17 10.53
CA LYS B 9 55.63 -9.70 9.19
C LYS B 9 56.89 -9.48 8.37
N ILE B 10 57.14 -10.37 7.42
CA ILE B 10 58.30 -10.26 6.55
C ILE B 10 58.05 -9.13 5.57
N GLU B 11 58.75 -8.01 5.75
CA GLU B 11 58.57 -6.86 4.85
C GLU B 11 58.98 -7.21 3.42
N PHE B 12 60.11 -7.89 3.26
CA PHE B 12 60.53 -8.35 1.95
C PHE B 12 61.52 -9.50 2.13
N SER B 13 61.45 -10.47 1.23
CA SER B 13 62.33 -11.63 1.23
C SER B 13 63.21 -11.55 -0.01
N LYS B 14 64.53 -11.63 0.19
CA LYS B 14 65.51 -11.49 -0.88
C LYS B 14 66.47 -12.66 -0.83
N TYR B 15 66.45 -13.50 -1.85
CA TYR B 15 67.36 -14.64 -1.96
C TYR B 15 68.59 -14.18 -2.73
N ASN B 16 69.68 -13.93 -2.00
CA ASN B 16 70.90 -13.45 -2.62
C ASN B 16 71.61 -14.59 -3.36
N GLU B 17 72.62 -14.22 -4.15
CA GLU B 17 73.35 -15.18 -4.96
C GLU B 17 74.26 -16.09 -4.14
N ASP B 18 74.49 -15.79 -2.87
CA ASP B 18 75.33 -16.60 -2.01
C ASP B 18 74.55 -17.63 -1.20
N ASP B 19 73.42 -18.10 -1.74
CA ASP B 19 72.58 -19.11 -1.08
C ASP B 19 72.11 -18.63 0.29
N THR B 20 71.76 -17.34 0.38
CA THR B 20 71.25 -16.75 1.60
C THR B 20 69.88 -16.14 1.33
N PHE B 21 68.94 -16.40 2.24
CA PHE B 21 67.57 -15.92 2.14
C PHE B 21 67.40 -14.76 3.12
N THR B 22 67.53 -13.54 2.62
CA THR B 22 67.44 -12.35 3.45
C THR B 22 65.97 -11.96 3.60
N VAL B 23 65.50 -11.87 4.85
CA VAL B 23 64.13 -11.51 5.16
C VAL B 23 64.15 -10.35 6.15
N LYS B 24 63.32 -9.35 5.90
CA LYS B 24 63.22 -8.17 6.76
C LYS B 24 62.03 -8.34 7.69
N VAL B 25 62.29 -8.39 8.99
CA VAL B 25 61.26 -8.55 10.01
C VAL B 25 61.35 -7.39 10.97
N ASP B 26 60.21 -6.72 11.19
CA ASP B 26 60.11 -5.59 12.12
C ASP B 26 61.14 -4.51 11.81
N GLY B 27 61.35 -4.24 10.52
CA GLY B 27 62.27 -3.22 10.08
C GLY B 27 63.73 -3.60 10.11
N LYS B 28 64.06 -4.84 10.44
CA LYS B 28 65.44 -5.31 10.49
C LYS B 28 65.61 -6.48 9.53
N GLU B 29 66.67 -6.44 8.73
CA GLU B 29 66.92 -7.47 7.73
C GLU B 29 67.75 -8.60 8.33
N TYR B 30 67.28 -9.83 8.12
CA TYR B 30 67.97 -11.03 8.59
C TYR B 30 68.04 -12.03 7.45
N TRP B 31 69.13 -12.80 7.41
CA TRP B 31 69.37 -13.76 6.35
C TRP B 31 69.70 -15.13 6.93
N THR B 32 69.34 -16.18 6.19
CA THR B 32 69.60 -17.55 6.59
C THR B 32 70.37 -18.26 5.48
N SER B 33 71.37 -19.05 5.88
CA SER B 33 72.09 -19.92 4.96
C SER B 33 71.52 -21.33 4.92
N ARG B 34 70.48 -21.60 5.70
CA ARG B 34 69.88 -22.93 5.73
C ARG B 34 69.09 -23.19 4.46
N TRP B 35 69.29 -24.35 3.86
CA TRP B 35 68.54 -24.71 2.66
C TRP B 35 67.08 -25.02 2.99
N ASN B 36 66.83 -25.64 4.15
CA ASN B 36 65.46 -25.98 4.52
C ASN B 36 64.65 -24.77 4.92
N LEU B 37 65.30 -23.71 5.41
CA LEU B 37 64.57 -22.54 5.88
C LEU B 37 64.00 -21.72 4.73
N GLN B 38 64.62 -21.80 3.54
CA GLN B 38 64.15 -20.99 2.42
C GLN B 38 62.72 -21.32 1.99
N PRO B 39 62.35 -22.58 1.73
CA PRO B 39 60.93 -22.85 1.43
C PRO B 39 60.00 -22.50 2.58
N LEU B 40 60.45 -22.72 3.82
CA LEU B 40 59.64 -22.34 4.97
C LEU B 40 59.43 -20.84 5.03
N LEU B 41 60.50 -20.07 4.78
CA LEU B 41 60.37 -18.62 4.77
C LEU B 41 59.47 -18.14 3.65
N GLN B 42 59.58 -18.76 2.47
CA GLN B 42 58.69 -18.39 1.36
C GLN B 42 57.24 -18.68 1.68
N SER B 43 56.97 -19.85 2.28
CA SER B 43 55.61 -20.18 2.67
C SER B 43 55.09 -19.21 3.73
N ALA B 44 55.94 -18.85 4.70
CA ALA B 44 55.55 -17.90 5.72
C ALA B 44 55.21 -16.55 5.11
N GLN B 45 56.00 -16.10 4.13
CA GLN B 45 55.73 -14.82 3.48
C GLN B 45 54.43 -14.86 2.69
N LEU B 46 54.21 -15.95 1.93
CA LEU B 46 53.01 -16.01 1.09
C LEU B 46 51.76 -16.28 1.88
N THR B 47 51.87 -16.81 3.10
CA THR B 47 50.71 -17.09 3.93
C THR B 47 50.29 -15.89 4.78
N GLY B 48 50.98 -14.76 4.67
CA GLY B 48 50.64 -13.59 5.46
C GLY B 48 50.82 -13.78 6.95
N MET B 49 51.94 -14.38 7.36
CA MET B 49 52.21 -14.69 8.76
C MET B 49 53.41 -13.90 9.25
N THR B 50 53.46 -13.73 10.58
CA THR B 50 54.54 -13.01 11.24
C THR B 50 55.46 -13.99 11.93
N VAL B 51 56.75 -13.90 11.65
CA VAL B 51 57.75 -14.77 12.25
C VAL B 51 58.53 -13.97 13.29
N THR B 52 59.13 -14.70 14.24
CA THR B 52 59.91 -14.11 15.32
C THR B 52 61.37 -14.49 15.11
N ILE B 53 62.22 -13.49 14.93
CA ILE B 53 63.64 -13.74 14.68
C ILE B 53 64.33 -14.01 16.01
N LYS B 54 64.99 -15.15 16.12
CA LYS B 54 65.70 -15.55 17.33
C LYS B 54 67.15 -15.86 16.97
N SER B 55 68.07 -15.10 17.55
CA SER B 55 69.49 -15.30 17.28
C SER B 55 70.30 -14.66 18.40
N SER B 56 71.58 -15.06 18.48
CA SER B 56 72.48 -14.45 19.44
C SER B 56 72.83 -13.02 19.04
N THR B 57 72.91 -12.74 17.74
CA THR B 57 73.21 -11.42 17.22
C THR B 57 71.95 -10.81 16.64
N CYS B 58 71.55 -9.66 17.17
CA CYS B 58 70.34 -8.97 16.76
C CYS B 58 70.61 -7.78 15.83
N GLU B 59 71.86 -7.60 15.41
CA GLU B 59 72.18 -6.47 14.55
C GLU B 59 71.67 -6.70 13.13
N SER B 60 71.63 -5.61 12.36
CA SER B 60 71.17 -5.69 10.98
C SER B 60 72.15 -6.51 10.14
N GLY B 61 71.59 -7.34 9.25
CA GLY B 61 72.42 -8.17 8.39
C GLY B 61 73.09 -9.33 9.10
N SER B 62 72.59 -9.74 10.25
CA SER B 62 73.15 -10.85 11.00
C SER B 62 72.37 -12.13 10.70
N GLY B 63 73.10 -13.21 10.48
CA GLY B 63 72.45 -14.48 10.18
C GLY B 63 71.78 -15.08 11.40
N PHE B 64 70.75 -15.88 11.14
CA PHE B 64 70.03 -16.56 12.21
C PHE B 64 69.55 -17.91 11.71
N ALA B 65 69.31 -18.82 12.66
CA ALA B 65 68.80 -20.14 12.33
C ALA B 65 67.68 -20.59 13.25
N GLU B 66 67.21 -19.74 14.17
CA GLU B 66 66.15 -20.09 15.09
C GLU B 66 64.95 -19.19 14.84
N VAL B 67 63.77 -19.81 14.69
CA VAL B 67 62.54 -19.08 14.42
C VAL B 67 61.38 -19.86 15.02
N GLN B 68 60.35 -19.13 15.44
CA GLN B 68 59.20 -19.72 16.12
C GLN B 68 57.92 -19.23 15.47
N PHE B 69 57.02 -20.16 15.16
CA PHE B 69 55.71 -19.86 14.58
C PHE B 69 54.65 -20.27 15.60
N ASN B 70 54.02 -19.29 16.24
CA ASN B 70 53.01 -19.59 17.25
C ASN B 70 51.80 -20.29 16.63
N ASN B 71 51.04 -19.58 15.79
CA ASN B 71 49.92 -20.20 15.08
C ASN B 71 49.72 -19.41 13.78
N ASP B 72 50.38 -19.88 12.71
CA ASP B 72 50.31 -19.22 11.40
C ASP B 72 50.57 -17.72 11.49
N GLY B 73 51.45 -17.33 12.41
CA GLY B 73 51.78 -15.93 12.59
C GLY B 73 50.60 -15.12 13.10
N SER B 74 50.72 -13.80 12.93
CA SER B 74 49.66 -12.87 13.26
C SER B 74 49.04 -12.24 12.01
N GLY B 75 49.86 -11.59 11.19
CA GLY B 75 49.36 -11.00 9.96
C GLY B 75 48.26 -9.99 10.23
N SER B 76 47.14 -10.15 9.52
CA SER B 76 45.96 -9.33 9.75
C SER B 76 45.14 -9.81 10.95
N GLY B 77 45.51 -10.94 11.55
CA GLY B 77 44.77 -11.48 12.68
C GLY B 77 45.03 -10.74 13.97
N SER B 78 44.99 -11.47 15.09
CA SER B 78 45.17 -10.94 16.44
C SER B 78 44.10 -9.91 16.80
N GLY B 79 42.98 -9.88 16.08
CA GLY B 79 41.89 -8.97 16.32
C GLY B 79 40.76 -9.62 17.09
N SER B 80 39.53 -9.19 16.81
CA SER B 80 38.32 -9.70 17.42
C SER B 80 38.29 -9.49 18.93
N GLY B 81 39.07 -8.53 19.43
CA GLY B 81 39.10 -8.25 20.86
C GLY B 81 40.45 -7.76 21.33
N SER B 82 40.47 -7.02 22.43
CA SER B 82 41.72 -6.50 22.99
C SER B 82 42.04 -7.11 24.35
N LEU B 83 41.13 -6.99 25.32
CA LEU B 83 41.31 -7.52 26.66
C LEU B 83 40.02 -7.30 27.42
N LYS B 84 39.76 -8.16 28.41
CA LYS B 84 38.58 -8.01 29.24
C LYS B 84 38.77 -6.87 30.24
N THR B 85 37.69 -6.12 30.47
CA THR B 85 37.64 -5.01 31.43
C THR B 85 38.47 -3.83 30.98
N SER B 86 39.18 -3.97 29.85
CA SER B 86 39.95 -2.86 29.28
C SER B 86 40.05 -3.11 27.77
N PHE B 87 39.19 -2.42 27.03
CA PHE B 87 39.15 -2.57 25.58
C PHE B 87 38.76 -1.22 24.97
N LYS B 88 38.59 -1.20 23.65
CA LYS B 88 38.28 0.01 22.92
C LYS B 88 37.05 -0.22 22.05
N ILE B 89 36.35 0.86 21.75
CA ILE B 89 35.15 0.83 20.91
C ILE B 89 35.27 1.91 19.85
N ALA B 90 34.95 1.57 18.61
CA ALA B 90 34.98 2.51 17.50
C ALA B 90 33.58 3.02 17.23
N PHE B 91 33.41 4.33 17.22
CA PHE B 91 32.12 4.97 16.98
C PHE B 91 32.17 5.67 15.62
N ILE B 92 31.59 5.03 14.62
CA ILE B 92 31.53 5.59 13.27
C ILE B 92 30.21 6.36 13.13
N GLN B 93 30.31 7.66 12.86
CA GLN B 93 29.14 8.52 12.78
C GLN B 93 29.12 9.22 11.42
N ALA B 94 27.92 9.31 10.85
CA ALA B 94 27.72 10.01 9.59
C ALA B 94 27.54 11.50 9.83
N ARG B 95 27.93 12.30 8.85
CA ARG B 95 27.85 13.75 8.95
C ARG B 95 26.61 14.33 8.28
N TRP B 96 25.67 13.49 7.90
CA TRP B 96 24.38 13.92 7.39
C TRP B 96 23.42 13.99 8.58
N HIS B 97 22.81 15.16 8.80
CA HIS B 97 22.03 15.43 10.01
C HIS B 97 22.88 15.25 11.26
N ALA B 98 23.93 16.07 11.35
CA ALA B 98 24.92 15.91 12.43
C ALA B 98 24.34 16.29 13.79
N ASP B 99 23.34 17.16 13.82
CA ASP B 99 22.83 17.67 15.09
C ASP B 99 22.13 16.61 15.93
N ILE B 100 21.83 15.44 15.37
CA ILE B 100 21.13 14.38 16.08
C ILE B 100 22.07 13.21 16.38
N VAL B 101 22.89 12.82 15.41
CA VAL B 101 23.94 11.85 15.66
C VAL B 101 24.89 12.37 16.73
N ASP B 102 25.07 13.68 16.81
CA ASP B 102 25.88 14.26 17.87
C ASP B 102 25.29 13.97 19.24
N GLU B 103 23.96 14.13 19.37
CA GLU B 103 23.32 13.82 20.64
C GLU B 103 23.47 12.35 21.00
N ALA B 104 23.27 11.47 20.01
CA ALA B 104 23.43 10.04 20.28
C ALA B 104 24.85 9.73 20.74
N ARG B 105 25.86 10.30 20.07
CA ARG B 105 27.24 10.04 20.42
C ARG B 105 27.57 10.56 21.81
N LYS B 106 27.09 11.77 22.14
CA LYS B 106 27.36 12.32 23.46
C LYS B 106 26.74 11.48 24.55
N SER B 107 25.50 11.01 24.34
CA SER B 107 24.88 10.13 25.33
C SER B 107 25.66 8.83 25.49
N PHE B 108 26.08 8.24 24.37
CA PHE B 108 26.87 7.00 24.42
C PHE B 108 28.14 7.20 25.25
N VAL B 109 28.91 8.24 24.93
CA VAL B 109 30.17 8.46 25.62
C VAL B 109 29.93 8.74 27.10
N ALA B 110 28.93 9.57 27.41
CA ALA B 110 28.66 9.92 28.81
C ALA B 110 28.28 8.69 29.62
N GLU B 111 27.40 7.84 29.09
CA GLU B 111 27.01 6.64 29.82
C GLU B 111 28.19 5.68 30.00
N LEU B 112 28.95 5.50 28.93
CA LEU B 112 30.15 4.63 29.02
C LEU B 112 31.03 5.13 30.17
N ALA B 113 31.35 6.42 30.15
CA ALA B 113 32.22 6.97 31.19
C ALA B 113 31.58 6.86 32.56
N ALA B 114 30.24 6.88 32.63
CA ALA B 114 29.57 6.80 33.91
C ALA B 114 29.72 5.42 34.54
N LYS B 115 29.49 4.36 33.76
CA LYS B 115 29.62 3.03 34.34
C LYS B 115 31.08 2.59 34.46
N THR B 116 31.78 2.50 33.33
CA THR B 116 33.14 1.95 33.35
C THR B 116 34.10 2.86 34.09
N GLY B 117 33.98 4.17 33.91
CA GLY B 117 34.87 5.10 34.56
C GLY B 117 36.31 5.05 34.10
N GLY B 118 36.53 4.97 32.79
CA GLY B 118 37.86 4.94 32.23
C GLY B 118 38.37 3.57 31.81
N SER B 119 37.59 2.52 32.04
CA SER B 119 38.01 1.20 31.60
C SER B 119 37.85 1.03 30.10
N VAL B 120 36.82 1.66 29.52
CA VAL B 120 36.54 1.58 28.09
C VAL B 120 36.80 2.94 27.48
N GLU B 121 37.56 2.97 26.38
CA GLU B 121 37.85 4.19 25.65
C GLU B 121 37.19 4.13 24.28
N VAL B 122 36.59 5.25 23.87
CA VAL B 122 35.83 5.33 22.63
C VAL B 122 36.60 6.22 21.67
N GLU B 123 36.92 5.69 20.50
CA GLU B 123 37.53 6.45 19.42
C GLU B 123 36.45 6.83 18.41
N ILE B 124 36.58 8.02 17.83
CA ILE B 124 35.51 8.65 17.07
C ILE B 124 35.95 8.82 15.63
N PHE B 125 35.16 8.31 14.69
CA PHE B 125 35.49 8.32 13.28
C PHE B 125 34.36 8.97 12.49
N ASP B 126 34.70 9.93 11.64
CA ASP B 126 33.73 10.64 10.84
C ASP B 126 33.62 10.03 9.45
N VAL B 127 32.45 10.16 8.85
CA VAL B 127 32.14 9.51 7.58
C VAL B 127 31.09 10.33 6.83
N PRO B 128 31.20 10.48 5.51
CA PRO B 128 30.29 11.38 4.80
C PRO B 128 28.81 11.02 4.90
N GLY B 129 28.48 9.73 4.90
CA GLY B 129 27.09 9.33 4.90
C GLY B 129 26.94 7.88 5.28
N ALA B 130 25.69 7.44 5.36
CA ALA B 130 25.42 6.07 5.82
C ALA B 130 26.02 5.03 4.89
N TYR B 131 26.15 5.35 3.60
CA TYR B 131 26.66 4.38 2.65
C TYR B 131 28.14 4.07 2.84
N GLU B 132 28.88 4.92 3.53
CA GLU B 132 30.32 4.75 3.70
C GLU B 132 30.67 4.01 4.99
N ILE B 133 29.68 3.53 5.73
CA ILE B 133 29.90 2.93 7.05
C ILE B 133 30.43 1.50 6.96
N PRO B 134 29.83 0.59 6.16
CA PRO B 134 30.29 -0.80 6.20
C PRO B 134 31.77 -0.99 5.88
N LEU B 135 32.31 -0.25 4.90
CA LEU B 135 33.72 -0.43 4.56
C LEU B 135 34.63 0.07 5.68
N HIS B 136 34.28 1.21 6.27
CA HIS B 136 35.04 1.71 7.42
C HIS B 136 35.01 0.72 8.57
N ALA B 137 33.84 0.13 8.82
CA ALA B 137 33.72 -0.86 9.87
C ALA B 137 34.57 -2.08 9.59
N LYS B 138 34.58 -2.54 8.33
CA LYS B 138 35.41 -3.69 7.97
C LYS B 138 36.89 -3.39 8.18
N THR B 139 37.34 -2.20 7.76
CA THR B 139 38.74 -1.84 7.95
C THR B 139 39.10 -1.80 9.43
N LEU B 140 38.27 -1.14 10.24
CA LEU B 140 38.56 -1.02 11.66
C LEU B 140 38.46 -2.35 12.39
N ALA B 141 37.64 -3.27 11.89
CA ALA B 141 37.57 -4.60 12.49
C ALA B 141 38.77 -5.44 12.13
N ARG B 142 39.21 -5.38 10.86
CA ARG B 142 40.37 -6.17 10.45
C ARG B 142 41.65 -5.64 11.06
N THR B 143 41.71 -4.35 11.40
CA THR B 143 42.91 -3.82 12.01
C THR B 143 43.10 -4.30 13.44
N GLY B 144 42.11 -4.96 14.03
CA GLY B 144 42.17 -5.35 15.42
C GLY B 144 41.91 -4.18 16.34
N ARG B 145 42.39 -4.31 17.57
CA ARG B 145 42.39 -3.29 18.61
C ARG B 145 40.99 -2.95 19.14
N TYR B 146 39.93 -3.55 18.59
CA TYR B 146 38.57 -3.17 18.93
C TYR B 146 37.76 -4.40 19.28
N ALA B 147 37.03 -4.33 20.39
CA ALA B 147 36.13 -5.40 20.78
C ALA B 147 34.73 -5.23 20.25
N ALA B 148 34.37 -4.02 19.81
CA ALA B 148 33.05 -3.77 19.25
C ALA B 148 33.12 -2.53 18.38
N ILE B 149 32.14 -2.40 17.48
CA ILE B 149 32.06 -1.28 16.55
C ILE B 149 30.62 -0.78 16.56
N VAL B 150 30.44 0.54 16.64
CA VAL B 150 29.12 1.16 16.67
C VAL B 150 29.02 2.11 15.49
N GLY B 151 27.94 1.99 14.73
CA GLY B 151 27.71 2.87 13.59
C GLY B 151 26.39 3.62 13.68
N ALA B 152 26.45 4.94 13.64
CA ALA B 152 25.29 5.80 13.85
C ALA B 152 25.03 6.67 12.63
N ALA B 153 23.77 6.72 12.20
CA ALA B 153 23.35 7.58 11.11
C ALA B 153 21.85 7.80 11.21
N PHE B 154 21.36 8.78 10.45
CA PHE B 154 19.95 9.14 10.43
C PHE B 154 19.50 9.17 8.97
N VAL B 155 18.83 8.12 8.52
CA VAL B 155 18.42 8.00 7.12
C VAL B 155 17.02 8.57 6.98
N ILE B 156 16.88 9.55 6.08
CA ILE B 156 15.68 10.37 6.00
C ILE B 156 15.11 10.28 4.60
N ASP B 157 13.80 10.08 4.50
CA ASP B 157 13.09 10.19 3.23
C ASP B 157 12.87 11.66 2.92
N GLY B 158 13.59 12.18 1.94
CA GLY B 158 13.54 13.60 1.64
C GLY B 158 12.36 14.06 0.81
N GLY B 159 11.53 13.14 0.33
CA GLY B 159 10.38 13.50 -0.47
C GLY B 159 10.64 13.58 -1.96
N ILE B 160 11.87 13.42 -2.41
CA ILE B 160 12.21 13.46 -3.83
C ILE B 160 12.64 12.08 -4.33
N TYR B 161 13.66 11.49 -3.71
CA TYR B 161 14.15 10.18 -4.09
C TYR B 161 13.77 9.15 -3.03
N ARG B 162 13.78 7.89 -3.44
CA ARG B 162 13.51 6.79 -2.53
C ARG B 162 14.76 6.48 -1.71
N HIS B 163 14.56 6.19 -0.42
CA HIS B 163 15.65 6.04 0.52
C HIS B 163 15.82 4.63 1.06
N ASP B 164 14.88 3.72 0.79
CA ASP B 164 14.94 2.41 1.43
C ASP B 164 16.04 1.53 0.86
N PHE B 165 16.46 1.77 -0.39
CA PHE B 165 17.53 0.98 -0.98
C PHE B 165 18.83 1.15 -0.20
N VAL B 166 19.19 2.39 0.10
CA VAL B 166 20.44 2.65 0.81
C VAL B 166 20.39 2.10 2.22
N ALA B 167 19.24 2.26 2.90
CA ALA B 167 19.11 1.74 4.25
C ALA B 167 19.24 0.23 4.28
N THR B 168 18.56 -0.47 3.36
CA THR B 168 18.68 -1.92 3.29
C THR B 168 20.11 -2.34 3.01
N ALA B 169 20.77 -1.66 2.06
CA ALA B 169 22.15 -2.00 1.74
C ALA B 169 23.06 -1.80 2.95
N VAL B 170 22.85 -0.73 3.70
CA VAL B 170 23.71 -0.44 4.85
C VAL B 170 23.53 -1.49 5.94
N ILE B 171 22.28 -1.82 6.26
CA ILE B 171 22.04 -2.82 7.31
C ILE B 171 22.62 -4.17 6.91
N ASN B 172 22.35 -4.60 5.68
CA ASN B 172 22.85 -5.89 5.24
C ASN B 172 24.37 -5.92 5.18
N GLY B 173 24.99 -4.82 4.74
CA GLY B 173 26.44 -4.76 4.69
C GLY B 173 27.07 -4.78 6.06
N MET B 174 26.46 -4.08 7.02
CA MET B 174 26.97 -4.12 8.39
C MET B 174 26.90 -5.52 8.97
N MET B 175 25.78 -6.22 8.74
CA MET B 175 25.68 -7.59 9.22
C MET B 175 26.70 -8.49 8.53
N GLN B 176 26.90 -8.32 7.22
CA GLN B 176 27.88 -9.13 6.51
C GLN B 176 29.29 -8.89 7.03
N VAL B 177 29.64 -7.63 7.29
CA VAL B 177 30.96 -7.32 7.82
C VAL B 177 31.13 -7.93 9.20
N GLN B 178 30.10 -7.82 10.05
CA GLN B 178 30.18 -8.39 11.39
C GLN B 178 30.34 -9.90 11.36
N LEU B 179 29.64 -10.59 10.45
CA LEU B 179 29.83 -12.03 10.33
C LEU B 179 31.18 -12.39 9.72
N GLU B 180 31.71 -11.54 8.84
CA GLU B 180 32.99 -11.83 8.19
C GLU B 180 34.15 -11.71 9.15
N THR B 181 34.20 -10.62 9.91
CA THR B 181 35.36 -10.32 10.76
C THR B 181 35.22 -10.81 12.18
N GLU B 182 34.05 -11.33 12.56
CA GLU B 182 33.81 -11.85 13.91
C GLU B 182 34.05 -10.78 14.97
N VAL B 183 33.63 -9.56 14.69
CA VAL B 183 33.67 -8.46 15.64
C VAL B 183 32.26 -7.89 15.74
N PRO B 184 31.66 -7.80 16.92
CA PRO B 184 30.29 -7.30 17.03
C PRO B 184 30.15 -5.90 16.47
N VAL B 185 29.08 -5.67 15.73
CA VAL B 185 28.77 -4.36 15.15
C VAL B 185 27.35 -4.01 15.55
N LEU B 186 27.19 -2.96 16.34
CA LEU B 186 25.89 -2.53 16.82
C LEU B 186 25.36 -1.41 15.95
N SER B 187 24.08 -1.50 15.59
CA SER B 187 23.47 -0.61 14.61
C SER B 187 22.67 0.48 15.33
N VAL B 188 23.05 1.74 15.09
CA VAL B 188 22.26 2.87 15.56
C VAL B 188 21.88 3.71 14.34
N VAL B 189 21.75 3.06 13.19
CA VAL B 189 21.21 3.71 12.00
C VAL B 189 19.70 3.53 12.02
N LEU B 190 18.97 4.64 12.03
CA LEU B 190 17.53 4.62 12.28
C LEU B 190 16.80 5.37 11.17
N THR B 191 15.67 4.80 10.74
CA THR B 191 14.86 5.37 9.68
C THR B 191 13.47 5.69 10.21
N PRO B 192 13.13 6.95 10.45
CA PRO B 192 11.82 7.28 10.98
C PRO B 192 10.73 7.10 9.94
N HIS B 193 9.50 6.91 10.44
CA HIS B 193 8.35 6.79 9.55
C HIS B 193 8.09 8.10 8.81
N HIS B 194 8.17 9.23 9.51
CA HIS B 194 7.88 10.53 8.93
C HIS B 194 8.83 11.57 9.51
N PHE B 195 9.33 12.46 8.65
CA PHE B 195 10.18 13.55 9.10
C PHE B 195 10.10 14.66 8.05
N HIS B 196 9.33 15.70 8.36
CA HIS B 196 9.07 16.79 7.41
C HIS B 196 9.73 18.10 7.81
N GLU B 197 10.62 18.08 8.81
CA GLU B 197 11.40 19.26 9.21
C GLU B 197 10.48 20.43 9.58
N SER B 198 9.68 20.22 10.62
CA SER B 198 8.76 21.25 11.10
C SER B 198 9.09 21.67 12.54
N LYS B 199 10.29 21.32 13.01
CA LYS B 199 10.90 21.66 14.30
C LYS B 199 10.22 20.90 15.44
N GLU B 200 9.07 20.29 15.18
CA GLU B 200 8.50 19.35 16.14
C GLU B 200 9.22 18.02 16.07
N HIS B 201 9.39 17.51 14.84
CA HIS B 201 10.24 16.35 14.64
C HIS B 201 11.67 16.65 15.05
N HIS B 202 12.16 17.85 14.76
CA HIS B 202 13.53 18.21 15.12
C HIS B 202 13.71 18.21 16.63
N ASP B 203 12.72 18.72 17.37
CA ASP B 203 12.83 18.70 18.83
C ASP B 203 12.65 17.31 19.40
N PHE B 204 11.82 16.48 18.78
CA PHE B 204 11.55 15.14 19.31
C PHE B 204 12.75 14.21 19.11
N PHE B 205 13.35 14.23 17.92
CA PHE B 205 14.38 13.26 17.61
C PHE B 205 15.68 13.54 18.34
N HIS B 206 15.93 14.78 18.76
CA HIS B 206 17.08 15.06 19.63
C HIS B 206 17.02 14.21 20.89
N ALA B 207 15.91 14.27 21.61
CA ALA B 207 15.77 13.50 22.84
C ALA B 207 15.72 12.01 22.55
N HIS B 208 15.07 11.62 21.46
CA HIS B 208 14.99 10.18 21.20
C HIS B 208 16.35 9.59 20.89
N PHE B 209 17.20 10.30 20.14
CA PHE B 209 18.56 9.83 19.92
C PHE B 209 19.37 9.89 21.20
N LYS B 210 19.09 10.86 22.07
CA LYS B 210 19.72 10.88 23.39
C LYS B 210 19.46 9.59 24.15
N VAL B 211 18.23 9.08 24.05
CA VAL B 211 17.90 7.81 24.70
C VAL B 211 18.59 6.64 24.00
N LYS B 212 18.56 6.65 22.65
CA LYS B 212 19.14 5.55 21.89
C LYS B 212 20.64 5.40 22.15
N GLY B 213 21.33 6.50 22.40
CA GLY B 213 22.76 6.39 22.71
C GLY B 213 23.03 5.60 23.97
N VAL B 214 22.28 5.88 25.03
CA VAL B 214 22.44 5.14 26.28
C VAL B 214 22.08 3.68 26.06
N GLU B 215 21.01 3.41 25.32
CA GLU B 215 20.63 2.03 25.05
C GLU B 215 21.74 1.28 24.33
N ALA B 216 22.35 1.92 23.33
CA ALA B 216 23.43 1.30 22.57
C ALA B 216 24.65 1.06 23.45
N ALA B 217 24.96 2.00 24.35
CA ALA B 217 26.09 1.80 25.26
C ALA B 217 25.88 0.57 26.14
N HIS B 218 24.67 0.44 26.70
CA HIS B 218 24.38 -0.72 27.54
C HIS B 218 24.49 -2.01 26.73
N ALA B 219 23.94 -2.02 25.52
CA ALA B 219 23.99 -3.22 24.68
C ALA B 219 25.42 -3.60 24.34
N ALA B 220 26.25 -2.60 24.02
CA ALA B 220 27.64 -2.89 23.68
C ALA B 220 28.38 -3.49 24.86
N LEU B 221 28.22 -2.91 26.05
CA LEU B 221 28.87 -3.47 27.23
C LEU B 221 28.44 -4.92 27.46
N GLN B 222 27.14 -5.17 27.41
CA GLN B 222 26.64 -6.51 27.70
C GLN B 222 27.14 -7.52 26.67
N ILE B 223 27.12 -7.15 25.38
CA ILE B 223 27.51 -8.11 24.35
C ILE B 223 28.99 -8.41 24.42
N VAL B 224 29.82 -7.40 24.70
CA VAL B 224 31.26 -7.66 24.84
C VAL B 224 31.52 -8.59 26.02
N SER B 225 30.86 -8.33 27.15
CA SER B 225 31.06 -9.19 28.31
C SER B 225 30.63 -10.63 28.03
N GLU B 226 29.48 -10.80 27.37
CA GLU B 226 28.99 -12.15 27.08
C GLU B 226 29.91 -12.88 26.11
N ARG B 227 30.35 -12.20 25.05
CA ARG B 227 31.25 -12.85 24.09
C ARG B 227 32.56 -13.23 24.75
N SER B 228 33.08 -12.39 25.64
CA SER B 228 34.27 -12.78 26.39
C SER B 228 34.00 -13.96 27.31
N ARG B 229 32.78 -14.06 27.84
CA ARG B 229 32.47 -15.15 28.75
C ARG B 229 32.39 -16.49 28.04
N ILE B 230 31.68 -16.56 26.91
CA ILE B 230 31.48 -17.85 26.25
C ILE B 230 32.73 -18.37 25.56
N ALA B 231 33.79 -17.57 25.47
CA ALA B 231 35.02 -17.97 24.82
C ALA B 231 35.99 -18.67 25.76
N ALA B 232 35.59 -18.91 27.00
CA ALA B 232 36.45 -19.59 27.96
C ALA B 232 35.95 -21.01 28.23
N MET C 1 71.93 -1.45 -3.88
CA MET C 1 70.79 -2.32 -4.10
C MET C 1 71.00 -3.00 -5.46
N HIS C 2 70.66 -4.28 -5.53
CA HIS C 2 70.94 -5.06 -6.72
C HIS C 2 70.14 -4.55 -7.92
N ALA C 3 70.73 -4.67 -9.10
CA ALA C 3 70.07 -4.22 -10.32
C ALA C 3 68.85 -5.07 -10.63
N ASP C 4 67.78 -4.41 -11.09
CA ASP C 4 66.53 -5.10 -11.45
C ASP C 4 66.52 -5.28 -12.96
N CYS C 5 66.84 -6.51 -13.40
CA CYS C 5 66.81 -6.81 -14.83
C CYS C 5 65.39 -6.70 -15.38
N ALA C 6 64.40 -7.22 -14.65
CA ALA C 6 63.02 -7.18 -15.07
C ALA C 6 62.13 -7.48 -13.87
N LYS C 7 61.05 -6.71 -13.73
CA LYS C 7 60.11 -6.88 -12.63
C LYS C 7 58.71 -7.03 -13.20
N GLY C 8 57.99 -8.04 -12.76
CA GLY C 8 56.64 -8.27 -13.22
C GLY C 8 56.23 -9.71 -13.01
N LYS C 9 55.00 -10.00 -13.43
CA LYS C 9 54.46 -11.35 -13.30
C LYS C 9 55.14 -12.29 -14.30
N ILE C 10 55.22 -13.56 -13.92
CA ILE C 10 55.81 -14.58 -14.78
C ILE C 10 54.85 -14.85 -15.93
N GLU C 11 55.20 -14.38 -17.14
CA GLU C 11 54.33 -14.58 -18.29
C GLU C 11 54.17 -16.06 -18.62
N PHE C 12 55.27 -16.81 -18.58
CA PHE C 12 55.21 -18.25 -18.79
C PHE C 12 56.47 -18.88 -18.21
N SER C 13 56.32 -20.08 -17.64
CA SER C 13 57.43 -20.83 -17.06
C SER C 13 57.66 -22.08 -17.90
N LYS C 14 58.89 -22.28 -18.34
CA LYS C 14 59.25 -23.39 -19.22
C LYS C 14 60.43 -24.13 -18.63
N TYR C 15 60.21 -25.37 -18.21
CA TYR C 15 61.27 -26.22 -17.67
C TYR C 15 61.89 -26.99 -18.83
N ASN C 16 63.06 -26.53 -19.29
CA ASN C 16 63.72 -27.17 -20.40
C ASN C 16 64.33 -28.50 -19.99
N GLU C 17 64.77 -29.28 -20.99
CA GLU C 17 65.32 -30.60 -20.74
C GLU C 17 66.70 -30.57 -20.12
N ASP C 18 67.36 -29.40 -20.07
CA ASP C 18 68.69 -29.28 -19.48
C ASP C 18 68.65 -28.83 -18.02
N ASP C 19 67.60 -29.20 -17.28
CA ASP C 19 67.45 -28.85 -15.87
C ASP C 19 67.50 -27.35 -15.65
N THR C 20 66.88 -26.59 -16.56
CA THR C 20 66.78 -25.15 -16.47
C THR C 20 65.33 -24.73 -16.48
N PHE C 21 64.97 -23.83 -15.56
CA PHE C 21 63.60 -23.33 -15.43
C PHE C 21 63.55 -21.94 -16.05
N THR C 22 63.07 -21.87 -17.29
CA THR C 22 62.97 -20.61 -18.01
C THR C 22 61.66 -19.91 -17.66
N VAL C 23 61.77 -18.67 -17.16
CA VAL C 23 60.62 -17.88 -16.76
C VAL C 23 60.71 -16.52 -17.44
N LYS C 24 59.59 -16.07 -18.00
CA LYS C 24 59.51 -14.78 -18.68
C LYS C 24 58.92 -13.75 -17.72
N VAL C 25 59.69 -12.72 -17.42
CA VAL C 25 59.28 -11.65 -16.51
C VAL C 25 59.43 -10.32 -17.22
N ASP C 26 58.36 -9.53 -17.24
CA ASP C 26 58.36 -8.19 -17.85
C ASP C 26 58.78 -8.24 -19.31
N GLY C 27 58.33 -9.28 -20.02
CA GLY C 27 58.63 -9.43 -21.43
C GLY C 27 59.99 -9.98 -21.75
N LYS C 28 60.80 -10.35 -20.75
CA LYS C 28 62.13 -10.88 -20.95
C LYS C 28 62.22 -12.27 -20.35
N GLU C 29 62.77 -13.21 -21.10
CA GLU C 29 62.87 -14.60 -20.67
C GLU C 29 64.19 -14.82 -19.91
N TYR C 30 64.08 -15.42 -18.73
CA TYR C 30 65.23 -15.75 -17.91
C TYR C 30 65.12 -17.19 -17.44
N TRP C 31 66.27 -17.85 -17.32
CA TRP C 31 66.34 -19.24 -16.91
C TRP C 31 67.30 -19.40 -15.74
N THR C 32 67.02 -20.38 -14.89
CA THR C 32 67.86 -20.68 -13.74
C THR C 32 68.11 -22.18 -13.67
N SER C 33 69.33 -22.55 -13.29
CA SER C 33 69.71 -23.94 -13.14
C SER C 33 69.62 -24.43 -11.70
N ARG C 34 69.16 -23.59 -10.77
CA ARG C 34 69.06 -23.98 -9.38
C ARG C 34 67.92 -24.97 -9.19
N TRP C 35 68.21 -26.08 -8.50
CA TRP C 35 67.17 -27.08 -8.23
C TRP C 35 66.14 -26.55 -7.22
N ASN C 36 66.59 -25.80 -6.22
CA ASN C 36 65.68 -25.28 -5.21
C ASN C 36 64.79 -24.18 -5.76
N LEU C 37 65.25 -23.46 -6.79
CA LEU C 37 64.47 -22.34 -7.31
C LEU C 37 63.27 -22.81 -8.12
N GLN C 38 63.33 -24.02 -8.69
CA GLN C 38 62.23 -24.49 -9.53
C GLN C 38 60.92 -24.63 -8.76
N PRO C 39 60.85 -25.31 -7.61
CA PRO C 39 59.57 -25.32 -6.86
C PRO C 39 59.16 -23.93 -6.40
N LEU C 40 60.13 -23.09 -6.01
CA LEU C 40 59.81 -21.72 -5.62
C LEU C 40 59.23 -20.94 -6.78
N LEU C 41 59.81 -21.08 -7.97
CA LEU C 41 59.29 -20.40 -9.15
C LEU C 41 57.90 -20.91 -9.51
N GLN C 42 57.68 -22.22 -9.40
CA GLN C 42 56.35 -22.76 -9.69
C GLN C 42 55.31 -22.23 -8.71
N SER C 43 55.65 -22.19 -7.42
CA SER C 43 54.73 -21.64 -6.43
C SER C 43 54.47 -20.16 -6.70
N ALA C 44 55.51 -19.41 -7.06
CA ALA C 44 55.32 -17.99 -7.37
C ALA C 44 54.40 -17.81 -8.57
N GLN C 45 54.55 -18.65 -9.59
CA GLN C 45 53.68 -18.54 -10.77
C GLN C 45 52.24 -18.90 -10.42
N LEU C 46 52.03 -19.98 -9.66
CA LEU C 46 50.67 -20.40 -9.36
C LEU C 46 49.99 -19.52 -8.32
N THR C 47 50.75 -18.76 -7.55
CA THR C 47 50.17 -17.87 -6.54
C THR C 47 49.82 -16.49 -7.10
N GLY C 48 50.04 -16.26 -8.39
CA GLY C 48 49.74 -14.96 -8.98
C GLY C 48 50.57 -13.84 -8.43
N MET C 49 51.88 -14.05 -8.29
CA MET C 49 52.79 -13.06 -7.72
C MET C 49 53.78 -12.60 -8.78
N THR C 50 54.36 -11.42 -8.53
CA THR C 50 55.33 -10.81 -9.44
C THR C 50 56.72 -10.92 -8.82
N VAL C 51 57.65 -11.49 -9.57
CA VAL C 51 59.02 -11.65 -9.12
C VAL C 51 59.91 -10.71 -9.92
N THR C 52 61.09 -10.40 -9.35
CA THR C 52 62.06 -9.52 -9.98
C THR C 52 63.32 -10.32 -10.26
N ILE C 53 63.60 -10.58 -11.53
CA ILE C 53 64.79 -11.34 -11.90
C ILE C 53 66.02 -10.46 -11.71
N LYS C 54 67.01 -11.00 -10.98
CA LYS C 54 68.23 -10.27 -10.68
C LYS C 54 69.43 -11.10 -11.09
N SER C 55 70.30 -10.50 -11.91
CA SER C 55 71.52 -11.16 -12.35
C SER C 55 72.49 -10.11 -12.86
N SER C 56 73.76 -10.52 -12.97
CA SER C 56 74.77 -9.62 -13.52
C SER C 56 74.52 -9.29 -14.99
N THR C 57 73.87 -10.20 -15.72
CA THR C 57 73.51 -9.99 -17.12
C THR C 57 72.00 -9.92 -17.23
N CYS C 58 71.49 -8.82 -17.80
CA CYS C 58 70.06 -8.59 -17.92
C CYS C 58 69.53 -8.89 -19.30
N GLU C 59 70.35 -9.46 -20.18
CA GLU C 59 69.89 -9.76 -21.54
C GLU C 59 68.97 -10.97 -21.53
N SER C 60 68.27 -11.15 -22.66
CA SER C 60 67.35 -12.28 -22.79
C SER C 60 68.10 -13.60 -22.82
N GLY C 61 67.54 -14.60 -22.17
CA GLY C 61 68.18 -15.91 -22.12
C GLY C 61 69.39 -16.00 -21.23
N SER C 62 69.53 -15.08 -20.28
CA SER C 62 70.68 -15.05 -19.38
C SER C 62 70.31 -15.72 -18.06
N GLY C 63 71.26 -16.48 -17.51
CA GLY C 63 71.02 -17.16 -16.26
C GLY C 63 70.93 -16.19 -15.09
N PHE C 64 70.21 -16.62 -14.05
CA PHE C 64 70.04 -15.80 -12.86
C PHE C 64 69.94 -16.70 -11.64
N ALA C 65 70.33 -16.16 -10.49
CA ALA C 65 70.25 -16.89 -9.23
C ALA C 65 69.76 -16.02 -8.08
N GLU C 66 69.38 -14.77 -8.34
CA GLU C 66 68.93 -13.85 -7.30
C GLU C 66 67.53 -13.36 -7.64
N VAL C 67 66.65 -13.37 -6.64
CA VAL C 67 65.27 -12.93 -6.82
C VAL C 67 64.74 -12.48 -5.46
N GLN C 68 63.83 -11.51 -5.48
CA GLN C 68 63.25 -10.93 -4.28
C GLN C 68 61.74 -11.00 -4.34
N PHE C 69 61.14 -11.47 -3.25
CA PHE C 69 59.68 -11.52 -3.10
C PHE C 69 59.32 -10.56 -1.97
N ASN C 70 58.80 -9.38 -2.31
CA ASN C 70 58.46 -8.37 -1.31
C ASN C 70 57.37 -8.86 -0.37
N ASN C 71 56.16 -9.03 -0.88
CA ASN C 71 55.07 -9.61 -0.09
C ASN C 71 54.11 -10.30 -1.07
N ASP C 72 54.35 -11.59 -1.30
CA ASP C 72 53.55 -12.40 -2.22
C ASP C 72 53.38 -11.71 -3.57
N GLY C 73 54.41 -10.98 -3.99
CA GLY C 73 54.37 -10.27 -5.25
C GLY C 73 53.34 -9.15 -5.25
N SER C 74 53.00 -8.73 -6.47
CA SER C 74 51.95 -7.73 -6.69
C SER C 74 50.72 -8.34 -7.36
N GLY C 75 50.90 -8.96 -8.52
CA GLY C 75 49.78 -9.60 -9.20
C GLY C 75 48.66 -8.62 -9.47
N SER C 76 47.44 -9.04 -9.11
CA SER C 76 46.28 -8.16 -9.22
C SER C 76 46.21 -7.13 -8.10
N GLY C 77 47.10 -7.23 -7.11
CA GLY C 77 47.10 -6.31 -5.98
C GLY C 77 47.66 -4.94 -6.32
N SER C 78 48.32 -4.32 -5.34
CA SER C 78 48.89 -2.98 -5.45
C SER C 78 47.85 -1.91 -5.72
N GLY C 79 46.57 -2.22 -5.52
CA GLY C 79 45.48 -1.30 -5.72
C GLY C 79 45.02 -0.64 -4.43
N SER C 80 43.73 -0.34 -4.36
CA SER C 80 43.09 0.27 -3.20
C SER C 80 43.66 1.66 -2.89
N GLY C 81 44.28 2.31 -3.87
CA GLY C 81 44.83 3.63 -3.68
C GLY C 81 46.06 3.89 -4.51
N SER C 82 46.34 5.16 -4.81
CA SER C 82 47.51 5.54 -5.59
C SER C 82 48.51 6.34 -4.76
N LEU C 83 48.08 7.46 -4.19
CA LEU C 83 48.93 8.34 -3.40
C LEU C 83 48.06 9.42 -2.78
N LYS C 84 48.50 9.94 -1.64
CA LYS C 84 47.78 11.04 -1.00
C LYS C 84 48.03 12.35 -1.74
N THR C 85 46.98 13.16 -1.84
CA THR C 85 47.01 14.50 -2.45
C THR C 85 47.19 14.41 -3.97
N SER C 86 47.37 13.20 -4.49
CA SER C 86 47.46 13.01 -5.94
C SER C 86 46.98 11.58 -6.24
N PHE C 87 45.73 11.46 -6.66
CA PHE C 87 45.13 10.18 -6.98
C PHE C 87 44.19 10.37 -8.17
N LYS C 88 43.43 9.33 -8.47
CA LYS C 88 42.50 9.34 -9.60
C LYS C 88 41.16 8.81 -9.16
N ILE C 89 40.11 9.23 -9.87
CA ILE C 89 38.75 8.80 -9.60
C ILE C 89 38.11 8.36 -10.91
N ALA C 90 37.41 7.24 -10.89
CA ALA C 90 36.72 6.72 -12.07
C ALA C 90 35.24 7.05 -11.94
N PHE C 91 34.70 7.72 -12.96
CA PHE C 91 33.30 8.13 -12.98
C PHE C 91 32.57 7.30 -14.02
N ILE C 92 31.84 6.28 -13.55
CA ILE C 92 31.04 5.43 -14.43
C ILE C 92 29.64 6.01 -14.52
N GLN C 93 29.19 6.26 -15.74
CA GLN C 93 27.90 6.88 -15.99
C GLN C 93 27.10 6.06 -16.98
N ALA C 94 25.80 5.92 -16.72
CA ALA C 94 24.90 5.22 -17.61
C ALA C 94 24.41 6.16 -18.71
N ARG C 95 24.14 5.58 -19.87
CA ARG C 95 23.70 6.34 -21.04
C ARG C 95 22.19 6.36 -21.20
N TRP C 96 21.46 5.92 -20.19
CA TRP C 96 20.01 6.02 -20.17
C TRP C 96 19.64 7.29 -19.42
N HIS C 97 18.88 8.18 -20.08
CA HIS C 97 18.65 9.54 -19.59
C HIS C 97 19.97 10.28 -19.41
N ALA C 98 20.69 10.42 -20.52
CA ALA C 98 22.04 10.99 -20.49
C ALA C 98 22.03 12.47 -20.13
N ASP C 99 20.94 13.17 -20.42
CA ASP C 99 20.91 14.62 -20.27
C ASP C 99 20.92 15.08 -18.81
N ILE C 100 20.78 14.16 -17.87
CA ILE C 100 20.79 14.50 -16.45
C ILE C 100 22.05 13.99 -15.76
N VAL C 101 22.46 12.75 -16.08
CA VAL C 101 23.76 12.26 -15.63
C VAL C 101 24.87 13.14 -16.15
N ASP C 102 24.67 13.74 -17.33
CA ASP C 102 25.67 14.68 -17.85
C ASP C 102 25.81 15.89 -16.95
N GLU C 103 24.69 16.43 -16.46
CA GLU C 103 24.76 17.56 -15.53
C GLU C 103 25.46 17.16 -14.24
N ALA C 104 25.15 15.97 -13.73
CA ALA C 104 25.81 15.50 -12.51
C ALA C 104 27.32 15.41 -12.71
N ARG C 105 27.74 14.82 -13.84
CA ARG C 105 29.16 14.66 -14.11
C ARG C 105 29.85 16.01 -14.27
N LYS C 106 29.22 16.94 -14.97
CA LYS C 106 29.83 18.26 -15.16
C LYS C 106 30.00 18.97 -13.83
N SER C 107 29.00 18.91 -12.96
CA SER C 107 29.13 19.52 -11.64
C SER C 107 30.25 18.87 -10.83
N PHE C 108 30.31 17.54 -10.85
CA PHE C 108 31.34 16.81 -10.12
C PHE C 108 32.74 17.25 -10.58
N VAL C 109 32.97 17.24 -11.89
CA VAL C 109 34.29 17.58 -12.43
C VAL C 109 34.62 19.04 -12.12
N ALA C 110 33.65 19.94 -12.28
CA ALA C 110 33.92 21.35 -12.03
C ALA C 110 34.29 21.60 -10.57
N GLU C 111 33.56 20.98 -9.64
CA GLU C 111 33.87 21.17 -8.23
C GLU C 111 35.24 20.59 -7.88
N LEU C 112 35.57 19.41 -8.41
CA LEU C 112 36.87 18.83 -8.13
C LEU C 112 38.00 19.70 -8.68
N ALA C 113 37.81 20.25 -9.87
CA ALA C 113 38.82 21.16 -10.42
C ALA C 113 38.91 22.45 -9.62
N ALA C 114 37.80 22.90 -9.05
CA ALA C 114 37.80 24.13 -8.28
C ALA C 114 38.56 23.97 -6.97
N LYS C 115 38.32 22.87 -6.25
CA LYS C 115 38.99 22.69 -4.97
C LYS C 115 40.43 22.22 -5.14
N THR C 116 40.63 21.05 -5.74
CA THR C 116 41.97 20.46 -5.81
C THR C 116 42.86 21.23 -6.77
N GLY C 117 42.30 21.71 -7.88
CA GLY C 117 43.08 22.44 -8.86
C GLY C 117 44.14 21.63 -9.58
N GLY C 118 43.79 20.42 -10.02
CA GLY C 118 44.71 19.57 -10.76
C GLY C 118 45.33 18.44 -9.96
N SER C 119 45.08 18.38 -8.66
CA SER C 119 45.63 17.30 -7.86
C SER C 119 44.90 15.99 -8.11
N VAL C 120 43.62 16.06 -8.48
CA VAL C 120 42.80 14.88 -8.70
C VAL C 120 42.35 14.87 -10.15
N GLU C 121 42.51 13.73 -10.81
CA GLU C 121 42.10 13.54 -12.19
C GLU C 121 40.90 12.58 -12.23
N VAL C 122 39.92 12.92 -13.06
CA VAL C 122 38.70 12.15 -13.18
C VAL C 122 38.63 11.57 -14.58
N GLU C 123 38.45 10.26 -14.67
CA GLU C 123 38.29 9.56 -15.94
C GLU C 123 36.86 9.10 -16.10
N ILE C 124 36.30 9.32 -17.30
CA ILE C 124 34.89 9.05 -17.57
C ILE C 124 34.78 7.71 -18.29
N PHE C 125 33.89 6.85 -17.81
CA PHE C 125 33.65 5.55 -18.41
C PHE C 125 32.16 5.41 -18.70
N ASP C 126 31.83 5.23 -19.97
CA ASP C 126 30.45 5.12 -20.41
C ASP C 126 29.96 3.69 -20.29
N VAL C 127 28.66 3.53 -20.03
CA VAL C 127 28.07 2.22 -19.77
C VAL C 127 26.62 2.25 -20.23
N PRO C 128 26.13 1.19 -20.88
CA PRO C 128 24.77 1.25 -21.47
C PRO C 128 23.65 1.48 -20.48
N GLY C 129 23.73 0.93 -19.27
CA GLY C 129 22.65 1.08 -18.32
C GLY C 129 23.12 0.84 -16.91
N ALA C 130 22.20 1.09 -15.96
CA ALA C 130 22.56 0.99 -14.55
C ALA C 130 22.96 -0.42 -14.16
N TYR C 131 22.45 -1.43 -14.87
CA TYR C 131 22.77 -2.81 -14.53
C TYR C 131 24.23 -3.17 -14.79
N GLU C 132 24.91 -2.44 -15.66
CA GLU C 132 26.27 -2.78 -16.05
C GLU C 132 27.32 -2.10 -15.19
N ILE C 133 26.92 -1.39 -14.13
CA ILE C 133 27.84 -0.60 -13.32
C ILE C 133 28.65 -1.47 -12.35
N PRO C 134 28.04 -2.39 -11.58
CA PRO C 134 28.85 -3.13 -10.59
C PRO C 134 30.03 -3.90 -11.17
N LEU C 135 29.88 -4.54 -12.33
CA LEU C 135 31.00 -5.31 -12.88
C LEU C 135 32.09 -4.39 -13.39
N HIS C 136 31.71 -3.29 -14.04
CA HIS C 136 32.70 -2.30 -14.48
C HIS C 136 33.46 -1.73 -13.28
N ALA C 137 32.75 -1.45 -12.20
CA ALA C 137 33.39 -0.95 -10.99
C ALA C 137 34.34 -1.98 -10.41
N LYS C 138 33.95 -3.25 -10.40
CA LYS C 138 34.84 -4.29 -9.88
C LYS C 138 36.11 -4.38 -10.72
N THR C 139 35.98 -4.33 -12.05
CA THR C 139 37.16 -4.39 -12.90
C THR C 139 38.07 -3.20 -12.66
N LEU C 140 37.51 -2.00 -12.59
CA LEU C 140 38.33 -0.81 -12.38
C LEU C 140 38.93 -0.78 -10.99
N ALA C 141 38.29 -1.42 -10.01
CA ALA C 141 38.86 -1.48 -8.68
C ALA C 141 40.00 -2.48 -8.60
N ARG C 142 39.85 -3.65 -9.22
CA ARG C 142 40.92 -4.63 -9.19
C ARG C 142 42.11 -4.21 -10.04
N THR C 143 41.89 -3.37 -11.05
CA THR C 143 43.02 -2.93 -11.87
C THR C 143 43.94 -1.96 -11.11
N GLY C 144 43.52 -1.49 -9.95
CA GLY C 144 44.30 -0.50 -9.23
C GLY C 144 44.12 0.89 -9.82
N ARG C 145 45.09 1.76 -9.54
CA ARG C 145 45.22 3.10 -10.09
C ARG C 145 44.15 4.07 -9.58
N TYR C 146 43.20 3.63 -8.78
CA TYR C 146 42.07 4.46 -8.40
C TYR C 146 41.88 4.41 -6.89
N ALA C 147 41.69 5.58 -6.29
CA ALA C 147 41.41 5.66 -4.86
C ALA C 147 39.93 5.64 -4.54
N ALA C 148 39.07 5.96 -5.50
CA ALA C 148 37.63 5.91 -5.29
C ALA C 148 36.95 5.75 -6.64
N ILE C 149 35.72 5.26 -6.60
CA ILE C 149 34.92 5.01 -7.80
C ILE C 149 33.53 5.60 -7.59
N VAL C 150 33.05 6.33 -8.59
CA VAL C 150 31.74 6.98 -8.52
C VAL C 150 30.88 6.44 -9.66
N GLY C 151 29.67 6.00 -9.33
CA GLY C 151 28.75 5.50 -10.33
C GLY C 151 27.44 6.25 -10.33
N ALA C 152 27.05 6.79 -11.49
CA ALA C 152 25.88 7.65 -11.60
C ALA C 152 24.90 7.09 -12.63
N ALA C 153 23.62 7.11 -12.27
CA ALA C 153 22.56 6.66 -13.17
C ALA C 153 21.24 7.22 -12.66
N PHE C 154 20.22 7.14 -13.51
CA PHE C 154 18.89 7.67 -13.22
C PHE C 154 17.88 6.55 -13.49
N VAL C 155 17.49 5.83 -12.44
CA VAL C 155 16.58 4.69 -12.58
C VAL C 155 15.15 5.20 -12.49
N ILE C 156 14.35 4.89 -13.52
CA ILE C 156 13.07 5.55 -13.73
C ILE C 156 11.99 4.49 -13.89
N ASP C 157 10.86 4.68 -13.21
CA ASP C 157 9.69 3.84 -13.40
C ASP C 157 8.95 4.33 -14.64
N GLY C 158 8.99 3.54 -15.72
CA GLY C 158 8.40 3.95 -16.97
C GLY C 158 6.90 3.76 -17.08
N GLY C 159 6.28 3.13 -16.08
CA GLY C 159 4.86 2.90 -16.08
C GLY C 159 4.41 1.61 -16.72
N ILE C 160 5.32 0.84 -17.30
CA ILE C 160 5.00 -0.44 -17.92
C ILE C 160 5.54 -1.61 -17.10
N TYR C 161 6.84 -1.61 -16.83
CA TYR C 161 7.48 -2.65 -16.05
C TYR C 161 7.91 -2.11 -14.68
N ARG C 162 8.14 -3.03 -13.76
CA ARG C 162 8.61 -2.67 -12.42
C ARG C 162 10.12 -2.44 -12.44
N HIS C 163 10.55 -1.41 -11.72
CA HIS C 163 11.93 -0.96 -11.77
C HIS C 163 12.70 -1.19 -10.48
N ASP C 164 12.05 -1.64 -9.41
CA ASP C 164 12.73 -1.71 -8.13
C ASP C 164 13.73 -2.87 -8.06
N PHE C 165 13.49 -3.94 -8.83
CA PHE C 165 14.39 -5.08 -8.81
C PHE C 165 15.79 -4.67 -9.28
N VAL C 166 15.87 -3.94 -10.39
CA VAL C 166 17.16 -3.55 -10.93
C VAL C 166 17.87 -2.58 -10.01
N ALA C 167 17.13 -1.63 -9.42
CA ALA C 167 17.74 -0.67 -8.50
C ALA C 167 18.30 -1.37 -7.27
N THR C 168 17.54 -2.29 -6.69
CA THR C 168 18.02 -3.04 -5.54
C THR C 168 19.26 -3.85 -5.91
N ALA C 169 19.23 -4.52 -7.06
CA ALA C 169 20.38 -5.31 -7.48
C ALA C 169 21.61 -4.45 -7.66
N VAL C 170 21.44 -3.27 -8.26
CA VAL C 170 22.59 -2.39 -8.52
C VAL C 170 23.18 -1.88 -7.22
N ILE C 171 22.33 -1.43 -6.29
CA ILE C 171 22.84 -0.89 -5.03
C ILE C 171 23.56 -1.97 -4.24
N ASN C 172 22.94 -3.15 -4.12
CA ASN C 172 23.57 -4.24 -3.38
C ASN C 172 24.85 -4.70 -4.05
N GLY C 173 24.87 -4.73 -5.39
CA GLY C 173 26.08 -5.13 -6.08
C GLY C 173 27.22 -4.15 -5.90
N MET C 174 26.93 -2.85 -5.91
CA MET C 174 27.97 -1.86 -5.64
C MET C 174 28.51 -2.00 -4.23
N MET C 175 27.64 -2.23 -3.25
CA MET C 175 28.11 -2.44 -1.89
C MET C 175 28.98 -3.69 -1.79
N GLN C 176 28.56 -4.77 -2.44
CA GLN C 176 29.34 -6.00 -2.42
C GLN C 176 30.70 -5.81 -3.08
N VAL C 177 30.74 -5.08 -4.19
CA VAL C 177 32.00 -4.83 -4.89
C VAL C 177 32.94 -4.01 -4.01
N GLN C 178 32.42 -2.96 -3.37
CA GLN C 178 33.30 -2.13 -2.55
C GLN C 178 33.77 -2.88 -1.31
N LEU C 179 32.97 -3.81 -0.78
CA LEU C 179 33.44 -4.63 0.32
C LEU C 179 34.47 -5.67 -0.15
N GLU C 180 34.32 -6.16 -1.38
CA GLU C 180 35.24 -7.18 -1.89
C GLU C 180 36.60 -6.60 -2.19
N THR C 181 36.65 -5.47 -2.90
CA THR C 181 37.90 -4.92 -3.41
C THR C 181 38.52 -3.87 -2.49
N GLU C 182 37.83 -3.46 -1.43
CA GLU C 182 38.34 -2.47 -0.49
C GLU C 182 38.69 -1.15 -1.18
N VAL C 183 37.85 -0.74 -2.13
CA VAL C 183 37.97 0.55 -2.79
C VAL C 183 36.63 1.26 -2.64
N PRO C 184 36.60 2.48 -2.10
CA PRO C 184 35.31 3.16 -1.88
C PRO C 184 34.56 3.34 -3.19
N VAL C 185 33.25 3.08 -3.12
CA VAL C 185 32.36 3.28 -4.25
C VAL C 185 31.21 4.16 -3.79
N LEU C 186 31.10 5.35 -4.36
CA LEU C 186 30.06 6.31 -3.99
C LEU C 186 28.89 6.19 -4.97
N SER C 187 27.68 6.19 -4.43
CA SER C 187 26.48 5.93 -5.20
C SER C 187 25.79 7.24 -5.57
N VAL C 188 25.65 7.49 -6.87
CA VAL C 188 24.85 8.61 -7.36
C VAL C 188 23.77 8.05 -8.27
N VAL C 189 23.34 6.83 -8.00
CA VAL C 189 22.18 6.26 -8.68
C VAL C 189 20.95 6.61 -7.87
N LEU C 190 20.01 7.32 -8.49
CA LEU C 190 18.89 7.91 -7.77
C LEU C 190 17.57 7.49 -8.42
N THR C 191 16.60 7.16 -7.58
CA THR C 191 15.29 6.72 -8.04
C THR C 191 14.22 7.68 -7.53
N PRO C 192 13.66 8.54 -8.37
CA PRO C 192 12.65 9.48 -7.91
C PRO C 192 11.33 8.80 -7.59
N HIS C 193 10.55 9.46 -6.73
CA HIS C 193 9.22 8.96 -6.40
C HIS C 193 8.30 8.97 -7.62
N HIS C 194 8.32 10.06 -8.38
CA HIS C 194 7.46 10.22 -9.55
C HIS C 194 8.22 10.95 -10.65
N PHE C 195 8.05 10.48 -11.88
CA PHE C 195 8.65 11.15 -13.04
C PHE C 195 7.82 10.77 -14.27
N HIS C 196 6.97 11.69 -14.70
CA HIS C 196 6.04 11.43 -15.80
C HIS C 196 6.40 12.18 -17.07
N GLU C 197 7.59 12.76 -17.15
CA GLU C 197 8.10 13.42 -18.35
C GLU C 197 7.17 14.54 -18.81
N SER C 198 6.83 15.43 -17.88
CA SER C 198 5.97 16.57 -18.16
C SER C 198 6.75 17.87 -18.32
N LYS C 199 8.08 17.78 -18.44
CA LYS C 199 9.00 18.88 -18.68
C LYS C 199 9.17 19.74 -17.43
N GLU C 200 8.27 19.57 -16.46
CA GLU C 200 8.47 20.18 -15.15
C GLU C 200 9.44 19.34 -14.33
N HIS C 201 9.22 18.02 -14.31
CA HIS C 201 10.20 17.11 -13.74
C HIS C 201 11.52 17.21 -14.49
N HIS C 202 11.47 17.37 -15.81
CA HIS C 202 12.69 17.49 -16.60
C HIS C 202 13.48 18.73 -16.22
N ASP C 203 12.80 19.86 -15.99
CA ASP C 203 13.51 21.05 -15.56
C ASP C 203 14.03 20.93 -14.14
N PHE C 204 13.26 20.27 -13.26
CA PHE C 204 13.64 20.17 -11.85
C PHE C 204 14.88 19.28 -11.68
N PHE C 205 14.88 18.11 -12.32
CA PHE C 205 15.93 17.14 -12.04
C PHE C 205 17.27 17.55 -12.63
N HIS C 206 17.29 18.40 -13.65
CA HIS C 206 18.56 18.95 -14.12
C HIS C 206 19.30 19.65 -13.00
N ALA C 207 18.63 20.60 -12.34
CA ALA C 207 19.27 21.34 -11.25
C ALA C 207 19.53 20.44 -10.05
N HIS C 208 18.62 19.51 -9.77
CA HIS C 208 18.84 18.65 -8.61
C HIS C 208 20.07 17.77 -8.79
N PHE C 209 20.26 17.21 -9.99
CA PHE C 209 21.48 16.45 -10.26
C PHE C 209 22.71 17.34 -10.28
N LYS C 210 22.55 18.59 -10.71
CA LYS C 210 23.65 19.55 -10.63
C LYS C 210 24.12 19.70 -9.18
N VAL C 211 23.18 19.73 -8.23
CA VAL C 211 23.55 19.82 -6.82
C VAL C 211 24.18 18.50 -6.35
N LYS C 212 23.58 17.38 -6.74
CA LYS C 212 24.07 16.08 -6.29
C LYS C 212 25.50 15.82 -6.73
N GLY C 213 25.89 16.34 -7.90
CA GLY C 213 27.27 16.16 -8.33
C GLY C 213 28.27 16.79 -7.38
N VAL C 214 28.00 18.03 -6.96
CA VAL C 214 28.87 18.71 -6.01
C VAL C 214 28.89 17.97 -4.69
N GLU C 215 27.72 17.52 -4.23
CA GLU C 215 27.67 16.77 -2.98
C GLU C 215 28.55 15.51 -3.05
N ALA C 216 28.46 14.79 -4.16
CA ALA C 216 29.25 13.58 -4.33
C ALA C 216 30.73 13.89 -4.39
N ALA C 217 31.10 14.99 -5.03
CA ALA C 217 32.52 15.38 -5.08
C ALA C 217 33.07 15.62 -3.68
N HIS C 218 32.33 16.38 -2.88
CA HIS C 218 32.79 16.65 -1.51
C HIS C 218 32.89 15.35 -0.70
N ALA C 219 31.89 14.48 -0.83
CA ALA C 219 31.92 13.23 -0.09
C ALA C 219 33.11 12.37 -0.50
N ALA C 220 33.40 12.29 -1.80
CA ALA C 220 34.52 11.49 -2.27
C ALA C 220 35.84 12.04 -1.72
N LEU C 221 36.03 13.35 -1.80
CA LEU C 221 37.27 13.93 -1.28
C LEU C 221 37.43 13.60 0.20
N GLN C 222 36.39 13.81 1.00
CA GLN C 222 36.55 13.65 2.44
C GLN C 222 36.74 12.18 2.81
N ILE C 223 36.06 11.27 2.13
CA ILE C 223 36.22 9.86 2.45
C ILE C 223 37.61 9.36 2.08
N VAL C 224 38.15 9.82 0.93
CA VAL C 224 39.49 9.40 0.57
C VAL C 224 40.51 9.94 1.57
N SER C 225 40.36 11.20 1.97
CA SER C 225 41.28 11.76 2.96
C SER C 225 41.22 11.00 4.28
N GLU C 226 40.01 10.70 4.76
CA GLU C 226 39.87 9.98 6.03
C GLU C 226 40.45 8.58 5.94
N ARG C 227 40.18 7.86 4.85
CA ARG C 227 40.72 6.51 4.71
C ARG C 227 42.24 6.53 4.67
N SER C 228 42.82 7.51 3.98
CA SER C 228 44.28 7.62 3.99
C SER C 228 44.80 7.99 5.37
N ARG C 229 44.00 8.72 6.16
CA ARG C 229 44.43 9.10 7.50
C ARG C 229 44.48 7.90 8.44
N ILE C 230 43.41 7.10 8.47
CA ILE C 230 43.35 6.00 9.43
C ILE C 230 44.29 4.85 9.10
N ALA C 231 44.89 4.85 7.91
CA ALA C 231 45.80 3.78 7.51
C ALA C 231 47.22 3.98 8.02
N ALA C 232 47.48 5.08 8.72
CA ALA C 232 48.82 5.34 9.25
C ALA C 232 48.88 4.99 10.74
N MET D 1 60.30 -23.18 -31.60
CA MET D 1 59.73 -23.40 -30.27
C MET D 1 59.47 -24.90 -30.16
N HIS D 2 59.59 -25.45 -28.96
CA HIS D 2 59.54 -26.89 -28.77
C HIS D 2 58.19 -27.46 -29.19
N ALA D 3 58.22 -28.68 -29.72
CA ALA D 3 57.02 -29.32 -30.22
C ALA D 3 56.05 -29.64 -29.09
N ASP D 4 54.75 -29.51 -29.37
CA ASP D 4 53.70 -29.79 -28.39
C ASP D 4 53.15 -31.18 -28.67
N CYS D 5 53.61 -32.16 -27.88
CA CYS D 5 53.09 -33.52 -28.02
C CYS D 5 51.62 -33.59 -27.65
N ALA D 6 51.24 -32.91 -26.56
CA ALA D 6 49.85 -32.89 -26.11
C ALA D 6 49.69 -31.76 -25.11
N LYS D 7 48.59 -31.02 -25.24
CA LYS D 7 48.30 -29.90 -24.36
C LYS D 7 46.89 -30.06 -23.80
N GLY D 8 46.76 -29.96 -22.49
CA GLY D 8 45.47 -30.09 -21.86
C GLY D 8 45.62 -30.45 -20.39
N LYS D 9 44.47 -30.61 -19.74
CA LYS D 9 44.45 -30.98 -18.33
C LYS D 9 44.87 -32.43 -18.15
N ILE D 10 45.51 -32.71 -17.01
CA ILE D 10 45.93 -34.07 -16.69
C ILE D 10 44.71 -34.91 -16.39
N GLU D 11 44.37 -35.82 -17.30
CA GLU D 11 43.18 -36.66 -17.10
C GLU D 11 43.34 -37.56 -15.88
N PHE D 12 44.51 -38.17 -15.71
CA PHE D 12 44.78 -38.97 -14.54
C PHE D 12 46.29 -39.09 -14.36
N SER D 13 46.73 -39.13 -13.09
CA SER D 13 48.13 -39.27 -12.75
C SER D 13 48.32 -40.63 -12.08
N LYS D 14 49.30 -41.39 -12.57
CA LYS D 14 49.57 -42.74 -12.08
C LYS D 14 51.06 -42.88 -11.79
N TYR D 15 51.41 -43.00 -10.51
CA TYR D 15 52.79 -43.20 -10.09
C TYR D 15 53.05 -44.70 -10.06
N ASN D 16 53.71 -45.21 -11.09
CA ASN D 16 53.99 -46.62 -11.19
C ASN D 16 55.09 -47.03 -10.21
N GLU D 17 55.27 -48.34 -10.04
CA GLU D 17 56.23 -48.88 -9.10
C GLU D 17 57.67 -48.69 -9.56
N ASP D 18 57.91 -48.31 -10.82
CA ASP D 18 59.25 -48.11 -11.34
C ASP D 18 59.72 -46.67 -11.24
N ASP D 19 59.24 -45.92 -10.23
CA ASP D 19 59.61 -44.53 -10.01
C ASP D 19 59.31 -43.67 -11.22
N THR D 20 58.17 -43.93 -11.86
CA THR D 20 57.72 -43.16 -13.01
C THR D 20 56.33 -42.58 -12.72
N PHE D 21 56.14 -41.32 -13.07
CA PHE D 21 54.88 -40.61 -12.85
C PHE D 21 54.17 -40.49 -14.20
N THR D 22 53.21 -41.39 -14.43
CA THR D 22 52.46 -41.40 -15.68
C THR D 22 51.30 -40.42 -15.59
N VAL D 23 51.24 -39.49 -16.54
CA VAL D 23 50.20 -38.47 -16.59
C VAL D 23 49.58 -38.48 -17.99
N LYS D 24 48.25 -38.46 -18.05
CA LYS D 24 47.53 -38.45 -19.31
C LYS D 24 47.10 -37.02 -19.62
N VAL D 25 47.62 -36.48 -20.72
CA VAL D 25 47.31 -35.12 -21.15
C VAL D 25 46.78 -35.17 -22.56
N ASP D 26 45.61 -34.54 -22.78
CA ASP D 26 44.97 -34.46 -24.09
C ASP D 26 44.73 -35.84 -24.69
N GLY D 27 44.36 -36.79 -23.84
CA GLY D 27 44.06 -38.14 -24.28
C GLY D 27 45.26 -39.02 -24.52
N LYS D 28 46.46 -38.55 -24.24
CA LYS D 28 47.69 -39.32 -24.45
C LYS D 28 48.42 -39.46 -23.12
N GLU D 29 48.85 -40.68 -22.81
CA GLU D 29 49.52 -40.97 -21.54
C GLU D 29 51.03 -40.77 -21.70
N TYR D 30 51.61 -40.00 -20.78
CA TYR D 30 53.04 -39.76 -20.75
C TYR D 30 53.56 -39.98 -19.34
N TRP D 31 54.79 -40.49 -19.24
CA TRP D 31 55.42 -40.78 -17.96
C TRP D 31 56.78 -40.10 -17.89
N THR D 32 57.19 -39.73 -16.67
CA THR D 32 58.48 -39.11 -16.43
C THR D 32 59.16 -39.79 -15.25
N SER D 33 60.48 -39.96 -15.36
CA SER D 33 61.28 -40.56 -14.30
C SER D 33 61.95 -39.53 -13.40
N ARG D 34 61.68 -38.24 -13.62
CA ARG D 34 62.31 -37.21 -12.81
C ARG D 34 61.69 -37.18 -11.43
N TRP D 35 62.55 -37.16 -10.40
CA TRP D 35 62.06 -37.10 -9.02
C TRP D 35 61.46 -35.74 -8.70
N ASN D 36 62.05 -34.68 -9.23
CA ASN D 36 61.55 -33.33 -8.95
C ASN D 36 60.23 -33.06 -9.67
N LEU D 37 59.98 -33.74 -10.79
CA LEU D 37 58.76 -33.47 -11.56
C LEU D 37 57.52 -34.05 -10.89
N GLN D 38 57.68 -35.09 -10.07
CA GLN D 38 56.52 -35.72 -9.45
C GLN D 38 55.76 -34.77 -8.52
N PRO D 39 56.39 -34.08 -7.56
CA PRO D 39 55.62 -33.10 -6.78
C PRO D 39 55.06 -31.97 -7.62
N LEU D 40 55.80 -31.54 -8.63
CA LEU D 40 55.29 -30.50 -9.53
C LEU D 40 54.07 -30.98 -10.29
N LEU D 41 54.11 -32.23 -10.79
CA LEU D 41 52.96 -32.77 -11.48
C LEU D 41 51.76 -32.93 -10.56
N GLN D 42 52.01 -33.36 -9.32
CA GLN D 42 50.91 -33.49 -8.36
C GLN D 42 50.29 -32.13 -8.05
N SER D 43 51.12 -31.11 -7.87
CA SER D 43 50.59 -29.76 -7.63
C SER D 43 49.81 -29.26 -8.83
N ALA D 44 50.32 -29.51 -10.04
CA ALA D 44 49.60 -29.11 -11.25
C ALA D 44 48.25 -29.80 -11.34
N GLN D 45 48.20 -31.10 -11.00
CA GLN D 45 46.93 -31.83 -11.04
C GLN D 45 45.95 -31.30 -10.01
N LEU D 46 46.42 -31.05 -8.78
CA LEU D 46 45.50 -30.60 -7.72
C LEU D 46 45.09 -29.14 -7.89
N THR D 47 45.86 -28.35 -8.63
CA THR D 47 45.52 -26.94 -8.84
C THR D 47 44.58 -26.72 -10.01
N GLY D 48 44.17 -27.77 -10.70
CA GLY D 48 43.29 -27.63 -11.85
C GLY D 48 43.90 -26.88 -13.00
N MET D 49 45.14 -27.21 -13.36
CA MET D 49 45.87 -26.52 -14.42
C MET D 49 46.14 -27.49 -15.57
N THR D 50 46.40 -26.90 -16.74
CA THR D 50 46.67 -27.66 -17.95
C THR D 50 48.16 -27.55 -18.28
N VAL D 51 48.81 -28.69 -18.45
CA VAL D 51 50.23 -28.74 -18.77
C VAL D 51 50.39 -29.26 -20.19
N THR D 52 51.53 -28.93 -20.79
CA THR D 52 51.86 -29.35 -22.16
C THR D 52 53.06 -30.28 -22.10
N ILE D 53 52.83 -31.56 -22.36
CA ILE D 53 53.90 -32.54 -22.36
C ILE D 53 54.78 -32.32 -23.58
N LYS D 54 56.09 -32.25 -23.36
CA LYS D 54 57.04 -31.98 -24.43
C LYS D 54 58.15 -33.01 -24.39
N SER D 55 58.39 -33.66 -25.53
CA SER D 55 59.45 -34.65 -25.64
C SER D 55 59.78 -34.86 -27.10
N SER D 56 60.93 -35.48 -27.35
CA SER D 56 61.33 -35.79 -28.72
C SER D 56 60.38 -36.82 -29.34
N THR D 57 59.79 -37.67 -28.51
CA THR D 57 58.83 -38.68 -28.96
C THR D 57 57.46 -38.33 -28.39
N CYS D 58 56.48 -38.19 -29.27
CA CYS D 58 55.12 -37.79 -28.88
C CYS D 58 54.17 -38.97 -28.81
N GLU D 59 54.65 -40.20 -28.97
CA GLU D 59 53.80 -41.36 -28.94
C GLU D 59 53.34 -41.66 -27.51
N SER D 60 52.32 -42.51 -27.41
CA SER D 60 51.79 -42.89 -26.10
C SER D 60 52.82 -43.71 -25.32
N GLY D 61 52.90 -43.45 -24.02
CA GLY D 61 53.84 -44.16 -23.18
C GLY D 61 55.28 -43.78 -23.37
N SER D 62 55.55 -42.60 -23.91
CA SER D 62 56.90 -42.13 -24.16
C SER D 62 57.35 -41.21 -23.02
N GLY D 63 58.61 -41.34 -22.62
CA GLY D 63 59.14 -40.52 -21.56
C GLY D 63 59.28 -39.07 -21.98
N PHE D 64 59.20 -38.19 -20.99
CA PHE D 64 59.32 -36.76 -21.24
C PHE D 64 60.01 -36.09 -20.05
N ALA D 65 60.66 -34.96 -20.32
CA ALA D 65 61.33 -34.20 -19.28
C ALA D 65 61.14 -32.70 -19.45
N GLU D 66 60.34 -32.25 -20.42
CA GLU D 66 60.12 -30.84 -20.69
C GLU D 66 58.64 -30.54 -20.60
N VAL D 67 58.29 -29.45 -19.90
CA VAL D 67 56.90 -29.05 -19.73
C VAL D 67 56.88 -27.56 -19.47
N GLN D 68 55.79 -26.91 -19.88
CA GLN D 68 55.63 -25.48 -19.76
C GLN D 68 54.33 -25.15 -19.04
N PHE D 69 54.43 -24.25 -18.06
CA PHE D 69 53.26 -23.75 -17.33
C PHE D 69 53.14 -22.26 -17.63
N ASN D 70 52.21 -21.89 -18.50
CA ASN D 70 52.04 -20.50 -18.91
C ASN D 70 51.65 -19.62 -17.73
N ASN D 71 50.44 -19.79 -17.21
CA ASN D 71 50.01 -19.09 -16.00
C ASN D 71 48.97 -19.97 -15.30
N ASP D 72 49.44 -20.80 -14.37
CA ASP D 72 48.58 -21.73 -13.63
C ASP D 72 47.68 -22.53 -14.56
N GLY D 73 48.20 -22.85 -15.75
CA GLY D 73 47.43 -23.60 -16.73
C GLY D 73 46.24 -22.83 -17.25
N SER D 74 45.30 -23.58 -17.82
CA SER D 74 44.03 -23.03 -18.27
C SER D 74 42.87 -23.54 -17.42
N GLY D 75 42.70 -24.86 -17.33
CA GLY D 75 41.64 -25.41 -16.49
C GLY D 75 40.27 -24.90 -16.90
N SER D 76 39.50 -24.45 -15.91
CA SER D 76 38.21 -23.83 -16.17
C SER D 76 38.33 -22.40 -16.65
N GLY D 77 39.54 -21.83 -16.66
CA GLY D 77 39.75 -20.46 -17.08
C GLY D 77 39.68 -20.26 -18.57
N SER D 78 40.48 -19.32 -19.08
CA SER D 78 40.52 -18.94 -20.49
C SER D 78 39.18 -18.42 -21.00
N GLY D 79 38.29 -18.00 -20.11
CA GLY D 79 36.99 -17.48 -20.46
C GLY D 79 36.94 -15.96 -20.45
N SER D 80 35.77 -15.43 -20.14
CA SER D 80 35.53 -13.99 -20.06
C SER D 80 35.74 -13.29 -21.40
N GLY D 81 35.69 -14.03 -22.50
CA GLY D 81 35.86 -13.44 -23.82
C GLY D 81 36.45 -14.40 -24.82
N SER D 82 36.20 -14.16 -26.10
CA SER D 82 36.73 -15.00 -27.17
C SER D 82 37.73 -14.24 -28.04
N LEU D 83 37.32 -13.12 -28.63
CA LEU D 83 38.16 -12.30 -29.49
C LEU D 83 37.38 -11.04 -29.84
N LYS D 84 38.10 -9.96 -30.11
CA LYS D 84 37.46 -8.72 -30.51
C LYS D 84 36.97 -8.82 -31.96
N THR D 85 35.78 -8.24 -32.21
CA THR D 85 35.15 -8.14 -33.52
C THR D 85 34.66 -9.50 -34.01
N SER D 86 34.96 -10.57 -33.26
CA SER D 86 34.46 -11.89 -33.60
C SER D 86 34.33 -12.68 -32.30
N PHE D 87 33.11 -12.70 -31.75
CA PHE D 87 32.84 -13.40 -30.51
C PHE D 87 31.48 -14.07 -30.62
N LYS D 88 30.99 -14.61 -29.50
CA LYS D 88 29.73 -15.31 -29.45
C LYS D 88 28.91 -14.84 -28.26
N ILE D 89 27.59 -14.98 -28.37
CA ILE D 89 26.67 -14.57 -27.32
C ILE D 89 25.70 -15.72 -27.08
N ALA D 90 25.43 -16.01 -25.81
CA ALA D 90 24.48 -17.04 -25.43
C ALA D 90 23.16 -16.39 -25.06
N PHE D 91 22.08 -16.86 -25.65
CA PHE D 91 20.74 -16.33 -25.42
C PHE D 91 19.92 -17.39 -24.69
N ILE D 92 19.81 -17.25 -23.37
CA ILE D 92 19.01 -18.16 -22.57
C ILE D 92 17.60 -17.60 -22.46
N GLN D 93 16.62 -18.39 -22.88
CA GLN D 93 15.23 -17.95 -22.92
C GLN D 93 14.35 -18.94 -22.18
N ALA D 94 13.39 -18.42 -21.42
CA ALA D 94 12.44 -19.27 -20.72
C ALA D 94 11.29 -19.65 -21.62
N ARG D 95 10.74 -20.84 -21.41
CA ARG D 95 9.66 -21.36 -22.23
C ARG D 95 8.28 -21.05 -21.66
N TRP D 96 8.21 -20.29 -20.57
CA TRP D 96 6.95 -19.80 -20.04
C TRP D 96 6.61 -18.50 -20.79
N HIS D 97 5.42 -18.47 -21.39
CA HIS D 97 5.02 -17.38 -22.29
C HIS D 97 6.01 -17.25 -23.45
N ALA D 98 6.10 -18.32 -24.24
CA ALA D 98 7.10 -18.38 -25.30
C ALA D 98 6.80 -17.42 -26.44
N ASP D 99 5.53 -17.05 -26.63
CA ASP D 99 5.14 -16.25 -27.79
C ASP D 99 5.65 -14.82 -27.73
N ILE D 100 6.19 -14.38 -26.61
CA ILE D 100 6.72 -13.04 -26.44
C ILE D 100 8.24 -13.03 -26.37
N VAL D 101 8.81 -13.97 -25.62
CA VAL D 101 10.25 -14.17 -25.63
C VAL D 101 10.73 -14.51 -27.03
N ASP D 102 9.89 -15.18 -27.83
CA ASP D 102 10.25 -15.44 -29.22
C ASP D 102 10.43 -14.14 -29.99
N GLU D 103 9.51 -13.19 -29.80
CA GLU D 103 9.65 -11.90 -30.47
C GLU D 103 10.92 -11.18 -30.03
N ALA D 104 11.21 -11.22 -28.73
CA ALA D 104 12.43 -10.58 -28.24
C ALA D 104 13.67 -11.20 -28.88
N ARG D 105 13.71 -12.53 -28.93
CA ARG D 105 14.87 -13.22 -29.51
C ARG D 105 15.01 -12.92 -30.99
N LYS D 106 13.90 -12.91 -31.72
CA LYS D 106 13.96 -12.61 -33.15
C LYS D 106 14.48 -11.21 -33.39
N SER D 107 14.01 -10.23 -32.61
CA SER D 107 14.52 -8.87 -32.75
C SER D 107 16.01 -8.81 -32.47
N PHE D 108 16.44 -9.46 -31.39
CA PHE D 108 17.86 -9.46 -31.03
C PHE D 108 18.71 -10.01 -32.16
N VAL D 109 18.34 -11.19 -32.67
CA VAL D 109 19.13 -11.84 -33.71
C VAL D 109 19.14 -11.00 -34.98
N ALA D 110 17.97 -10.45 -35.37
CA ALA D 110 17.89 -9.65 -36.58
C ALA D 110 18.77 -8.42 -36.50
N GLU D 111 18.75 -7.73 -35.36
CA GLU D 111 19.58 -6.53 -35.20
C GLU D 111 21.06 -6.88 -35.25
N LEU D 112 21.46 -7.95 -34.56
CA LEU D 112 22.86 -8.34 -34.58
C LEU D 112 23.31 -8.72 -35.98
N ALA D 113 22.45 -9.41 -36.74
CA ALA D 113 22.79 -9.73 -38.12
C ALA D 113 22.84 -8.48 -39.00
N ALA D 114 22.02 -7.48 -38.68
CA ALA D 114 22.00 -6.26 -39.48
C ALA D 114 23.27 -5.45 -39.29
N LYS D 115 23.70 -5.25 -38.03
CA LYS D 115 24.88 -4.44 -37.81
C LYS D 115 26.17 -5.22 -38.09
N THR D 116 26.40 -6.30 -37.35
CA THR D 116 27.68 -7.02 -37.47
C THR D 116 27.80 -7.71 -38.82
N GLY D 117 26.70 -8.30 -39.31
CA GLY D 117 26.74 -9.00 -40.58
C GLY D 117 27.57 -10.26 -40.57
N GLY D 118 27.43 -11.09 -39.54
CA GLY D 118 28.14 -12.35 -39.44
C GLY D 118 29.35 -12.33 -38.52
N SER D 119 29.70 -11.18 -37.95
CA SER D 119 30.84 -11.12 -37.04
C SER D 119 30.50 -11.75 -35.69
N VAL D 120 29.25 -11.62 -35.26
CA VAL D 120 28.80 -12.12 -33.96
C VAL D 120 27.77 -13.21 -34.19
N GLU D 121 27.97 -14.36 -33.54
CA GLU D 121 27.05 -15.48 -33.64
C GLU D 121 26.30 -15.65 -32.31
N VAL D 122 25.00 -15.87 -32.41
CA VAL D 122 24.14 -16.03 -31.24
C VAL D 122 23.71 -17.48 -31.16
N GLU D 123 23.89 -18.09 -29.99
CA GLU D 123 23.43 -19.44 -29.73
C GLU D 123 22.24 -19.41 -28.78
N ILE D 124 21.22 -20.21 -29.07
CA ILE D 124 19.97 -20.19 -28.34
C ILE D 124 19.92 -21.39 -27.40
N PHE D 125 19.62 -21.13 -26.13
CA PHE D 125 19.53 -22.16 -25.12
C PHE D 125 18.16 -22.08 -24.45
N ASP D 126 17.45 -23.21 -24.42
CA ASP D 126 16.11 -23.26 -23.86
C ASP D 126 16.15 -23.64 -22.40
N VAL D 127 15.19 -23.12 -21.63
CA VAL D 127 15.17 -23.30 -20.19
C VAL D 127 13.71 -23.26 -19.72
N PRO D 128 13.32 -24.13 -18.78
CA PRO D 128 11.89 -24.24 -18.42
C PRO D 128 11.27 -22.95 -17.90
N GLY D 129 12.01 -22.17 -17.11
CA GLY D 129 11.42 -20.99 -16.51
C GLY D 129 12.50 -20.06 -16.00
N ALA D 130 12.06 -18.92 -15.48
CA ALA D 130 13.00 -17.88 -15.07
C ALA D 130 13.92 -18.35 -13.96
N TYR D 131 13.47 -19.27 -13.12
CA TYR D 131 14.27 -19.73 -11.98
C TYR D 131 15.49 -20.53 -12.42
N GLU D 132 15.49 -21.08 -13.63
CA GLU D 132 16.57 -21.93 -14.10
C GLU D 132 17.64 -21.18 -14.87
N ILE D 133 17.53 -19.86 -14.97
CA ILE D 133 18.44 -19.05 -15.79
C ILE D 133 19.80 -18.87 -15.13
N PRO D 134 19.89 -18.45 -13.85
CA PRO D 134 21.22 -18.14 -13.30
C PRO D 134 22.21 -19.30 -13.33
N LEU D 135 21.78 -20.53 -13.04
CA LEU D 135 22.71 -21.65 -13.05
C LEU D 135 23.19 -21.97 -14.47
N HIS D 136 22.28 -21.93 -15.44
CA HIS D 136 22.66 -22.11 -16.83
C HIS D 136 23.65 -21.03 -17.27
N ALA D 137 23.41 -19.79 -16.85
CA ALA D 137 24.32 -18.70 -17.17
C ALA D 137 25.68 -18.91 -16.55
N LYS D 138 25.71 -19.40 -15.31
CA LYS D 138 27.00 -19.67 -14.66
C LYS D 138 27.76 -20.75 -15.40
N THR D 139 27.08 -21.83 -15.79
CA THR D 139 27.74 -22.90 -16.54
C THR D 139 28.31 -22.38 -17.86
N LEU D 140 27.49 -21.64 -18.61
CA LEU D 140 27.94 -21.12 -19.90
C LEU D 140 29.02 -20.05 -19.76
N ALA D 141 29.08 -19.35 -18.63
CA ALA D 141 30.15 -18.41 -18.40
C ALA D 141 31.45 -19.11 -18.05
N ARG D 142 31.38 -20.13 -17.19
CA ARG D 142 32.60 -20.84 -16.81
C ARG D 142 33.18 -21.66 -17.95
N THR D 143 32.33 -22.15 -18.87
CA THR D 143 32.88 -22.93 -19.98
C THR D 143 33.69 -22.09 -20.95
N GLY D 144 33.62 -20.77 -20.84
CA GLY D 144 34.30 -19.90 -21.79
C GLY D 144 33.49 -19.70 -23.05
N ARG D 145 34.19 -19.35 -24.12
CA ARG D 145 33.68 -19.25 -25.49
C ARG D 145 32.70 -18.10 -25.68
N TYR D 146 32.35 -17.36 -24.64
CA TYR D 146 31.28 -16.36 -24.71
C TYR D 146 31.76 -15.05 -24.12
N ALA D 147 31.52 -13.96 -24.85
CA ALA D 147 31.84 -12.63 -24.35
C ALA D 147 30.69 -11.97 -23.61
N ALA D 148 29.47 -12.48 -23.79
CA ALA D 148 28.31 -11.93 -23.09
C ALA D 148 27.23 -13.00 -23.04
N ILE D 149 26.31 -12.83 -22.09
CA ILE D 149 25.21 -13.76 -21.88
C ILE D 149 23.93 -12.95 -21.69
N VAL D 150 22.87 -13.35 -22.38
CA VAL D 150 21.59 -12.65 -22.34
C VAL D 150 20.54 -13.60 -21.82
N GLY D 151 19.77 -13.16 -20.83
CA GLY D 151 18.69 -13.96 -20.28
C GLY D 151 17.35 -13.29 -20.43
N ALA D 152 16.40 -13.96 -21.08
CA ALA D 152 15.10 -13.39 -21.39
C ALA D 152 13.99 -14.24 -20.77
N ALA D 153 13.04 -13.56 -20.12
CA ALA D 153 11.89 -14.22 -19.51
C ALA D 153 10.81 -13.17 -19.29
N PHE D 154 9.60 -13.66 -18.98
CA PHE D 154 8.43 -12.81 -18.78
C PHE D 154 7.75 -13.29 -17.50
N VAL D 155 8.11 -12.69 -16.37
CA VAL D 155 7.60 -13.08 -15.07
C VAL D 155 6.26 -12.38 -14.85
N ILE D 156 5.23 -13.17 -14.57
CA ILE D 156 3.85 -12.69 -14.64
C ILE D 156 3.15 -13.03 -13.32
N ASP D 157 2.42 -12.06 -12.78
CA ASP D 157 1.56 -12.29 -11.62
C ASP D 157 0.26 -12.93 -12.09
N GLY D 158 0.07 -14.20 -11.77
CA GLY D 158 -1.08 -14.94 -12.24
C GLY D 158 -2.36 -14.71 -11.46
N GLY D 159 -2.31 -13.96 -10.36
CA GLY D 159 -3.48 -13.70 -9.56
C GLY D 159 -3.77 -14.71 -8.48
N ILE D 160 -2.96 -15.76 -8.36
CA ILE D 160 -3.13 -16.78 -7.33
C ILE D 160 -1.98 -16.74 -6.32
N TYR D 161 -0.75 -16.89 -6.79
CA TYR D 161 0.43 -16.85 -5.95
C TYR D 161 1.21 -15.56 -6.17
N ARG D 162 2.06 -15.24 -5.20
CA ARG D 162 2.92 -14.07 -5.29
C ARG D 162 4.14 -14.40 -6.17
N HIS D 163 4.52 -13.44 -7.01
CA HIS D 163 5.56 -13.65 -8.01
C HIS D 163 6.83 -12.86 -7.76
N ASP D 164 6.86 -11.95 -6.79
CA ASP D 164 8.01 -11.08 -6.63
C ASP D 164 9.21 -11.80 -6.05
N PHE D 165 8.98 -12.88 -5.28
CA PHE D 165 10.10 -13.62 -4.70
C PHE D 165 10.98 -14.22 -5.80
N VAL D 166 10.36 -14.87 -6.79
CA VAL D 166 11.12 -15.50 -7.85
C VAL D 166 11.85 -14.46 -8.69
N ALA D 167 11.18 -13.35 -9.01
CA ALA D 167 11.83 -12.30 -9.80
C ALA D 167 13.03 -11.71 -9.07
N THR D 168 12.87 -11.42 -7.78
CA THR D 168 13.98 -10.89 -7.00
C THR D 168 15.14 -11.89 -6.96
N ALA D 169 14.83 -13.17 -6.73
CA ALA D 169 15.87 -14.18 -6.68
C ALA D 169 16.60 -14.29 -8.01
N VAL D 170 15.85 -14.23 -9.12
CA VAL D 170 16.47 -14.37 -10.43
C VAL D 170 17.40 -13.19 -10.72
N ILE D 171 16.92 -11.96 -10.45
CA ILE D 171 17.75 -10.79 -10.73
C ILE D 171 19.01 -10.82 -9.88
N ASN D 172 18.87 -11.08 -8.58
CA ASN D 172 20.02 -11.09 -7.70
C ASN D 172 20.99 -12.20 -8.05
N GLY D 173 20.48 -13.39 -8.40
CA GLY D 173 21.36 -14.48 -8.78
C GLY D 173 22.09 -14.21 -10.08
N MET D 174 21.42 -13.56 -11.04
CA MET D 174 22.08 -13.22 -12.30
C MET D 174 23.20 -12.21 -12.07
N MET D 175 22.96 -11.21 -11.22
CA MET D 175 24.02 -10.26 -10.90
C MET D 175 25.17 -10.95 -10.16
N GLN D 176 24.86 -11.85 -9.23
CA GLN D 176 25.90 -12.57 -8.51
C GLN D 176 26.73 -13.43 -9.46
N VAL D 177 26.08 -14.09 -10.41
CA VAL D 177 26.81 -14.90 -11.39
C VAL D 177 27.73 -14.02 -12.24
N GLN D 178 27.22 -12.89 -12.71
CA GLN D 178 28.04 -12.02 -13.55
C GLN D 178 29.21 -11.43 -12.78
N LEU D 179 29.06 -11.21 -11.47
CA LEU D 179 30.19 -10.77 -10.66
C LEU D 179 31.16 -11.91 -10.36
N GLU D 180 30.65 -13.13 -10.24
CA GLU D 180 31.51 -14.27 -9.93
C GLU D 180 32.40 -14.64 -11.12
N THR D 181 31.81 -14.74 -12.31
CA THR D 181 32.52 -15.25 -13.48
C THR D 181 33.15 -14.17 -14.33
N GLU D 182 32.89 -12.90 -14.05
CA GLU D 182 33.45 -11.77 -14.80
C GLU D 182 33.09 -11.85 -16.28
N VAL D 183 31.87 -12.28 -16.57
CA VAL D 183 31.31 -12.27 -17.92
C VAL D 183 30.02 -11.46 -17.87
N PRO D 184 29.86 -10.42 -18.70
CA PRO D 184 28.65 -9.60 -18.62
C PRO D 184 27.41 -10.43 -18.87
N VAL D 185 26.36 -10.16 -18.09
CA VAL D 185 25.07 -10.79 -18.26
C VAL D 185 24.02 -9.69 -18.33
N LEU D 186 23.35 -9.59 -19.48
CA LEU D 186 22.33 -8.58 -19.71
C LEU D 186 20.95 -9.14 -19.39
N SER D 187 20.12 -8.32 -18.76
CA SER D 187 18.84 -8.75 -18.23
C SER D 187 17.71 -8.31 -19.17
N VAL D 188 16.96 -9.28 -19.68
CA VAL D 188 15.75 -9.01 -20.42
C VAL D 188 14.60 -9.75 -19.76
N VAL D 189 14.71 -9.97 -18.46
CA VAL D 189 13.59 -10.49 -17.65
C VAL D 189 12.78 -9.30 -17.17
N LEU D 190 11.49 -9.28 -17.55
CA LEU D 190 10.65 -8.11 -17.34
C LEU D 190 9.39 -8.51 -16.61
N THR D 191 8.99 -7.69 -15.63
CA THR D 191 7.79 -7.93 -14.82
C THR D 191 6.82 -6.78 -15.00
N PRO D 192 5.73 -6.95 -15.75
CA PRO D 192 4.80 -5.85 -15.97
C PRO D 192 3.98 -5.56 -14.72
N HIS D 193 3.47 -4.32 -14.67
CA HIS D 193 2.61 -3.92 -13.57
C HIS D 193 1.30 -4.71 -13.57
N HIS D 194 0.68 -4.86 -14.74
CA HIS D 194 -0.61 -5.53 -14.86
C HIS D 194 -0.63 -6.33 -16.15
N PHE D 195 -1.16 -7.55 -16.07
CA PHE D 195 -1.32 -8.40 -17.26
C PHE D 195 -2.43 -9.39 -16.95
N HIS D 196 -3.63 -9.13 -17.49
CA HIS D 196 -4.81 -9.93 -17.19
C HIS D 196 -5.26 -10.80 -18.37
N GLU D 197 -4.43 -10.91 -19.42
CA GLU D 197 -4.70 -11.78 -20.56
C GLU D 197 -6.04 -11.44 -21.23
N SER D 198 -6.19 -10.17 -21.58
CA SER D 198 -7.38 -9.68 -22.27
C SER D 198 -7.13 -9.39 -23.74
N LYS D 199 -6.00 -9.86 -24.28
CA LYS D 199 -5.56 -9.81 -25.68
C LYS D 199 -5.17 -8.39 -26.08
N GLU D 200 -5.53 -7.40 -25.28
CA GLU D 200 -4.96 -6.07 -25.45
C GLU D 200 -3.55 -6.02 -24.90
N HIS D 201 -3.36 -6.56 -23.70
CA HIS D 201 -2.01 -6.76 -23.17
C HIS D 201 -1.21 -7.70 -24.07
N HIS D 202 -1.86 -8.75 -24.57
CA HIS D 202 -1.16 -9.69 -25.45
C HIS D 202 -0.69 -9.01 -26.72
N ASP D 203 -1.52 -8.14 -27.31
CA ASP D 203 -1.08 -7.42 -28.50
C ASP D 203 0.00 -6.38 -28.18
N PHE D 204 -0.08 -5.74 -27.03
CA PHE D 204 0.86 -4.68 -26.68
C PHE D 204 2.26 -5.25 -26.41
N PHE D 205 2.32 -6.32 -25.62
CA PHE D 205 3.62 -6.80 -25.16
C PHE D 205 4.41 -7.49 -26.26
N HIS D 206 3.74 -7.99 -27.31
CA HIS D 206 4.46 -8.47 -28.49
C HIS D 206 5.38 -7.39 -29.05
N ALA D 207 4.81 -6.23 -29.37
CA ALA D 207 5.60 -5.15 -29.94
C ALA D 207 6.59 -4.59 -28.91
N HIS D 208 6.20 -4.54 -27.64
CA HIS D 208 7.13 -3.99 -26.66
C HIS D 208 8.36 -4.87 -26.50
N PHE D 209 8.18 -6.20 -26.49
CA PHE D 209 9.34 -7.09 -26.46
C PHE D 209 10.12 -7.02 -27.77
N LYS D 210 9.43 -6.78 -28.89
CA LYS D 210 10.14 -6.56 -30.14
C LYS D 210 11.11 -5.38 -30.03
N VAL D 211 10.69 -4.32 -29.34
CA VAL D 211 11.59 -3.17 -29.13
C VAL D 211 12.70 -3.52 -28.14
N LYS D 212 12.35 -4.21 -27.05
CA LYS D 212 13.33 -4.54 -26.02
C LYS D 212 14.45 -5.42 -26.56
N GLY D 213 14.14 -6.28 -27.54
CA GLY D 213 15.20 -7.10 -28.13
C GLY D 213 16.27 -6.27 -28.81
N VAL D 214 15.86 -5.29 -29.60
CA VAL D 214 16.81 -4.40 -30.25
C VAL D 214 17.61 -3.62 -29.22
N GLU D 215 16.92 -3.12 -28.18
CA GLU D 215 17.62 -2.38 -27.14
C GLU D 215 18.70 -3.24 -26.48
N ALA D 216 18.36 -4.49 -26.16
CA ALA D 216 19.34 -5.38 -25.53
C ALA D 216 20.49 -5.70 -26.48
N ALA D 217 20.20 -5.84 -27.77
CA ALA D 217 21.27 -6.07 -28.74
C ALA D 217 22.27 -4.92 -28.74
N HIS D 218 21.76 -3.69 -28.80
CA HIS D 218 22.66 -2.54 -28.80
C HIS D 218 23.47 -2.47 -27.51
N ALA D 219 22.81 -2.71 -26.37
CA ALA D 219 23.52 -2.66 -25.09
C ALA D 219 24.62 -3.71 -25.02
N ALA D 220 24.34 -4.93 -25.51
CA ALA D 220 25.34 -5.98 -25.47
C ALA D 220 26.55 -5.63 -26.33
N LEU D 221 26.30 -5.14 -27.55
CA LEU D 221 27.42 -4.74 -28.39
C LEU D 221 28.26 -3.67 -27.72
N GLN D 222 27.61 -2.65 -27.18
CA GLN D 222 28.35 -1.55 -26.56
C GLN D 222 29.16 -2.02 -25.36
N ILE D 223 28.58 -2.86 -24.51
CA ILE D 223 29.29 -3.28 -23.31
C ILE D 223 30.47 -4.17 -23.65
N VAL D 224 30.31 -5.06 -24.65
CA VAL D 224 31.44 -5.90 -25.05
C VAL D 224 32.57 -5.04 -25.61
N SER D 225 32.23 -4.07 -26.47
CA SER D 225 33.27 -3.21 -27.03
C SER D 225 33.98 -2.42 -25.96
N GLU D 226 33.24 -1.85 -25.01
CA GLU D 226 33.87 -1.06 -23.95
C GLU D 226 34.75 -1.92 -23.05
N ARG D 227 34.28 -3.10 -22.67
CA ARG D 227 35.07 -3.97 -21.82
C ARG D 227 36.35 -4.41 -22.53
N SER D 228 36.27 -4.68 -23.82
CA SER D 228 37.49 -4.99 -24.56
C SER D 228 38.40 -3.78 -24.64
N ARG D 229 37.84 -2.57 -24.66
CA ARG D 229 38.67 -1.37 -24.76
C ARG D 229 39.46 -1.12 -23.48
N ILE D 230 38.78 -1.16 -22.32
CA ILE D 230 39.46 -0.81 -21.07
C ILE D 230 40.47 -1.85 -20.62
N ALA D 231 40.49 -3.03 -21.24
CA ALA D 231 41.41 -4.09 -20.85
C ALA D 231 42.79 -3.94 -21.48
N ALA D 232 42.99 -2.93 -22.32
CA ALA D 232 44.29 -2.72 -22.96
C ALA D 232 45.06 -1.60 -22.25
N MET E 1 45.42 -53.39 -16.63
CA MET E 1 45.41 -52.24 -15.73
C MET E 1 45.66 -52.77 -14.33
N HIS E 2 46.39 -52.00 -13.51
CA HIS E 2 46.83 -52.50 -12.22
C HIS E 2 45.66 -52.75 -11.29
N ALA E 3 45.79 -53.76 -10.43
CA ALA E 3 44.72 -54.15 -9.52
C ALA E 3 44.49 -53.07 -8.46
N ASP E 4 43.23 -52.87 -8.10
CA ASP E 4 42.85 -51.88 -7.10
C ASP E 4 42.63 -52.60 -5.77
N CYS E 5 43.65 -52.53 -4.90
CA CYS E 5 43.52 -53.13 -3.57
C CYS E 5 42.43 -52.45 -2.76
N ALA E 6 42.37 -51.12 -2.81
CA ALA E 6 41.35 -50.36 -2.09
C ALA E 6 41.32 -48.95 -2.66
N LYS E 7 40.11 -48.42 -2.86
CA LYS E 7 39.91 -47.09 -3.40
C LYS E 7 38.98 -46.32 -2.47
N GLY E 8 39.38 -45.12 -2.08
CA GLY E 8 38.58 -44.30 -1.21
C GLY E 8 39.43 -43.25 -0.53
N LYS E 9 38.76 -42.46 0.31
CA LYS E 9 39.44 -41.42 1.06
C LYS E 9 40.30 -42.02 2.17
N ILE E 10 41.40 -41.34 2.48
CA ILE E 10 42.30 -41.79 3.53
C ILE E 10 41.60 -41.60 4.87
N GLU E 11 41.19 -42.71 5.50
CA GLU E 11 40.50 -42.62 6.78
C GLU E 11 41.40 -42.03 7.86
N PHE E 12 42.67 -42.46 7.91
CA PHE E 12 43.63 -41.88 8.83
C PHE E 12 45.03 -42.18 8.32
N SER E 13 45.94 -41.23 8.53
CA SER E 13 47.33 -41.37 8.14
C SER E 13 48.19 -41.43 9.40
N LYS E 14 49.05 -42.45 9.49
CA LYS E 14 49.88 -42.68 10.66
C LYS E 14 51.31 -42.90 10.21
N TYR E 15 52.19 -41.96 10.57
CA TYR E 15 53.62 -42.08 10.27
C TYR E 15 54.29 -42.79 11.44
N ASN E 16 54.56 -44.08 11.26
CA ASN E 16 55.16 -44.87 12.32
C ASN E 16 56.64 -44.51 12.47
N GLU E 17 57.23 -45.01 13.57
CA GLU E 17 58.63 -44.70 13.88
C GLU E 17 59.62 -45.40 12.96
N ASP E 18 59.18 -46.36 12.15
CA ASP E 18 60.05 -47.09 11.25
C ASP E 18 60.07 -46.47 9.85
N ASP E 19 59.88 -45.15 9.74
CA ASP E 19 59.90 -44.44 8.46
C ASP E 19 58.87 -45.00 7.49
N THR E 20 57.69 -45.37 8.00
CA THR E 20 56.60 -45.88 7.20
C THR E 20 55.37 -45.00 7.40
N PHE E 21 54.69 -44.68 6.31
CA PHE E 21 53.50 -43.85 6.33
C PHE E 21 52.29 -44.75 6.14
N THR E 22 51.63 -45.10 7.24
CA THR E 22 50.47 -45.98 7.21
C THR E 22 49.22 -45.15 6.93
N VAL E 23 48.49 -45.51 5.86
CA VAL E 23 47.28 -44.81 5.46
C VAL E 23 46.18 -45.84 5.29
N LYS E 24 44.99 -45.54 5.83
CA LYS E 24 43.83 -46.42 5.73
C LYS E 24 42.92 -45.94 4.61
N VAL E 25 42.76 -46.76 3.59
CA VAL E 25 41.93 -46.45 2.43
C VAL E 25 40.88 -47.52 2.27
N ASP E 26 39.61 -47.12 2.19
CA ASP E 26 38.48 -48.03 1.99
C ASP E 26 38.42 -49.09 3.07
N GLY E 27 38.73 -48.71 4.31
CA GLY E 27 38.68 -49.61 5.44
C GLY E 27 39.87 -50.53 5.59
N LYS E 28 40.89 -50.40 4.75
CA LYS E 28 42.08 -51.25 4.81
C LYS E 28 43.30 -50.36 5.02
N GLU E 29 44.15 -50.76 5.96
CA GLU E 29 45.35 -49.99 6.30
C GLU E 29 46.51 -50.42 5.42
N TYR E 30 47.18 -49.45 4.79
CA TYR E 30 48.35 -49.70 3.98
C TYR E 30 49.46 -48.73 4.37
N TRP E 31 50.70 -49.21 4.30
CA TRP E 31 51.87 -48.42 4.67
C TRP E 31 52.87 -48.41 3.52
N THR E 32 53.62 -47.33 3.41
CA THR E 32 54.66 -47.19 2.40
C THR E 32 55.94 -46.66 3.03
N SER E 33 57.07 -47.18 2.57
CA SER E 33 58.38 -46.76 3.05
C SER E 33 59.03 -45.71 2.17
N ARG E 34 58.34 -45.26 1.12
CA ARG E 34 58.92 -44.26 0.22
C ARG E 34 58.97 -42.90 0.89
N TRP E 35 60.12 -42.25 0.83
CA TRP E 35 60.27 -40.92 1.42
C TRP E 35 59.49 -39.88 0.62
N ASN E 36 59.47 -40.01 -0.70
CA ASN E 36 58.76 -39.04 -1.53
C ASN E 36 57.25 -39.17 -1.40
N LEU E 37 56.76 -40.37 -1.08
CA LEU E 37 55.32 -40.57 -1.01
C LEU E 37 54.70 -39.93 0.23
N GLN E 38 55.48 -39.74 1.29
CA GLN E 38 54.94 -39.19 2.53
C GLN E 38 54.40 -37.77 2.35
N PRO E 39 55.14 -36.81 1.79
CA PRO E 39 54.52 -35.50 1.55
C PRO E 39 53.35 -35.56 0.57
N LEU E 40 53.44 -36.42 -0.44
CA LEU E 40 52.34 -36.59 -1.37
C LEU E 40 51.10 -37.13 -0.66
N LEU E 41 51.29 -38.13 0.22
CA LEU E 41 50.16 -38.66 0.97
C LEU E 41 49.58 -37.63 1.91
N GLN E 42 50.43 -36.83 2.56
CA GLN E 42 49.92 -35.78 3.43
C GLN E 42 49.12 -34.75 2.67
N SER E 43 49.61 -34.34 1.49
CA SER E 43 48.88 -33.40 0.66
C SER E 43 47.55 -33.99 0.19
N ALA E 44 47.55 -35.27 -0.18
CA ALA E 44 46.31 -35.93 -0.57
C ALA E 44 45.31 -35.96 0.57
N GLN E 45 45.79 -36.24 1.78
CA GLN E 45 44.90 -36.27 2.95
C GLN E 45 44.33 -34.89 3.24
N LEU E 46 45.16 -33.86 3.20
CA LEU E 46 44.69 -32.52 3.55
C LEU E 46 43.86 -31.87 2.45
N THR E 47 43.96 -32.37 1.22
CA THR E 47 43.19 -31.82 0.11
C THR E 47 41.82 -32.47 -0.04
N GLY E 48 41.47 -33.42 0.83
CA GLY E 48 40.19 -34.09 0.74
C GLY E 48 40.01 -34.92 -0.51
N MET E 49 41.03 -35.69 -0.89
CA MET E 49 41.01 -36.48 -2.10
C MET E 49 41.04 -37.96 -1.77
N THR E 50 40.60 -38.77 -2.74
CA THR E 50 40.54 -40.21 -2.60
C THR E 50 41.65 -40.84 -3.44
N VAL E 51 42.48 -41.66 -2.80
CA VAL E 51 43.58 -42.33 -3.48
C VAL E 51 43.27 -43.82 -3.56
N THR E 52 43.90 -44.48 -4.53
CA THR E 52 43.72 -45.91 -4.75
C THR E 52 45.05 -46.61 -4.48
N ILE E 53 45.12 -47.36 -3.38
CA ILE E 53 46.33 -48.08 -3.02
C ILE E 53 46.52 -49.25 -3.96
N LYS E 54 47.72 -49.36 -4.53
CA LYS E 54 48.02 -50.40 -5.50
C LYS E 54 49.28 -51.14 -5.09
N SER E 55 49.19 -52.47 -4.99
CA SER E 55 50.34 -53.29 -4.63
C SER E 55 50.05 -54.72 -5.06
N SER E 56 51.12 -55.52 -5.12
CA SER E 56 50.96 -56.93 -5.43
C SER E 56 50.20 -57.67 -4.34
N THR E 57 50.27 -57.20 -3.10
CA THR E 57 49.54 -57.79 -1.98
C THR E 57 48.51 -56.78 -1.50
N CYS E 58 47.25 -57.20 -1.47
CA CYS E 58 46.14 -56.33 -1.10
C CYS E 58 45.68 -56.55 0.34
N GLU E 59 46.39 -57.36 1.12
CA GLU E 59 46.00 -57.62 2.49
C GLU E 59 46.31 -56.42 3.38
N SER E 60 45.73 -56.43 4.57
CA SER E 60 45.94 -55.34 5.52
C SER E 60 47.38 -55.33 6.01
N GLY E 61 47.92 -54.12 6.16
CA GLY E 61 49.29 -53.98 6.62
C GLY E 61 50.34 -54.35 5.60
N SER E 62 49.99 -54.35 4.32
CA SER E 62 50.92 -54.71 3.25
C SER E 62 51.51 -53.44 2.63
N GLY E 63 52.81 -53.51 2.32
CA GLY E 63 53.47 -52.37 1.72
C GLY E 63 52.99 -52.10 0.31
N PHE E 64 53.08 -50.85 -0.11
CA PHE E 64 52.67 -50.45 -1.44
C PHE E 64 53.57 -49.33 -1.93
N ALA E 65 53.69 -49.23 -3.26
CA ALA E 65 54.48 -48.17 -3.87
C ALA E 65 53.81 -47.58 -5.11
N GLU E 66 52.59 -48.00 -5.43
CA GLU E 66 51.88 -47.52 -6.61
C GLU E 66 50.55 -46.91 -6.17
N VAL E 67 50.22 -45.75 -6.74
CA VAL E 67 48.99 -45.04 -6.41
C VAL E 67 48.63 -44.15 -7.59
N GLN E 68 47.33 -43.94 -7.79
CA GLN E 68 46.82 -43.16 -8.91
C GLN E 68 45.92 -42.05 -8.40
N PHE E 69 46.15 -40.83 -8.90
CA PHE E 69 45.30 -39.67 -8.60
C PHE E 69 44.64 -39.24 -9.91
N ASN E 70 43.36 -39.56 -10.07
CA ASN E 70 42.65 -39.24 -11.29
C ASN E 70 42.57 -37.73 -11.51
N ASN E 71 41.80 -37.04 -10.66
CA ASN E 71 41.76 -35.57 -10.70
C ASN E 71 41.43 -35.09 -9.28
N ASP E 72 42.48 -34.82 -8.50
CA ASP E 72 42.35 -34.37 -7.11
C ASP E 72 41.40 -35.27 -6.32
N GLY E 73 41.42 -36.56 -6.65
CA GLY E 73 40.56 -37.52 -5.99
C GLY E 73 39.08 -37.28 -6.27
N SER E 74 38.25 -37.86 -5.40
CA SER E 74 36.82 -37.66 -5.44
C SER E 74 36.33 -36.87 -4.23
N GLY E 75 36.60 -37.35 -3.02
CA GLY E 75 36.20 -36.62 -1.82
C GLY E 75 34.71 -36.38 -1.78
N SER E 76 34.35 -35.12 -1.54
CA SER E 76 32.95 -34.72 -1.58
C SER E 76 32.43 -34.55 -3.00
N GLY E 77 33.30 -34.65 -4.01
CA GLY E 77 32.90 -34.47 -5.39
C GLY E 77 32.15 -35.65 -5.97
N SER E 78 32.34 -35.90 -7.25
CA SER E 78 31.65 -36.95 -8.02
C SER E 78 30.14 -36.78 -8.04
N GLY E 79 29.65 -35.59 -7.69
CA GLY E 79 28.24 -35.28 -7.69
C GLY E 79 27.80 -34.56 -8.94
N SER E 80 26.78 -33.71 -8.79
CA SER E 80 26.22 -32.90 -9.88
C SER E 80 25.62 -33.75 -10.98
N GLY E 81 25.31 -35.01 -10.69
CA GLY E 81 24.71 -35.88 -11.68
C GLY E 81 25.06 -37.35 -11.46
N SER E 82 24.20 -38.25 -11.95
CA SER E 82 24.43 -39.67 -11.82
C SER E 82 24.69 -40.35 -13.16
N LEU E 83 23.76 -40.23 -14.11
CA LEU E 83 23.88 -40.82 -15.44
C LEU E 83 22.70 -40.34 -16.27
N LYS E 84 22.89 -40.29 -17.59
CA LYS E 84 21.80 -39.90 -18.47
C LYS E 84 20.79 -41.03 -18.62
N THR E 85 19.51 -40.67 -18.66
CA THR E 85 18.37 -41.57 -18.86
C THR E 85 18.16 -42.49 -17.65
N SER E 86 19.05 -42.41 -16.66
CA SER E 86 18.89 -43.18 -15.43
C SER E 86 19.55 -42.39 -14.31
N PHE E 87 18.74 -41.63 -13.55
CA PHE E 87 19.24 -40.82 -12.45
C PHE E 87 18.21 -40.85 -11.33
N LYS E 88 18.43 -40.02 -10.32
CA LYS E 88 17.56 -39.94 -9.15
C LYS E 88 17.20 -38.50 -8.87
N ILE E 89 16.07 -38.31 -8.20
CA ILE E 89 15.59 -37.00 -7.81
C ILE E 89 15.20 -37.05 -6.34
N ALA E 90 15.59 -36.02 -5.59
CA ALA E 90 15.25 -35.91 -4.17
C ALA E 90 14.09 -34.93 -4.01
N PHE E 91 13.03 -35.38 -3.37
CA PHE E 91 11.83 -34.56 -3.16
C PHE E 91 11.74 -34.22 -1.69
N ILE E 92 12.14 -33.00 -1.34
CA ILE E 92 12.05 -32.51 0.03
C ILE E 92 10.72 -31.80 0.20
N GLN E 93 9.96 -32.20 1.22
CA GLN E 93 8.63 -31.67 1.45
C GLN E 93 8.46 -31.26 2.90
N ALA E 94 7.78 -30.15 3.12
CA ALA E 94 7.49 -29.67 4.47
C ALA E 94 6.24 -30.33 5.01
N ARG E 95 6.19 -30.50 6.33
CA ARG E 95 5.07 -31.14 6.99
C ARG E 95 4.04 -30.14 7.50
N TRP E 96 4.21 -28.86 7.22
CA TRP E 96 3.21 -27.85 7.52
C TRP E 96 2.25 -27.78 6.35
N HIS E 97 0.95 -27.95 6.62
CA HIS E 97 -0.08 -28.09 5.59
C HIS E 97 0.25 -29.29 4.69
N ALA E 98 0.27 -30.47 5.31
CA ALA E 98 0.71 -31.67 4.61
C ALA E 98 -0.29 -32.14 3.56
N ASP E 99 -1.57 -31.80 3.73
CA ASP E 99 -2.61 -32.33 2.85
C ASP E 99 -2.54 -31.78 1.44
N ILE E 100 -1.74 -30.75 1.19
CA ILE E 100 -1.59 -30.16 -0.13
C ILE E 100 -0.25 -30.52 -0.76
N VAL E 101 0.82 -30.47 0.03
CA VAL E 101 2.12 -30.95 -0.43
C VAL E 101 2.02 -32.43 -0.78
N ASP E 102 1.15 -33.17 -0.10
CA ASP E 102 0.94 -34.57 -0.45
C ASP E 102 0.38 -34.71 -1.86
N GLU E 103 -0.60 -33.87 -2.22
CA GLU E 103 -1.13 -33.90 -3.57
C GLU E 103 -0.06 -33.55 -4.60
N ALA E 104 0.74 -32.52 -4.30
CA ALA E 104 1.82 -32.14 -5.21
C ALA E 104 2.78 -33.30 -5.43
N ARG E 105 3.20 -33.96 -4.34
CA ARG E 105 4.14 -35.06 -4.45
C ARG E 105 3.55 -36.24 -5.22
N LYS E 106 2.29 -36.56 -4.96
CA LYS E 106 1.65 -37.67 -5.67
C LYS E 106 1.58 -37.39 -7.17
N SER E 107 1.20 -36.17 -7.54
CA SER E 107 1.17 -35.82 -8.96
C SER E 107 2.55 -35.91 -9.58
N PHE E 108 3.58 -35.39 -8.89
CA PHE E 108 4.93 -35.44 -9.41
C PHE E 108 5.38 -36.88 -9.67
N VAL E 109 5.20 -37.74 -8.66
CA VAL E 109 5.64 -39.13 -8.78
C VAL E 109 4.87 -39.85 -9.88
N ALA E 110 3.55 -39.64 -9.94
CA ALA E 110 2.74 -40.32 -10.95
C ALA E 110 3.16 -39.91 -12.35
N GLU E 111 3.39 -38.61 -12.57
CA GLU E 111 3.81 -38.16 -13.89
C GLU E 111 5.17 -38.71 -14.27
N LEU E 112 6.11 -38.68 -13.32
CA LEU E 112 7.45 -39.24 -13.58
C LEU E 112 7.28 -40.70 -14.01
N ALA E 113 6.54 -41.49 -13.22
CA ALA E 113 6.37 -42.91 -13.52
C ALA E 113 5.68 -43.12 -14.86
N ALA E 114 4.78 -42.20 -15.24
CA ALA E 114 4.08 -42.34 -16.52
C ALA E 114 5.03 -42.11 -17.70
N LYS E 115 5.83 -41.04 -17.64
CA LYS E 115 6.70 -40.74 -18.77
C LYS E 115 7.92 -41.66 -18.81
N THR E 116 8.76 -41.61 -17.77
CA THR E 116 10.00 -42.36 -17.77
C THR E 116 9.76 -43.86 -17.69
N GLY E 117 8.75 -44.27 -16.91
CA GLY E 117 8.46 -45.68 -16.75
C GLY E 117 9.52 -46.48 -16.02
N GLY E 118 10.05 -45.95 -14.93
CA GLY E 118 11.03 -46.64 -14.13
C GLY E 118 12.47 -46.21 -14.35
N SER E 119 12.71 -45.31 -15.31
CA SER E 119 14.07 -44.85 -15.55
C SER E 119 14.54 -43.87 -14.48
N VAL E 120 13.60 -43.15 -13.86
CA VAL E 120 13.91 -42.14 -12.85
C VAL E 120 13.28 -42.58 -11.53
N GLU E 121 14.08 -42.58 -10.46
CA GLU E 121 13.62 -42.90 -9.13
C GLU E 121 13.55 -41.64 -8.29
N VAL E 122 12.44 -41.49 -7.56
CA VAL E 122 12.21 -40.32 -6.72
C VAL E 122 12.26 -40.76 -5.26
N GLU E 123 13.09 -40.09 -4.47
CA GLU E 123 13.21 -40.35 -3.04
C GLU E 123 12.56 -39.20 -2.27
N ILE E 124 11.84 -39.54 -1.21
CA ILE E 124 11.07 -38.58 -0.45
C ILE E 124 11.78 -38.29 0.87
N PHE E 125 11.98 -37.01 1.17
CA PHE E 125 12.61 -36.58 2.40
C PHE E 125 11.68 -35.62 3.12
N ASP E 126 11.48 -35.85 4.42
CA ASP E 126 10.52 -35.10 5.20
C ASP E 126 11.25 -34.04 6.03
N VAL E 127 10.63 -32.87 6.16
CA VAL E 127 11.26 -31.73 6.83
C VAL E 127 10.18 -30.96 7.59
N PRO E 128 10.45 -30.54 8.84
CA PRO E 128 9.38 -29.91 9.64
C PRO E 128 8.80 -28.64 9.04
N GLY E 129 9.59 -27.81 8.37
CA GLY E 129 9.07 -26.56 7.87
C GLY E 129 9.88 -26.05 6.70
N ALA E 130 9.33 -25.03 6.04
CA ALA E 130 9.97 -24.50 4.84
C ALA E 130 11.34 -23.92 5.14
N TYR E 131 11.56 -23.43 6.36
CA TYR E 131 12.85 -22.81 6.71
C TYR E 131 14.00 -23.81 6.72
N GLU E 132 13.71 -25.11 6.79
CA GLU E 132 14.75 -26.13 6.88
C GLU E 132 14.98 -26.87 5.58
N ILE E 133 14.51 -26.33 4.47
CA ILE E 133 14.70 -26.95 3.15
C ILE E 133 16.10 -26.67 2.59
N PRO E 134 16.60 -25.41 2.59
CA PRO E 134 17.89 -25.17 1.91
C PRO E 134 19.06 -25.97 2.46
N LEU E 135 19.15 -26.17 3.77
CA LEU E 135 20.28 -26.93 4.31
C LEU E 135 20.18 -28.40 3.93
N HIS E 136 18.96 -28.96 3.98
CA HIS E 136 18.76 -30.33 3.52
C HIS E 136 19.13 -30.48 2.04
N ALA E 137 18.75 -29.48 1.23
CA ALA E 137 19.09 -29.52 -0.19
C ALA E 137 20.60 -29.45 -0.39
N LYS E 138 21.29 -28.62 0.39
CA LYS E 138 22.74 -28.55 0.27
C LYS E 138 23.39 -29.88 0.63
N THR E 139 22.92 -30.52 1.71
CA THR E 139 23.48 -31.82 2.09
C THR E 139 23.25 -32.86 1.00
N LEU E 140 22.01 -32.95 0.51
CA LEU E 140 21.69 -33.93 -0.52
C LEU E 140 22.34 -33.62 -1.86
N ALA E 141 22.77 -32.38 -2.08
CA ALA E 141 23.49 -32.05 -3.30
C ALA E 141 24.97 -32.39 -3.17
N ARG E 142 25.57 -32.10 -2.01
CA ARG E 142 26.98 -32.42 -1.82
C ARG E 142 27.21 -33.91 -1.76
N THR E 143 26.24 -34.68 -1.27
CA THR E 143 26.46 -36.13 -1.20
C THR E 143 26.51 -36.79 -2.56
N GLY E 144 26.08 -36.09 -3.61
CA GLY E 144 26.01 -36.69 -4.93
C GLY E 144 24.73 -37.48 -5.13
N ARG E 145 24.78 -38.41 -6.08
CA ARG E 145 23.74 -39.38 -6.37
C ARG E 145 22.48 -38.77 -6.98
N TYR E 146 22.40 -37.45 -7.11
CA TYR E 146 21.18 -36.79 -7.52
C TYR E 146 21.47 -35.81 -8.65
N ALA E 147 20.65 -35.86 -9.69
CA ALA E 147 20.77 -34.91 -10.80
C ALA E 147 19.91 -33.67 -10.61
N ALA E 148 18.89 -33.74 -9.75
CA ALA E 148 18.04 -32.59 -9.48
C ALA E 148 17.44 -32.75 -8.10
N ILE E 149 17.01 -31.63 -7.52
CA ILE E 149 16.41 -31.58 -6.19
C ILE E 149 15.16 -30.73 -6.26
N VAL E 150 14.07 -31.21 -5.66
CA VAL E 150 12.79 -30.52 -5.68
C VAL E 150 12.38 -30.24 -4.24
N GLY E 151 12.02 -28.99 -3.97
CA GLY E 151 11.56 -28.60 -2.65
C GLY E 151 10.15 -28.04 -2.67
N ALA E 152 9.25 -28.64 -1.91
CA ALA E 152 7.84 -28.28 -1.93
C ALA E 152 7.37 -27.87 -0.54
N ALA E 153 6.65 -26.76 -0.49
CA ALA E 153 6.09 -26.26 0.76
C ALA E 153 4.96 -25.30 0.43
N PHE E 154 4.19 -24.93 1.47
CA PHE E 154 3.03 -24.05 1.33
C PHE E 154 3.14 -22.98 2.42
N VAL E 155 3.74 -21.85 2.09
CA VAL E 155 3.96 -20.77 3.04
C VAL E 155 2.70 -19.92 3.11
N ILE E 156 2.16 -19.76 4.31
CA ILE E 156 0.82 -19.22 4.51
C ILE E 156 0.87 -18.06 5.49
N ASP E 157 0.19 -16.97 5.16
CA ASP E 157 0.02 -15.86 6.09
C ASP E 157 -1.12 -16.20 7.05
N GLY E 158 -0.79 -16.46 8.30
CA GLY E 158 -1.78 -16.87 9.28
C GLY E 158 -2.60 -15.77 9.88
N GLY E 159 -2.29 -14.50 9.58
CA GLY E 159 -3.04 -13.39 10.11
C GLY E 159 -2.53 -12.83 11.42
N ILE E 160 -1.52 -13.45 12.03
CA ILE E 160 -0.93 -12.99 13.28
C ILE E 160 0.46 -12.42 13.06
N TYR E 161 1.36 -13.22 12.50
CA TYR E 161 2.73 -12.81 12.21
C TYR E 161 2.92 -12.61 10.71
N ARG E 162 3.97 -11.86 10.38
CA ARG E 162 4.34 -11.65 8.99
C ARG E 162 5.10 -12.86 8.45
N HIS E 163 4.82 -13.22 7.21
CA HIS E 163 5.33 -14.46 6.62
C HIS E 163 6.32 -14.24 5.48
N ASP E 164 6.48 -13.01 5.00
CA ASP E 164 7.28 -12.80 3.80
C ASP E 164 8.77 -12.94 4.08
N PHE E 165 9.21 -12.72 5.32
CA PHE E 165 10.62 -12.85 5.64
C PHE E 165 11.11 -14.28 5.42
N VAL E 166 10.36 -15.26 5.93
CA VAL E 166 10.76 -16.66 5.80
C VAL E 166 10.71 -17.10 4.35
N ALA E 167 9.69 -16.67 3.61
CA ALA E 167 9.58 -17.04 2.20
C ALA E 167 10.76 -16.48 1.40
N THR E 168 11.08 -15.21 1.62
CA THR E 168 12.23 -14.60 0.92
C THR E 168 13.51 -15.34 1.27
N ALA E 169 13.71 -15.64 2.56
CA ALA E 169 14.91 -16.35 2.98
C ALA E 169 15.00 -17.71 2.32
N VAL E 170 13.88 -18.43 2.24
CA VAL E 170 13.89 -19.78 1.67
C VAL E 170 14.20 -19.73 0.18
N ILE E 171 13.57 -18.82 -0.56
CA ILE E 171 13.83 -18.73 -2.00
C ILE E 171 15.28 -18.37 -2.26
N ASN E 172 15.79 -17.35 -1.56
CA ASN E 172 17.16 -16.93 -1.78
C ASN E 172 18.16 -18.02 -1.36
N GLY E 173 17.86 -18.73 -0.28
CA GLY E 173 18.75 -19.80 0.15
C GLY E 173 18.78 -20.97 -0.81
N MET E 174 17.62 -21.33 -1.37
CA MET E 174 17.60 -22.38 -2.37
C MET E 174 18.38 -21.98 -3.62
N MET E 175 18.23 -20.72 -4.04
CA MET E 175 19.02 -20.25 -5.18
C MET E 175 20.51 -20.28 -4.87
N GLN E 176 20.91 -19.85 -3.67
CA GLN E 176 22.31 -19.85 -3.30
C GLN E 176 22.87 -21.27 -3.25
N VAL E 177 22.09 -22.21 -2.72
CA VAL E 177 22.53 -23.60 -2.67
C VAL E 177 22.72 -24.16 -4.07
N GLN E 178 21.75 -23.90 -4.95
CA GLN E 178 21.86 -24.43 -6.31
C GLN E 178 23.03 -23.82 -7.06
N LEU E 179 23.36 -22.55 -6.78
CA LEU E 179 24.54 -21.96 -7.40
C LEU E 179 25.82 -22.52 -6.80
N GLU E 180 25.81 -22.82 -5.50
CA GLU E 180 27.02 -23.30 -4.83
C GLU E 180 27.38 -24.72 -5.27
N THR E 181 26.39 -25.62 -5.27
CA THR E 181 26.66 -27.03 -5.50
C THR E 181 26.51 -27.46 -6.95
N GLU E 182 26.04 -26.57 -7.83
CA GLU E 182 25.88 -26.86 -9.25
C GLU E 182 24.96 -28.06 -9.48
N VAL E 183 23.91 -28.16 -8.68
CA VAL E 183 22.86 -29.16 -8.85
C VAL E 183 21.55 -28.40 -8.98
N PRO E 184 20.78 -28.58 -10.04
CA PRO E 184 19.54 -27.82 -10.20
C PRO E 184 18.58 -28.08 -9.05
N VAL E 185 17.94 -27.01 -8.59
CA VAL E 185 16.94 -27.08 -7.52
C VAL E 185 15.68 -26.39 -8.01
N LEU E 186 14.61 -27.15 -8.13
CA LEU E 186 13.33 -26.63 -8.63
C LEU E 186 12.44 -26.26 -7.46
N SER E 187 11.82 -25.09 -7.53
CA SER E 187 11.08 -24.51 -6.42
C SER E 187 9.58 -24.77 -6.61
N VAL E 188 8.98 -25.50 -5.66
CA VAL E 188 7.55 -25.68 -5.63
C VAL E 188 7.04 -25.17 -4.29
N VAL E 189 7.72 -24.17 -3.73
CA VAL E 189 7.25 -23.48 -2.54
C VAL E 189 6.44 -22.28 -3.01
N LEU E 190 5.17 -22.22 -2.60
CA LEU E 190 4.22 -21.26 -3.16
C LEU E 190 3.55 -20.48 -2.05
N THR E 191 3.39 -19.19 -2.26
CA THR E 191 2.75 -18.29 -1.29
C THR E 191 1.51 -17.68 -1.91
N PRO E 192 0.31 -18.10 -1.50
CA PRO E 192 -0.91 -17.55 -2.10
C PRO E 192 -1.18 -16.13 -1.63
N HIS E 193 -1.98 -15.42 -2.44
CA HIS E 193 -2.37 -14.06 -2.09
C HIS E 193 -3.26 -14.05 -0.85
N HIS E 194 -4.24 -14.94 -0.79
CA HIS E 194 -5.18 -15.01 0.31
C HIS E 194 -5.53 -16.45 0.62
N PHE E 195 -5.59 -16.79 1.90
CA PHE E 195 -5.99 -18.13 2.33
C PHE E 195 -6.52 -18.03 3.74
N HIS E 196 -7.85 -18.05 3.89
CA HIS E 196 -8.50 -17.86 5.17
C HIS E 196 -9.13 -19.13 5.72
N GLU E 197 -8.81 -20.29 5.15
CA GLU E 197 -9.28 -21.59 5.64
C GLU E 197 -10.81 -21.64 5.70
N SER E 198 -11.44 -21.37 4.55
CA SER E 198 -12.89 -21.38 4.43
C SER E 198 -13.39 -22.57 3.65
N LYS E 199 -12.54 -23.56 3.41
CA LYS E 199 -12.85 -24.85 2.76
C LYS E 199 -13.07 -24.64 1.27
N GLU E 200 -13.27 -23.40 0.85
CA GLU E 200 -13.25 -23.10 -0.59
C GLU E 200 -11.81 -22.99 -1.07
N HIS E 201 -10.99 -22.25 -0.35
CA HIS E 201 -9.55 -22.24 -0.59
C HIS E 201 -8.98 -23.64 -0.42
N HIS E 202 -9.45 -24.38 0.59
CA HIS E 202 -8.95 -25.72 0.83
C HIS E 202 -9.27 -26.65 -0.34
N ASP E 203 -10.46 -26.54 -0.91
CA ASP E 203 -10.79 -27.38 -2.06
C ASP E 203 -10.06 -26.93 -3.32
N PHE E 204 -9.82 -25.62 -3.47
CA PHE E 204 -9.17 -25.11 -4.67
C PHE E 204 -7.69 -25.49 -4.72
N PHE E 205 -6.99 -25.32 -3.59
CA PHE E 205 -5.55 -25.48 -3.61
C PHE E 205 -5.13 -26.94 -3.72
N HIS E 206 -5.99 -27.89 -3.33
CA HIS E 206 -5.72 -29.29 -3.59
C HIS E 206 -5.48 -29.53 -5.07
N ALA E 207 -6.44 -29.12 -5.90
CA ALA E 207 -6.32 -29.33 -7.34
C ALA E 207 -5.20 -28.48 -7.93
N HIS E 208 -5.01 -27.26 -7.41
CA HIS E 208 -3.95 -26.43 -7.98
C HIS E 208 -2.57 -27.03 -7.71
N PHE E 209 -2.34 -27.56 -6.52
CA PHE E 209 -1.09 -28.25 -6.24
C PHE E 209 -0.98 -29.53 -7.06
N LYS E 210 -2.11 -30.20 -7.31
CA LYS E 210 -2.09 -31.36 -8.19
C LYS E 210 -1.56 -30.99 -9.58
N VAL E 211 -1.94 -29.82 -10.09
CA VAL E 211 -1.42 -29.36 -11.37
C VAL E 211 0.06 -28.99 -11.26
N LYS E 212 0.42 -28.29 -10.19
CA LYS E 212 1.80 -27.83 -10.03
C LYS E 212 2.79 -28.99 -9.95
N GLY E 213 2.35 -30.13 -9.39
CA GLY E 213 3.24 -31.28 -9.34
C GLY E 213 3.64 -31.76 -10.73
N VAL E 214 2.67 -31.88 -11.63
CA VAL E 214 2.95 -32.30 -12.99
C VAL E 214 3.83 -31.28 -13.69
N GLU E 215 3.53 -29.99 -13.49
CA GLU E 215 4.36 -28.95 -14.10
C GLU E 215 5.81 -29.08 -13.66
N ALA E 216 6.03 -29.28 -12.35
CA ALA E 216 7.38 -29.41 -11.83
C ALA E 216 8.07 -30.65 -12.37
N ALA E 217 7.33 -31.75 -12.52
CA ALA E 217 7.92 -32.96 -13.08
C ALA E 217 8.43 -32.73 -14.49
N HIS E 218 7.61 -32.09 -15.33
CA HIS E 218 8.04 -31.80 -16.70
C HIS E 218 9.26 -30.88 -16.70
N ALA E 219 9.23 -29.84 -15.86
CA ALA E 219 10.35 -28.91 -15.82
C ALA E 219 11.64 -29.60 -15.39
N ALA E 220 11.56 -30.48 -14.39
CA ALA E 220 12.74 -31.18 -13.92
C ALA E 220 13.31 -32.08 -15.01
N LEU E 221 12.45 -32.84 -15.68
CA LEU E 221 12.93 -33.70 -16.76
C LEU E 221 13.64 -32.89 -17.84
N GLN E 222 13.01 -31.79 -18.26
CA GLN E 222 13.59 -31.01 -19.36
C GLN E 222 14.90 -30.36 -18.95
N ILE E 223 14.98 -29.85 -17.72
CA ILE E 223 16.21 -29.17 -17.31
C ILE E 223 17.35 -30.16 -17.15
N VAL E 224 17.07 -31.37 -16.62
CA VAL E 224 18.13 -32.36 -16.51
C VAL E 224 18.61 -32.78 -17.89
N SER E 225 17.69 -33.00 -18.83
CA SER E 225 18.10 -33.37 -20.18
C SER E 225 18.95 -32.28 -20.82
N GLU E 226 18.54 -31.01 -20.69
CA GLU E 226 19.30 -29.93 -21.29
C GLU E 226 20.69 -29.79 -20.67
N ARG E 227 20.76 -29.87 -19.34
CA ARG E 227 22.06 -29.75 -18.67
C ARG E 227 22.99 -30.87 -19.09
N SER E 228 22.46 -32.10 -19.23
CA SER E 228 23.29 -33.18 -19.73
C SER E 228 23.69 -32.95 -21.18
N ARG E 229 22.85 -32.28 -21.97
CA ARG E 229 23.18 -32.03 -23.37
C ARG E 229 24.31 -31.04 -23.52
N ILE E 230 24.25 -29.91 -22.82
CA ILE E 230 25.25 -28.85 -23.02
C ILE E 230 26.62 -29.20 -22.44
N ALA E 231 26.71 -30.29 -21.69
CA ALA E 231 27.99 -30.69 -21.09
C ALA E 231 28.84 -31.53 -22.02
N ALA E 232 28.38 -31.81 -23.24
CA ALA E 232 29.14 -32.60 -24.19
C ALA E 232 29.77 -31.70 -25.25
N MET F 1 -46.50 52.10 -17.62
CA MET F 1 -46.45 51.02 -16.65
C MET F 1 -46.61 51.65 -15.27
N HIS F 2 -47.29 50.94 -14.36
CA HIS F 2 -47.66 51.53 -13.08
C HIS F 2 -46.42 51.84 -12.25
N ALA F 3 -46.51 52.92 -11.46
CA ALA F 3 -45.38 53.37 -10.65
C ALA F 3 -45.09 52.37 -9.53
N ASP F 4 -43.81 52.20 -9.23
CA ASP F 4 -43.35 51.29 -8.18
C ASP F 4 -43.07 52.13 -6.93
N CYS F 5 -44.01 52.10 -5.98
CA CYS F 5 -43.79 52.81 -4.71
C CYS F 5 -42.64 52.19 -3.94
N ALA F 6 -42.58 50.86 -3.89
CA ALA F 6 -41.52 50.15 -3.18
C ALA F 6 -41.52 48.70 -3.64
N LYS F 7 -40.32 48.16 -3.88
CA LYS F 7 -40.15 46.78 -4.31
C LYS F 7 -39.16 46.09 -3.40
N GLY F 8 -39.54 44.93 -2.89
CA GLY F 8 -38.68 44.17 -2.00
C GLY F 8 -39.48 43.18 -1.20
N LYS F 9 -38.76 42.44 -0.36
CA LYS F 9 -39.38 41.45 0.51
C LYS F 9 -40.18 42.14 1.61
N ILE F 10 -41.24 41.47 2.06
CA ILE F 10 -42.08 42.01 3.13
C ILE F 10 -41.30 41.90 4.44
N GLU F 11 -40.83 43.05 4.95
CA GLU F 11 -40.07 43.04 6.19
C GLU F 11 -40.91 42.55 7.36
N PHE F 12 -42.15 43.01 7.45
CA PHE F 12 -43.07 42.52 8.48
C PHE F 12 -44.49 42.82 8.03
N SER F 13 -45.41 41.91 8.37
CA SER F 13 -46.82 42.06 8.08
C SER F 13 -47.60 42.19 9.38
N LYS F 14 -48.43 43.22 9.48
CA LYS F 14 -49.17 43.52 10.70
C LYS F 14 -50.64 43.73 10.35
N TYR F 15 -51.49 42.81 10.80
CA TYR F 15 -52.92 42.90 10.58
C TYR F 15 -53.53 43.68 11.73
N ASN F 16 -53.79 44.97 11.51
CA ASN F 16 -54.32 45.82 12.56
C ASN F 16 -55.79 45.50 12.81
N GLU F 17 -56.32 46.06 13.89
CA GLU F 17 -57.70 45.79 14.31
C GLU F 17 -58.73 46.43 13.40
N ASP F 18 -58.33 47.32 12.50
CA ASP F 18 -59.26 47.98 11.59
C ASP F 18 -59.38 47.27 10.25
N ASP F 19 -59.20 45.95 10.24
CA ASP F 19 -59.31 45.13 9.02
C ASP F 19 -58.35 45.62 7.93
N THR F 20 -57.14 46.01 8.33
CA THR F 20 -56.11 46.44 7.42
C THR F 20 -54.87 45.58 7.61
N PHE F 21 -54.26 45.18 6.49
CA PHE F 21 -53.07 44.34 6.49
C PHE F 21 -51.87 45.23 6.15
N THR F 22 -51.15 45.67 7.18
CA THR F 22 -50.00 46.54 7.00
C THR F 22 -48.76 45.69 6.70
N VAL F 23 -48.13 45.96 5.56
CA VAL F 23 -46.94 45.23 5.13
C VAL F 23 -45.85 46.23 4.81
N LYS F 24 -44.63 45.96 5.30
CA LYS F 24 -43.48 46.82 5.06
C LYS F 24 -42.66 46.25 3.92
N VAL F 25 -42.53 47.02 2.84
CA VAL F 25 -41.78 46.60 1.66
C VAL F 25 -40.74 47.67 1.35
N ASP F 26 -39.48 47.24 1.21
CA ASP F 26 -38.37 48.13 0.86
C ASP F 26 -38.24 49.27 1.87
N GLY F 27 -38.48 48.97 3.14
CA GLY F 27 -38.35 49.95 4.20
C GLY F 27 -39.52 50.88 4.37
N LYS F 28 -40.59 50.71 3.60
CA LYS F 28 -41.77 51.56 3.67
C LYS F 28 -42.98 50.70 4.02
N GLU F 29 -43.77 51.17 4.99
CA GLU F 29 -44.94 50.43 5.45
C GLU F 29 -46.17 50.81 4.63
N TYR F 30 -46.87 49.80 4.14
CA TYR F 30 -48.10 49.99 3.37
C TYR F 30 -49.18 49.06 3.91
N TRP F 31 -50.42 49.53 3.87
CA TRP F 31 -51.56 48.77 4.38
C TRP F 31 -52.64 48.69 3.31
N THR F 32 -53.39 47.60 3.34
CA THR F 32 -54.49 47.38 2.41
C THR F 32 -55.72 46.91 3.17
N SER F 33 -56.89 47.39 2.75
CA SER F 33 -58.15 47.01 3.35
C SER F 33 -58.86 45.90 2.60
N ARG F 34 -58.26 45.37 1.54
CA ARG F 34 -58.89 44.32 0.75
C ARG F 34 -58.89 43.01 1.53
N TRP F 35 -60.06 42.36 1.59
CA TRP F 35 -60.16 41.08 2.28
C TRP F 35 -59.44 39.97 1.53
N ASN F 36 -59.50 40.01 0.20
CA ASN F 36 -58.85 38.97 -0.60
C ASN F 36 -57.33 39.10 -0.59
N LEU F 37 -56.83 40.32 -0.39
CA LEU F 37 -55.37 40.53 -0.43
C LEU F 37 -54.68 39.98 0.80
N GLN F 38 -55.39 39.88 1.93
CA GLN F 38 -54.76 39.41 3.17
C GLN F 38 -54.24 37.98 3.06
N PRO F 39 -55.02 36.98 2.61
CA PRO F 39 -54.42 35.65 2.43
C PRO F 39 -53.32 35.63 1.39
N LEU F 40 -53.48 36.42 0.32
CA LEU F 40 -52.43 36.49 -0.70
C LEU F 40 -51.15 37.09 -0.13
N LEU F 41 -51.28 38.15 0.68
CA LEU F 41 -50.11 38.75 1.31
C LEU F 41 -49.45 37.78 2.29
N GLN F 42 -50.27 37.04 3.06
CA GLN F 42 -49.71 36.06 3.98
C GLN F 42 -48.95 34.97 3.24
N SER F 43 -49.52 34.47 2.13
CA SER F 43 -48.84 33.46 1.33
C SER F 43 -47.55 34.00 0.74
N ALA F 44 -47.57 35.24 0.26
CA ALA F 44 -46.37 35.87 -0.27
C ALA F 44 -45.29 35.99 0.80
N GLN F 45 -45.69 36.36 2.02
CA GLN F 45 -44.74 36.49 3.11
C GLN F 45 -44.14 35.14 3.48
N LEU F 46 -44.97 34.11 3.59
CA LEU F 46 -44.47 32.80 4.01
C LEU F 46 -43.72 32.07 2.92
N THR F 47 -43.89 32.46 1.65
CA THR F 47 -43.19 31.83 0.54
C THR F 47 -41.83 32.46 0.26
N GLY F 48 -41.44 33.48 1.04
CA GLY F 48 -40.16 34.13 0.82
C GLY F 48 -40.07 34.85 -0.51
N MET F 49 -41.10 35.60 -0.88
CA MET F 49 -41.17 36.30 -2.16
C MET F 49 -41.17 37.81 -1.94
N THR F 50 -40.79 38.52 -2.99
CA THR F 50 -40.72 39.99 -2.96
C THR F 50 -41.88 40.55 -3.77
N VAL F 51 -42.67 41.41 -3.15
CA VAL F 51 -43.81 42.04 -3.80
C VAL F 51 -43.52 43.52 -4.00
N THR F 52 -44.21 44.12 -4.97
CA THR F 52 -44.06 45.53 -5.30
C THR F 52 -45.37 46.23 -4.98
N ILE F 53 -45.35 47.09 -3.97
CA ILE F 53 -46.54 47.84 -3.58
C ILE F 53 -46.80 48.94 -4.61
N LYS F 54 -48.02 49.00 -5.11
CA LYS F 54 -48.40 49.96 -6.15
C LYS F 54 -49.63 50.71 -5.71
N SER F 55 -49.54 52.05 -5.72
CA SER F 55 -50.66 52.90 -5.36
C SER F 55 -50.41 54.30 -5.90
N SER F 56 -51.48 55.09 -5.95
CA SER F 56 -51.35 56.48 -6.37
C SER F 56 -50.50 57.29 -5.40
N THR F 57 -50.51 56.94 -4.12
CA THR F 57 -49.71 57.60 -3.10
C THR F 57 -48.64 56.63 -2.61
N CYS F 58 -47.37 57.04 -2.70
CA CYS F 58 -46.25 56.19 -2.33
C CYS F 58 -45.70 56.51 -0.94
N GLU F 59 -46.35 57.39 -0.20
CA GLU F 59 -45.87 57.76 1.12
C GLU F 59 -46.12 56.62 2.12
N SER F 60 -45.46 56.72 3.28
CA SER F 60 -45.60 55.72 4.31
C SER F 60 -47.02 55.74 4.89
N GLY F 61 -47.55 54.55 5.18
CA GLY F 61 -48.88 54.45 5.73
C GLY F 61 -50.00 54.75 4.75
N SER F 62 -49.73 54.65 3.45
CA SER F 62 -50.73 54.92 2.42
C SER F 62 -51.36 53.62 1.95
N GLY F 63 -52.67 53.66 1.72
CA GLY F 63 -53.37 52.48 1.25
C GLY F 63 -52.98 52.12 -0.17
N PHE F 64 -53.10 50.82 -0.48
CA PHE F 64 -52.77 50.31 -1.79
C PHE F 64 -53.70 49.16 -2.14
N ALA F 65 -53.91 48.96 -3.44
CA ALA F 65 -54.74 47.86 -3.92
C ALA F 65 -54.15 47.17 -5.15
N GLU F 66 -52.94 47.55 -5.57
CA GLU F 66 -52.32 47.00 -6.76
C GLU F 66 -50.97 46.41 -6.39
N VAL F 67 -50.69 45.19 -6.87
CA VAL F 67 -49.45 44.50 -6.58
C VAL F 67 -49.17 43.52 -7.71
N GLN F 68 -47.89 43.28 -7.98
CA GLN F 68 -47.46 42.41 -9.06
C GLN F 68 -46.51 41.35 -8.53
N PHE F 69 -46.75 40.10 -8.91
CA PHE F 69 -45.90 38.97 -8.58
C PHE F 69 -45.31 38.44 -9.88
N ASN F 70 -44.05 38.77 -10.15
CA ASN F 70 -43.42 38.36 -11.41
C ASN F 70 -43.31 36.85 -11.51
N ASN F 71 -42.48 36.23 -10.67
CA ASN F 71 -42.40 34.77 -10.61
C ASN F 71 -41.96 34.40 -9.18
N ASP F 72 -42.96 34.16 -8.32
CA ASP F 72 -42.73 33.82 -6.91
C ASP F 72 -41.76 34.80 -6.25
N GLY F 73 -41.80 36.05 -6.67
CA GLY F 73 -40.91 37.06 -6.12
C GLY F 73 -39.45 36.81 -6.47
N SER F 74 -38.58 37.45 -5.71
CA SER F 74 -37.15 37.25 -5.82
C SER F 74 -36.57 36.53 -4.61
N GLY F 75 -36.77 37.08 -3.41
CA GLY F 75 -36.30 36.43 -2.20
C GLY F 75 -34.81 36.19 -2.24
N SER F 76 -34.40 34.97 -1.92
CA SER F 76 -33.02 34.57 -2.02
C SER F 76 -32.59 34.25 -3.45
N GLY F 77 -33.54 34.24 -4.39
CA GLY F 77 -33.23 33.92 -5.78
C GLY F 77 -32.53 35.04 -6.52
N SER F 78 -32.82 35.16 -7.82
CA SER F 78 -32.20 36.13 -8.72
C SER F 78 -30.69 35.98 -8.81
N GLY F 79 -30.16 34.82 -8.45
CA GLY F 79 -28.75 34.54 -8.50
C GLY F 79 -28.36 33.75 -9.73
N SER F 80 -27.31 32.93 -9.59
CA SER F 80 -26.78 32.07 -10.65
C SER F 80 -26.29 32.87 -11.85
N GLY F 81 -25.97 34.15 -11.65
CA GLY F 81 -25.47 34.98 -12.73
C GLY F 81 -25.81 36.44 -12.58
N SER F 82 -25.02 37.32 -13.20
CA SER F 82 -25.27 38.75 -13.14
C SER F 82 -25.63 39.31 -14.51
N LEU F 83 -24.76 39.13 -15.51
CA LEU F 83 -24.97 39.61 -16.86
C LEU F 83 -23.84 39.08 -17.73
N LYS F 84 -24.13 38.91 -19.02
CA LYS F 84 -23.11 38.45 -19.95
C LYS F 84 -22.12 39.58 -20.25
N THR F 85 -20.84 39.21 -20.36
CA THR F 85 -19.73 40.09 -20.72
C THR F 85 -19.41 41.08 -19.59
N SER F 86 -20.23 41.07 -18.54
CA SER F 86 -19.96 41.92 -17.37
C SER F 86 -20.55 41.22 -16.15
N PHE F 87 -19.70 40.49 -15.43
CA PHE F 87 -20.12 39.77 -14.24
C PHE F 87 -19.01 39.88 -13.19
N LYS F 88 -19.16 39.11 -12.11
CA LYS F 88 -18.22 39.15 -10.99
C LYS F 88 -17.86 37.73 -10.59
N ILE F 89 -16.68 37.58 -10.00
CA ILE F 89 -16.18 36.30 -9.54
C ILE F 89 -15.69 36.46 -8.11
N ALA F 90 -16.03 35.50 -7.25
CA ALA F 90 -15.59 35.49 -5.87
C ALA F 90 -14.41 34.53 -5.73
N PHE F 91 -13.32 35.02 -5.16
CA PHE F 91 -12.10 34.22 -4.98
C PHE F 91 -11.92 33.99 -3.49
N ILE F 92 -12.28 32.79 -3.03
CA ILE F 92 -12.12 32.41 -1.63
C ILE F 92 -10.78 31.70 -1.49
N GLN F 93 -9.93 32.22 -0.62
CA GLN F 93 -8.58 31.71 -0.43
C GLN F 93 -8.34 31.40 1.03
N ALA F 94 -7.67 30.28 1.29
CA ALA F 94 -7.30 29.91 2.65
C ALA F 94 -6.00 30.59 3.06
N ARG F 95 -5.88 30.89 4.35
CA ARG F 95 -4.73 31.58 4.88
C ARG F 95 -3.65 30.63 5.40
N TRP F 96 -3.84 29.33 5.23
CA TRP F 96 -2.81 28.34 5.54
C TRP F 96 -1.92 28.20 4.32
N HIS F 97 -0.61 28.41 4.51
CA HIS F 97 0.35 28.49 3.41
C HIS F 97 -0.03 29.61 2.45
N ALA F 98 -0.04 30.84 2.98
CA ALA F 98 -0.53 31.98 2.21
C ALA F 98 0.42 32.37 1.08
N ASP F 99 1.70 32.03 1.20
CA ASP F 99 2.70 32.49 0.23
C ASP F 99 2.56 31.82 -1.13
N ILE F 100 1.73 30.80 -1.26
CA ILE F 100 1.52 30.10 -2.52
C ILE F 100 0.14 30.39 -3.09
N VAL F 101 -0.89 30.39 -2.24
CA VAL F 101 -2.21 30.83 -2.65
C VAL F 101 -2.16 32.27 -3.13
N ASP F 102 -1.25 33.08 -2.56
CA ASP F 102 -1.07 34.45 -3.04
C ASP F 102 -0.62 34.46 -4.50
N GLU F 103 0.34 33.59 -4.84
CA GLU F 103 0.79 33.52 -6.23
C GLU F 103 -0.34 33.09 -7.15
N ALA F 104 -1.13 32.10 -6.72
CA ALA F 104 -2.25 31.65 -7.53
C ALA F 104 -3.24 32.80 -7.77
N ARG F 105 -3.57 33.53 -6.71
CA ARG F 105 -4.53 34.63 -6.84
C ARG F 105 -4.00 35.73 -7.74
N LYS F 106 -2.72 36.07 -7.59
CA LYS F 106 -2.13 37.11 -8.43
C LYS F 106 -2.17 36.71 -9.90
N SER F 107 -1.84 35.45 -10.20
CA SER F 107 -1.91 34.98 -11.58
C SER F 107 -3.33 35.07 -12.12
N PHE F 108 -4.30 34.62 -11.32
CA PHE F 108 -5.70 34.66 -11.74
C PHE F 108 -6.14 36.07 -12.07
N VAL F 109 -5.88 37.01 -11.16
CA VAL F 109 -6.31 38.40 -11.36
C VAL F 109 -5.61 39.02 -12.55
N ALA F 110 -4.30 38.77 -12.70
CA ALA F 110 -3.56 39.34 -13.81
C ALA F 110 -4.08 38.85 -15.15
N GLU F 111 -4.35 37.54 -15.25
CA GLU F 111 -4.87 37.00 -16.51
C GLU F 111 -6.25 37.56 -16.83
N LEU F 112 -7.13 37.64 -15.83
CA LEU F 112 -8.46 38.19 -16.08
C LEU F 112 -8.38 39.65 -16.51
N ALA F 113 -7.48 40.43 -15.90
CA ALA F 113 -7.31 41.81 -16.33
C ALA F 113 -6.70 41.89 -17.72
N ALA F 114 -5.86 40.93 -18.10
CA ALA F 114 -5.24 40.95 -19.41
C ALA F 114 -6.26 40.68 -20.52
N LYS F 115 -7.09 39.65 -20.34
CA LYS F 115 -8.05 39.33 -21.40
C LYS F 115 -9.26 40.26 -21.37
N THR F 116 -10.02 40.24 -20.28
CA THR F 116 -11.26 41.02 -20.24
C THR F 116 -11.00 42.52 -20.25
N GLY F 117 -9.98 42.96 -19.54
CA GLY F 117 -9.66 44.38 -19.48
C GLY F 117 -10.70 45.22 -18.76
N GLY F 118 -11.18 44.75 -17.61
CA GLY F 118 -12.14 45.49 -16.81
C GLY F 118 -13.58 45.01 -16.95
N SER F 119 -13.84 44.02 -17.80
CA SER F 119 -15.20 43.51 -17.94
C SER F 119 -15.58 42.64 -16.76
N VAL F 120 -14.62 41.93 -16.18
CA VAL F 120 -14.86 41.01 -15.07
C VAL F 120 -14.10 41.51 -13.86
N GLU F 121 -14.80 41.62 -12.73
CA GLU F 121 -14.22 42.06 -11.47
C GLU F 121 -14.12 40.88 -10.51
N VAL F 122 -12.98 40.76 -9.84
CA VAL F 122 -12.72 39.68 -8.90
C VAL F 122 -12.71 40.26 -7.49
N GLU F 123 -13.48 39.65 -6.61
CA GLU F 123 -13.50 40.02 -5.20
C GLU F 123 -12.81 38.94 -4.37
N ILE F 124 -11.98 39.35 -3.42
CA ILE F 124 -11.15 38.45 -2.65
C ILE F 124 -11.77 38.27 -1.26
N PHE F 125 -11.95 37.02 -0.85
CA PHE F 125 -12.51 36.70 0.45
C PHE F 125 -11.54 35.78 1.19
N ASP F 126 -11.20 36.16 2.42
CA ASP F 126 -10.24 35.42 3.22
C ASP F 126 -10.95 34.42 4.11
N VAL F 127 -10.28 33.29 4.36
CA VAL F 127 -10.88 32.18 5.09
C VAL F 127 -9.76 31.45 5.84
N PRO F 128 -9.99 31.02 7.09
CA PRO F 128 -8.89 30.44 7.88
C PRO F 128 -8.25 29.20 7.27
N GLY F 129 -9.04 28.33 6.66
CA GLY F 129 -8.47 27.09 6.16
C GLY F 129 -9.42 26.44 5.16
N ALA F 130 -8.96 25.32 4.61
CA ALA F 130 -9.71 24.67 3.54
C ALA F 130 -11.09 24.21 4.01
N TYR F 131 -11.23 23.88 5.30
CA TYR F 131 -12.50 23.37 5.80
C TYR F 131 -13.60 24.43 5.80
N GLU F 132 -13.25 25.71 5.77
CA GLU F 132 -14.22 26.79 5.85
C GLU F 132 -14.69 27.28 4.49
N ILE F 133 -14.23 26.66 3.41
CA ILE F 133 -14.53 27.15 2.05
C ILE F 133 -15.96 26.82 1.63
N PRO F 134 -16.45 25.58 1.74
CA PRO F 134 -17.78 25.28 1.19
C PRO F 134 -18.92 26.13 1.74
N LEU F 135 -18.93 26.42 3.04
CA LEU F 135 -20.02 27.22 3.59
C LEU F 135 -19.96 28.67 3.09
N HIS F 136 -18.74 29.23 3.04
CA HIS F 136 -18.58 30.57 2.47
C HIS F 136 -19.03 30.60 1.02
N ALA F 137 -18.69 29.57 0.25
CA ALA F 137 -19.11 29.49 -1.13
C ALA F 137 -20.62 29.40 -1.25
N LYS F 138 -21.26 28.63 -0.37
CA LYS F 138 -22.72 28.54 -0.40
C LYS F 138 -23.35 29.89 -0.11
N THR F 139 -22.84 30.60 0.90
CA THR F 139 -23.39 31.93 1.22
C THR F 139 -23.24 32.88 0.04
N LEU F 140 -22.04 32.93 -0.55
CA LEU F 140 -21.80 33.83 -1.67
C LEU F 140 -22.57 33.41 -2.92
N ALA F 141 -22.91 32.13 -3.07
CA ALA F 141 -23.73 31.72 -4.19
C ALA F 141 -25.19 32.09 -3.98
N ARG F 142 -25.71 31.90 -2.77
CA ARG F 142 -27.11 32.23 -2.52
C ARG F 142 -27.35 33.72 -2.53
N THR F 143 -26.35 34.54 -2.16
CA THR F 143 -26.57 35.98 -2.18
C THR F 143 -26.71 36.54 -3.59
N GLY F 144 -26.38 35.76 -4.61
CA GLY F 144 -26.40 36.24 -5.98
C GLY F 144 -25.14 37.01 -6.31
N ARG F 145 -25.25 37.86 -7.32
CA ARG F 145 -24.23 38.82 -7.75
C ARG F 145 -23.01 38.16 -8.37
N TYR F 146 -22.93 36.83 -8.43
CA TYR F 146 -21.73 36.15 -8.85
C TYR F 146 -22.08 35.09 -9.90
N ALA F 147 -21.32 35.08 -11.00
CA ALA F 147 -21.49 34.06 -12.02
C ALA F 147 -20.61 32.85 -11.80
N ALA F 148 -19.59 32.95 -10.97
CA ALA F 148 -18.71 31.83 -10.68
C ALA F 148 -18.03 32.08 -9.34
N ILE F 149 -17.55 31.00 -8.74
CA ILE F 149 -16.87 31.05 -7.45
C ILE F 149 -15.63 30.17 -7.53
N VAL F 150 -14.50 30.69 -7.06
CA VAL F 150 -13.22 29.99 -7.12
C VAL F 150 -12.71 29.81 -5.70
N GLY F 151 -12.33 28.58 -5.37
CA GLY F 151 -11.78 28.28 -4.06
C GLY F 151 -10.37 27.75 -4.14
N ALA F 152 -9.43 28.42 -3.45
CA ALA F 152 -8.02 28.08 -3.54
C ALA F 152 -7.49 27.74 -2.16
N ALA F 153 -6.73 26.64 -2.07
CA ALA F 153 -6.12 26.20 -0.83
C ALA F 153 -5.00 25.23 -1.17
N PHE F 154 -4.17 24.93 -0.16
CA PHE F 154 -3.01 24.06 -0.31
C PHE F 154 -3.02 23.08 0.87
N VAL F 155 -3.66 21.94 0.67
CA VAL F 155 -3.80 20.94 1.73
C VAL F 155 -2.55 20.09 1.78
N ILE F 156 -1.92 20.02 2.95
CA ILE F 156 -0.56 19.50 3.08
C ILE F 156 -0.54 18.43 4.16
N ASP F 157 0.12 17.31 3.86
CA ASP F 157 0.36 16.27 4.86
C ASP F 157 1.55 16.69 5.71
N GLY F 158 1.30 17.03 6.98
CA GLY F 158 2.33 17.52 7.86
C GLY F 158 3.20 16.47 8.49
N GLY F 159 2.90 15.18 8.29
CA GLY F 159 3.68 14.12 8.86
C GLY F 159 3.26 13.68 10.24
N ILE F 160 2.25 14.30 10.84
CA ILE F 160 1.75 13.94 12.16
C ILE F 160 0.35 13.35 12.07
N TYR F 161 -0.59 14.10 11.51
CA TYR F 161 -1.97 13.67 11.35
C TYR F 161 -2.27 13.37 9.89
N ARG F 162 -3.34 12.61 9.67
CA ARG F 162 -3.79 12.29 8.33
C ARG F 162 -4.59 13.46 7.76
N HIS F 163 -4.36 13.74 6.48
CA HIS F 163 -4.93 14.92 5.84
C HIS F 163 -5.99 14.62 4.79
N ASP F 164 -6.17 13.35 4.41
CA ASP F 164 -7.05 13.04 3.29
C ASP F 164 -8.53 13.22 3.65
N PHE F 165 -8.88 13.09 4.93
CA PHE F 165 -10.28 13.25 5.33
C PHE F 165 -10.76 14.67 5.03
N VAL F 166 -9.97 15.67 5.42
CA VAL F 166 -10.37 17.05 5.21
C VAL F 166 -10.44 17.38 3.73
N ALA F 167 -9.46 16.91 2.95
CA ALA F 167 -9.47 17.18 1.52
C ALA F 167 -10.68 16.56 0.84
N THR F 168 -10.99 15.30 1.17
CA THR F 168 -12.18 14.66 0.61
C THR F 168 -13.44 15.41 0.99
N ALA F 169 -13.55 15.79 2.26
CA ALA F 169 -14.74 16.52 2.71
C ALA F 169 -14.87 17.84 1.97
N VAL F 170 -13.77 18.56 1.78
CA VAL F 170 -13.82 19.86 1.12
C VAL F 170 -14.25 19.71 -0.34
N ILE F 171 -13.66 18.74 -1.05
CA ILE F 171 -14.01 18.56 -2.46
C ILE F 171 -15.46 18.17 -2.60
N ASN F 172 -15.91 17.19 -1.80
CA ASN F 172 -17.29 16.74 -1.91
C ASN F 172 -18.28 17.83 -1.52
N GLY F 173 -17.96 18.61 -0.48
CA GLY F 173 -18.84 19.69 -0.08
C GLY F 173 -18.91 20.79 -1.11
N MET F 174 -17.79 21.09 -1.76
CA MET F 174 -17.80 22.11 -2.80
C MET F 174 -18.64 21.68 -3.99
N MET F 175 -18.53 20.40 -4.38
CA MET F 175 -19.38 19.91 -5.47
C MET F 175 -20.84 19.92 -5.06
N GLN F 176 -21.14 19.54 -3.82
CA GLN F 176 -22.53 19.56 -3.35
C GLN F 176 -23.09 20.98 -3.35
N VAL F 177 -22.29 21.95 -2.94
CA VAL F 177 -22.73 23.35 -2.95
C VAL F 177 -23.00 23.81 -4.38
N GLN F 178 -22.10 23.49 -5.30
CA GLN F 178 -22.28 23.94 -6.68
C GLN F 178 -23.49 23.27 -7.32
N LEU F 179 -23.83 22.05 -6.92
CA LEU F 179 -25.05 21.42 -7.41
C LEU F 179 -26.30 21.97 -6.74
N GLU F 180 -26.18 22.39 -5.47
CA GLU F 180 -27.33 22.93 -4.76
C GLU F 180 -27.73 24.30 -5.28
N THR F 181 -26.77 25.20 -5.44
CA THR F 181 -27.06 26.58 -5.76
C THR F 181 -27.01 26.89 -7.25
N GLU F 182 -26.60 25.93 -8.09
CA GLU F 182 -26.53 26.12 -9.54
C GLU F 182 -25.64 27.29 -9.92
N VAL F 183 -24.54 27.46 -9.20
CA VAL F 183 -23.50 28.43 -9.53
C VAL F 183 -22.19 27.68 -9.66
N PRO F 184 -21.48 27.79 -10.79
CA PRO F 184 -20.25 27.02 -10.95
C PRO F 184 -19.22 27.36 -9.87
N VAL F 185 -18.56 26.33 -9.37
CA VAL F 185 -17.49 26.48 -8.39
C VAL F 185 -16.27 25.74 -8.91
N LEU F 186 -15.20 26.47 -9.19
CA LEU F 186 -13.97 25.91 -9.70
C LEU F 186 -13.00 25.65 -8.55
N SER F 187 -12.33 24.50 -8.61
CA SER F 187 -11.49 24.02 -7.51
C SER F 187 -10.03 24.30 -7.83
N VAL F 188 -9.36 25.05 -6.96
CA VAL F 188 -7.91 25.21 -7.01
C VAL F 188 -7.34 24.75 -5.68
N VAL F 189 -8.02 23.81 -5.04
CA VAL F 189 -7.50 23.14 -3.85
C VAL F 189 -6.67 21.95 -4.32
N LEU F 190 -5.39 21.95 -3.97
CA LEU F 190 -4.45 20.98 -4.50
C LEU F 190 -3.70 20.28 -3.37
N THR F 191 -3.55 18.96 -3.50
CA THR F 191 -2.88 18.14 -2.49
C THR F 191 -1.68 17.46 -3.14
N PRO F 192 -0.45 17.91 -2.86
CA PRO F 192 0.72 17.31 -3.48
C PRO F 192 1.03 15.93 -2.90
N HIS F 193 1.75 15.14 -3.69
CA HIS F 193 2.18 13.82 -3.23
C HIS F 193 3.14 13.92 -2.06
N HIS F 194 4.13 14.81 -2.17
CA HIS F 194 5.16 14.96 -1.15
C HIS F 194 5.51 16.43 -1.00
N PHE F 195 5.66 16.87 0.26
CA PHE F 195 6.07 18.25 0.54
C PHE F 195 6.71 18.25 1.93
N HIS F 196 8.04 18.26 1.97
CA HIS F 196 8.78 18.16 3.22
C HIS F 196 9.45 19.47 3.63
N GLU F 197 9.10 20.58 2.98
CA GLU F 197 9.59 21.91 3.35
C GLU F 197 11.13 21.98 3.32
N SER F 198 11.68 21.60 2.17
CA SER F 198 13.13 21.62 1.97
C SER F 198 13.57 22.77 1.06
N LYS F 199 12.68 23.72 0.80
CA LYS F 199 12.93 24.94 0.03
C LYS F 199 13.05 24.65 -1.46
N GLU F 200 13.23 23.37 -1.81
CA GLU F 200 13.12 22.97 -3.21
C GLU F 200 11.65 22.82 -3.57
N HIS F 201 10.88 22.14 -2.73
CA HIS F 201 9.43 22.12 -2.89
C HIS F 201 8.86 23.53 -2.79
N HIS F 202 9.38 24.35 -1.88
CA HIS F 202 8.90 25.70 -1.73
C HIS F 202 9.14 26.52 -3.00
N ASP F 203 10.31 26.36 -3.62
CA ASP F 203 10.57 27.08 -4.85
C ASP F 203 9.74 26.54 -6.02
N PHE F 204 9.49 25.23 -6.04
CA PHE F 204 8.76 24.63 -7.16
C PHE F 204 7.29 25.02 -7.13
N PHE F 205 6.65 24.93 -5.96
CA PHE F 205 5.22 25.10 -5.90
C PHE F 205 4.79 26.55 -6.10
N HIS F 206 5.68 27.52 -5.83
CA HIS F 206 5.41 28.90 -6.19
C HIS F 206 5.06 29.02 -7.68
N ALA F 207 5.97 28.58 -8.54
CA ALA F 207 5.74 28.66 -9.98
C ALA F 207 4.59 27.77 -10.41
N HIS F 208 4.45 26.60 -9.79
CA HIS F 208 3.37 25.73 -10.22
C HIS F 208 2.00 26.35 -9.92
N PHE F 209 1.84 26.97 -8.75
CA PHE F 209 0.60 27.67 -8.47
C PHE F 209 0.43 28.88 -9.36
N LYS F 210 1.54 29.53 -9.74
CA LYS F 210 1.47 30.61 -10.71
C LYS F 210 0.83 30.14 -12.01
N VAL F 211 1.19 28.94 -12.46
CA VAL F 211 0.58 28.38 -13.66
C VAL F 211 -0.88 28.01 -13.43
N LYS F 212 -1.16 27.38 -12.28
CA LYS F 212 -2.52 26.93 -11.98
C LYS F 212 -3.50 28.09 -11.92
N GLY F 213 -3.05 29.27 -11.48
CA GLY F 213 -3.94 30.42 -11.45
C GLY F 213 -4.42 30.80 -12.84
N VAL F 214 -3.51 30.86 -13.81
CA VAL F 214 -3.89 31.17 -15.18
C VAL F 214 -4.82 30.10 -15.74
N GLU F 215 -4.51 28.84 -15.46
CA GLU F 215 -5.37 27.76 -15.93
C GLU F 215 -6.79 27.90 -15.39
N ALA F 216 -6.92 28.20 -14.09
CA ALA F 216 -8.24 28.37 -13.49
C ALA F 216 -8.96 29.58 -14.07
N ALA F 217 -8.22 30.65 -14.35
CA ALA F 217 -8.83 31.83 -14.97
C ALA F 217 -9.45 31.48 -16.32
N HIS F 218 -8.70 30.78 -17.16
CA HIS F 218 -9.21 30.40 -18.48
C HIS F 218 -10.43 29.49 -18.33
N ALA F 219 -10.36 28.52 -17.43
CA ALA F 219 -11.48 27.60 -17.24
C ALA F 219 -12.73 28.34 -16.77
N ALA F 220 -12.58 29.29 -15.86
CA ALA F 220 -13.72 30.04 -15.36
C ALA F 220 -14.37 30.85 -16.47
N LEU F 221 -13.55 31.54 -17.27
CA LEU F 221 -14.11 32.32 -18.37
C LEU F 221 -14.87 31.42 -19.33
N GLN F 222 -14.28 30.28 -19.70
CA GLN F 222 -14.92 29.40 -20.67
C GLN F 222 -16.23 28.83 -20.13
N ILE F 223 -16.24 28.41 -18.86
CA ILE F 223 -17.44 27.80 -18.31
C ILE F 223 -18.57 28.82 -18.18
N VAL F 224 -18.24 30.06 -17.79
CA VAL F 224 -19.28 31.08 -17.69
C VAL F 224 -19.86 31.37 -19.08
N SER F 225 -18.98 31.51 -20.09
CA SER F 225 -19.47 31.78 -21.43
C SER F 225 -20.37 30.64 -21.94
N GLU F 226 -19.95 29.39 -21.73
CA GLU F 226 -20.73 28.27 -22.22
C GLU F 226 -22.08 28.17 -21.50
N ARG F 227 -22.09 28.35 -20.18
CA ARG F 227 -23.35 28.28 -19.43
C ARG F 227 -24.30 29.38 -19.86
N SER F 228 -23.77 30.59 -20.13
CA SER F 228 -24.62 31.64 -20.66
C SER F 228 -25.13 31.30 -22.06
N ARG F 229 -24.34 30.56 -22.84
CA ARG F 229 -24.75 30.22 -24.20
C ARG F 229 -25.90 29.22 -24.19
N ILE F 230 -25.78 28.12 -23.43
CA ILE F 230 -26.78 27.08 -23.50
C ILE F 230 -28.11 27.47 -22.86
N ALA F 231 -28.15 28.58 -22.14
CA ALA F 231 -29.37 29.03 -21.48
C ALA F 231 -30.31 29.80 -22.40
N ALA F 232 -29.92 30.02 -23.65
CA ALA F 232 -30.76 30.74 -24.60
C ALA F 232 -31.47 29.76 -25.54
N MET G 1 -62.54 20.82 -29.11
CA MET G 1 -61.71 21.17 -27.97
C MET G 1 -61.50 22.68 -28.01
N HIS G 2 -61.48 23.32 -26.84
CA HIS G 2 -61.43 24.77 -26.79
C HIS G 2 -60.12 25.30 -27.35
N ALA G 3 -60.17 26.49 -27.95
CA ALA G 3 -59.01 27.08 -28.56
C ALA G 3 -57.99 27.50 -27.50
N ASP G 4 -56.71 27.30 -27.80
CA ASP G 4 -55.62 27.67 -26.89
C ASP G 4 -55.07 29.01 -27.33
N CYS G 5 -55.46 30.08 -26.62
CA CYS G 5 -54.94 31.40 -26.92
C CYS G 5 -53.43 31.47 -26.67
N ALA G 6 -52.97 30.90 -25.56
CA ALA G 6 -51.56 30.91 -25.21
C ALA G 6 -51.33 29.87 -24.14
N LYS G 7 -50.25 29.10 -24.28
CA LYS G 7 -49.88 28.06 -23.33
C LYS G 7 -48.45 28.28 -22.88
N GLY G 8 -48.22 28.27 -21.58
CA GLY G 8 -46.90 28.45 -21.04
C GLY G 8 -46.96 28.91 -19.60
N LYS G 9 -45.77 29.12 -19.04
CA LYS G 9 -45.66 29.59 -17.66
C LYS G 9 -46.08 31.05 -17.55
N ILE G 10 -46.61 31.41 -16.39
CA ILE G 10 -47.04 32.79 -16.13
C ILE G 10 -45.78 33.64 -15.98
N GLU G 11 -45.51 34.48 -16.99
CA GLU G 11 -44.32 35.32 -16.95
C GLU G 11 -44.40 36.32 -15.80
N PHE G 12 -45.56 36.93 -15.61
CA PHE G 12 -45.77 37.83 -14.47
C PHE G 12 -47.26 37.97 -14.23
N SER G 13 -47.63 38.07 -12.96
CA SER G 13 -49.02 38.25 -12.54
C SER G 13 -49.17 39.64 -11.92
N LYS G 14 -50.15 40.40 -12.42
CA LYS G 14 -50.36 41.78 -11.99
C LYS G 14 -51.83 41.95 -11.62
N TYR G 15 -52.10 42.18 -10.34
CA TYR G 15 -53.45 42.42 -9.84
C TYR G 15 -53.73 43.91 -9.91
N ASN G 16 -54.46 44.34 -10.94
CA ASN G 16 -54.74 45.75 -11.13
C ASN G 16 -55.77 46.23 -10.11
N GLU G 17 -55.93 47.55 -10.03
CA GLU G 17 -56.83 48.16 -9.07
C GLU G 17 -58.30 47.94 -9.40
N ASP G 18 -58.63 47.46 -10.60
CA ASP G 18 -60.01 47.23 -11.01
C ASP G 18 -60.45 45.79 -10.78
N ASP G 19 -59.91 45.13 -9.76
CA ASP G 19 -60.26 43.75 -9.42
C ASP G 19 -60.04 42.80 -10.60
N THR G 20 -58.95 43.02 -11.32
CA THR G 20 -58.57 42.17 -12.44
C THR G 20 -57.16 41.62 -12.20
N PHE G 21 -57.00 40.32 -12.43
CA PHE G 21 -55.74 39.63 -12.25
C PHE G 21 -55.11 39.42 -13.63
N THR G 22 -54.18 40.29 -14.00
CA THR G 22 -53.51 40.22 -15.30
C THR G 22 -52.34 39.25 -15.20
N VAL G 23 -52.34 38.24 -16.07
CA VAL G 23 -51.29 37.23 -16.10
C VAL G 23 -50.77 37.12 -17.53
N LYS G 24 -49.45 37.08 -17.68
CA LYS G 24 -48.82 36.97 -18.99
C LYS G 24 -48.41 35.51 -19.22
N VAL G 25 -48.98 34.90 -20.25
CA VAL G 25 -48.71 33.51 -20.60
C VAL G 25 -48.26 33.46 -22.05
N ASP G 26 -47.12 32.80 -22.29
CA ASP G 26 -46.56 32.63 -23.63
C ASP G 26 -46.36 33.96 -24.34
N GLY G 27 -45.94 34.98 -23.58
CA GLY G 27 -45.67 36.28 -24.15
C GLY G 27 -46.89 37.16 -24.36
N LYS G 28 -48.08 36.70 -23.98
CA LYS G 28 -49.31 37.45 -24.16
C LYS G 28 -49.95 37.69 -22.80
N GLU G 29 -50.37 38.93 -22.55
CA GLU G 29 -50.96 39.31 -21.28
C GLU G 29 -52.46 39.10 -21.31
N TYR G 30 -52.98 38.40 -20.31
CA TYR G 30 -54.41 38.16 -20.16
C TYR G 30 -54.84 38.49 -18.74
N TRP G 31 -56.05 39.02 -18.61
CA TRP G 31 -56.61 39.42 -17.31
C TRP G 31 -57.96 38.76 -17.11
N THR G 32 -58.29 38.48 -15.84
CA THR G 32 -59.56 37.88 -15.47
C THR G 32 -60.16 38.65 -14.30
N SER G 33 -61.48 38.81 -14.33
CA SER G 33 -62.21 39.49 -13.27
C SER G 33 -62.81 38.54 -12.26
N ARG G 34 -62.57 37.23 -12.39
CA ARG G 34 -63.14 36.26 -11.48
C ARG G 34 -62.43 36.33 -10.13
N TRP G 35 -63.21 36.40 -9.05
CA TRP G 35 -62.64 36.45 -7.71
C TRP G 35 -62.03 35.11 -7.33
N ASN G 36 -62.64 33.99 -7.74
CA ASN G 36 -62.11 32.68 -7.39
C ASN G 36 -60.84 32.36 -8.17
N LEU G 37 -60.67 32.95 -9.36
CA LEU G 37 -59.51 32.63 -10.18
C LEU G 37 -58.24 33.25 -9.63
N GLN G 38 -58.35 34.36 -8.89
CA GLN G 38 -57.15 35.03 -8.39
C GLN G 38 -56.33 34.16 -7.44
N PRO G 39 -56.89 33.54 -6.39
CA PRO G 39 -56.06 32.63 -5.58
C PRO G 39 -55.55 31.44 -6.38
N LEU G 40 -56.36 30.91 -7.30
CA LEU G 40 -55.90 29.82 -8.14
C LEU G 40 -54.74 30.24 -9.03
N LEU G 41 -54.82 31.44 -9.61
CA LEU G 41 -53.72 31.93 -10.43
C LEU G 41 -52.47 32.17 -9.60
N GLN G 42 -52.63 32.70 -8.38
CA GLN G 42 -51.48 32.90 -7.51
C GLN G 42 -50.82 31.58 -7.15
N SER G 43 -51.63 30.56 -6.82
CA SER G 43 -51.08 29.25 -6.52
C SER G 43 -50.37 28.64 -7.72
N ALA G 44 -50.96 28.80 -8.91
CA ALA G 44 -50.33 28.32 -10.13
C ALA G 44 -48.99 29.01 -10.37
N GLN G 45 -48.93 30.31 -10.14
CA GLN G 45 -47.69 31.05 -10.32
C GLN G 45 -46.62 30.61 -9.32
N LEU G 46 -47.00 30.45 -8.05
CA LEU G 46 -46.01 30.09 -7.04
C LEU G 46 -45.60 28.63 -7.10
N THR G 47 -46.41 27.77 -7.73
CA THR G 47 -46.08 26.35 -7.84
C THR G 47 -45.22 26.04 -9.06
N GLY G 48 -44.86 27.03 -9.86
CA GLY G 48 -44.05 26.80 -11.04
C GLY G 48 -44.74 25.96 -12.10
N MET G 49 -46.01 26.26 -12.38
CA MET G 49 -46.80 25.49 -13.34
C MET G 49 -47.17 26.35 -14.53
N THR G 50 -47.47 25.68 -15.65
CA THR G 50 -47.83 26.33 -16.89
C THR G 50 -49.33 26.20 -17.10
N VAL G 51 -50.00 27.34 -17.32
CA VAL G 51 -51.43 27.36 -17.54
C VAL G 51 -51.69 27.75 -19.00
N THR G 52 -52.87 27.40 -19.49
CA THR G 52 -53.28 27.69 -20.86
C THR G 52 -54.48 28.62 -20.82
N ILE G 53 -54.27 29.88 -21.21
CA ILE G 53 -55.36 30.85 -21.20
C ILE G 53 -56.32 30.54 -22.35
N LYS G 54 -57.61 30.46 -22.03
CA LYS G 54 -58.63 30.12 -23.01
C LYS G 54 -59.74 31.15 -22.96
N SER G 55 -60.04 31.73 -24.12
CA SER G 55 -61.10 32.72 -24.23
C SER G 55 -61.53 32.82 -25.68
N SER G 56 -62.71 33.42 -25.90
CA SER G 56 -63.18 33.64 -27.25
C SER G 56 -62.28 34.61 -28.01
N THR G 57 -61.65 35.54 -27.30
CA THR G 57 -60.73 36.50 -27.89
C THR G 57 -59.31 36.21 -27.38
N CYS G 58 -58.38 35.99 -28.31
CA CYS G 58 -57.01 35.63 -27.98
C CYS G 58 -56.06 36.80 -28.06
N GLU G 59 -56.57 38.02 -28.28
CA GLU G 59 -55.70 39.18 -28.40
C GLU G 59 -55.16 39.58 -27.03
N SER G 60 -54.13 40.43 -27.06
CA SER G 60 -53.52 40.92 -25.83
C SER G 60 -54.49 41.80 -25.05
N GLY G 61 -54.49 41.64 -23.73
CA GLY G 61 -55.37 42.42 -22.88
C GLY G 61 -56.82 42.02 -22.95
N SER G 62 -57.12 40.81 -23.39
CA SER G 62 -58.50 40.33 -23.49
C SER G 62 -58.86 39.50 -22.28
N GLY G 63 -60.09 39.66 -21.81
CA GLY G 63 -60.53 38.91 -20.64
C GLY G 63 -60.70 37.44 -20.94
N PHE G 64 -60.57 36.62 -19.89
CA PHE G 64 -60.71 35.18 -20.03
C PHE G 64 -61.32 34.61 -18.76
N ALA G 65 -61.99 33.47 -18.92
CA ALA G 65 -62.59 32.78 -17.78
C ALA G 65 -62.41 31.26 -17.84
N GLU G 66 -61.67 30.75 -18.80
CA GLU G 66 -61.48 29.30 -18.97
C GLU G 66 -59.99 29.00 -18.96
N VAL G 67 -59.60 27.97 -18.20
CA VAL G 67 -58.21 27.58 -18.08
C VAL G 67 -58.16 26.11 -17.71
N GLN G 68 -57.12 25.41 -18.15
CA GLN G 68 -56.95 23.99 -17.92
C GLN G 68 -55.60 23.72 -17.28
N PHE G 69 -55.61 22.92 -16.21
CA PHE G 69 -54.39 22.47 -15.52
C PHE G 69 -54.29 20.97 -15.72
N ASN G 70 -53.41 20.53 -16.62
CA ASN G 70 -53.28 19.11 -16.92
C ASN G 70 -52.80 18.33 -15.70
N ASN G 71 -51.56 18.55 -15.28
CA ASN G 71 -51.05 17.94 -14.04
C ASN G 71 -49.97 18.87 -13.49
N ASP G 72 -50.40 19.78 -12.61
CA ASP G 72 -49.51 20.77 -11.99
C ASP G 72 -48.66 21.48 -13.03
N GLY G 73 -49.23 21.70 -14.20
CA GLY G 73 -48.53 22.37 -15.28
C GLY G 73 -47.35 21.56 -15.81
N SER G 74 -46.46 22.28 -16.49
CA SER G 74 -45.22 21.70 -16.98
C SER G 74 -44.01 22.27 -16.26
N GLY G 75 -43.85 23.59 -16.27
CA GLY G 75 -42.73 24.22 -15.57
C GLY G 75 -41.40 23.68 -16.04
N SER G 76 -40.57 23.27 -15.08
CA SER G 76 -39.29 22.65 -15.41
C SER G 76 -39.44 21.17 -15.77
N GLY G 77 -40.64 20.61 -15.65
CA GLY G 77 -40.87 19.21 -15.96
C GLY G 77 -40.91 18.91 -17.44
N SER G 78 -41.73 17.94 -17.82
CA SER G 78 -41.88 17.47 -19.20
C SER G 78 -40.58 16.91 -19.77
N GLY G 79 -39.61 16.60 -18.93
CA GLY G 79 -38.34 16.04 -19.34
C GLY G 79 -38.31 14.53 -19.18
N SER G 80 -37.11 14.02 -18.88
CA SER G 80 -36.87 12.59 -18.66
C SER G 80 -37.19 11.76 -19.90
N GLY G 81 -37.18 12.36 -21.08
CA GLY G 81 -37.45 11.64 -22.31
C GLY G 81 -38.12 12.50 -23.36
N SER G 82 -37.93 12.14 -24.64
CA SER G 82 -38.54 12.88 -25.74
C SER G 82 -39.58 12.04 -26.48
N LEU G 83 -39.19 10.88 -26.99
CA LEU G 83 -40.06 9.99 -27.74
C LEU G 83 -39.29 8.71 -28.05
N LYS G 84 -40.01 7.62 -28.21
CA LYS G 84 -39.38 6.36 -28.57
C LYS G 84 -38.99 6.35 -30.04
N THR G 85 -37.84 5.73 -30.34
CA THR G 85 -37.36 5.63 -31.74
C THR G 85 -37.16 7.04 -32.31
N SER G 86 -37.20 8.06 -31.45
CA SER G 86 -37.01 9.46 -31.91
C SER G 86 -36.66 10.34 -30.70
N PHE G 87 -35.36 10.55 -30.45
CA PHE G 87 -34.95 11.33 -29.25
C PHE G 87 -33.59 11.99 -29.48
N LYS G 88 -32.93 12.40 -28.40
CA LYS G 88 -31.67 13.11 -28.49
C LYS G 88 -30.77 12.69 -27.33
N ILE G 89 -29.47 12.83 -27.54
CA ILE G 89 -28.46 12.50 -26.54
C ILE G 89 -27.48 13.66 -26.45
N ALA G 90 -27.13 14.05 -25.23
CA ALA G 90 -26.18 15.12 -24.99
C ALA G 90 -24.83 14.51 -24.63
N PHE G 91 -23.79 14.87 -25.38
CA PHE G 91 -22.44 14.34 -25.17
C PHE G 91 -21.58 15.47 -24.60
N ILE G 92 -21.35 15.43 -23.30
CA ILE G 92 -20.51 16.40 -22.62
C ILE G 92 -19.09 15.85 -22.58
N GLN G 93 -18.15 16.62 -23.10
CA GLN G 93 -16.76 16.20 -23.19
C GLN G 93 -15.84 17.26 -22.60
N ALA G 94 -14.83 16.81 -21.87
CA ALA G 94 -13.84 17.70 -21.29
C ALA G 94 -12.75 18.02 -22.31
N ARG G 95 -12.17 19.20 -22.17
CA ARG G 95 -11.15 19.67 -23.10
C ARG G 95 -9.73 19.43 -22.58
N TRP G 96 -9.59 18.65 -21.52
CA TRP G 96 -8.29 18.24 -21.01
C TRP G 96 -7.96 16.88 -21.62
N HIS G 97 -6.83 16.79 -22.32
CA HIS G 97 -6.49 15.64 -23.15
C HIS G 97 -7.56 15.42 -24.22
N ALA G 98 -7.72 16.44 -25.07
CA ALA G 98 -8.80 16.43 -26.05
C ALA G 98 -8.59 15.38 -27.13
N ASP G 99 -7.34 14.99 -27.39
CA ASP G 99 -7.03 14.12 -28.51
C ASP G 99 -7.52 12.69 -28.31
N ILE G 100 -7.99 12.33 -27.12
CA ILE G 100 -8.48 11.00 -26.83
C ILE G 100 -9.99 10.99 -26.65
N VAL G 101 -10.51 11.98 -25.91
CA VAL G 101 -11.96 12.17 -25.84
C VAL G 101 -12.53 12.41 -27.22
N ASP G 102 -11.75 13.03 -28.11
CA ASP G 102 -12.20 13.21 -29.49
C ASP G 102 -12.41 11.88 -30.18
N GLU G 103 -11.48 10.93 -29.98
CA GLU G 103 -11.64 9.61 -30.57
C GLU G 103 -12.88 8.91 -30.00
N ALA G 104 -13.08 9.02 -28.69
CA ALA G 104 -14.26 8.42 -28.08
C ALA G 104 -15.54 8.98 -28.69
N ARG G 105 -15.60 10.31 -28.82
CA ARG G 105 -16.80 10.95 -29.35
C ARG G 105 -17.03 10.55 -30.81
N LYS G 106 -15.97 10.51 -31.61
CA LYS G 106 -16.12 10.12 -33.01
C LYS G 106 -16.65 8.70 -33.14
N SER G 107 -16.11 7.78 -32.33
CA SER G 107 -16.62 6.41 -32.38
C SER G 107 -18.08 6.34 -31.96
N PHE G 108 -18.43 7.05 -30.89
CA PHE G 108 -19.82 7.07 -30.41
C PHE G 108 -20.77 7.55 -31.51
N VAL G 109 -20.45 8.69 -32.12
CA VAL G 109 -21.33 9.25 -33.14
C VAL G 109 -21.41 8.34 -34.35
N ALA G 110 -20.27 7.78 -34.78
CA ALA G 110 -20.28 6.92 -35.95
C ALA G 110 -21.13 5.68 -35.72
N GLU G 111 -20.99 5.05 -34.54
CA GLU G 111 -21.79 3.86 -34.25
C GLU G 111 -23.28 4.20 -34.19
N LEU G 112 -23.64 5.31 -33.55
CA LEU G 112 -25.04 5.68 -33.48
C LEU G 112 -25.61 5.95 -34.86
N ALA G 113 -24.84 6.61 -35.73
CA ALA G 113 -25.31 6.83 -37.09
C ALA G 113 -25.40 5.53 -37.88
N ALA G 114 -24.53 4.56 -37.57
CA ALA G 114 -24.56 3.29 -38.29
C ALA G 114 -25.78 2.47 -37.92
N LYS G 115 -26.13 2.40 -36.64
CA LYS G 115 -27.28 1.59 -36.25
C LYS G 115 -28.59 2.33 -36.50
N THR G 116 -28.80 3.47 -35.85
CA THR G 116 -30.09 4.15 -35.94
C THR G 116 -30.32 4.75 -37.32
N GLY G 117 -29.28 5.31 -37.93
CA GLY G 117 -29.40 5.92 -39.23
C GLY G 117 -30.26 7.17 -39.26
N GLY G 118 -30.05 8.07 -38.31
CA GLY G 118 -30.77 9.33 -38.26
C GLY G 118 -31.90 9.38 -37.27
N SER G 119 -32.21 8.28 -36.59
CA SER G 119 -33.28 8.30 -35.59
C SER G 119 -32.83 9.01 -34.32
N VAL G 120 -31.54 8.99 -34.02
CA VAL G 120 -30.99 9.59 -32.81
C VAL G 120 -30.02 10.68 -33.21
N GLU G 121 -30.17 11.85 -32.59
CA GLU G 121 -29.29 12.98 -32.82
C GLU G 121 -28.44 13.23 -31.58
N VAL G 122 -27.16 13.49 -31.80
CA VAL G 122 -26.21 13.71 -30.72
C VAL G 122 -25.73 15.15 -30.78
N GLU G 123 -25.84 15.86 -29.66
CA GLU G 123 -25.36 17.23 -29.54
C GLU G 123 -24.12 17.26 -28.65
N ILE G 124 -23.11 18.00 -29.08
CA ILE G 124 -21.82 18.04 -28.40
C ILE G 124 -21.74 19.29 -27.55
N PHE G 125 -21.35 19.13 -26.29
CA PHE G 125 -21.21 20.24 -25.35
C PHE G 125 -19.81 20.20 -24.77
N ASP G 126 -19.04 21.27 -24.99
CA ASP G 126 -17.67 21.36 -24.53
C ASP G 126 -17.62 21.88 -23.10
N VAL G 127 -16.60 21.45 -22.36
CA VAL G 127 -16.48 21.76 -20.94
C VAL G 127 -15.01 21.78 -20.56
N PRO G 128 -14.56 22.74 -19.75
CA PRO G 128 -13.11 22.89 -19.51
C PRO G 128 -12.45 21.68 -18.86
N GLY G 129 -13.14 20.99 -17.96
CA GLY G 129 -12.52 19.87 -17.27
C GLY G 129 -13.56 18.94 -16.68
N ALA G 130 -13.08 17.82 -16.14
CA ALA G 130 -13.98 16.80 -15.65
C ALA G 130 -14.82 17.28 -14.47
N TYR G 131 -14.32 18.27 -13.73
CA TYR G 131 -15.06 18.77 -12.57
C TYR G 131 -16.33 19.51 -12.96
N GLU G 132 -16.42 20.02 -14.18
CA GLU G 132 -17.54 20.83 -14.61
C GLU G 132 -18.67 20.02 -15.24
N ILE G 133 -18.57 18.69 -15.24
CA ILE G 133 -19.52 17.83 -15.93
C ILE G 133 -20.83 17.67 -15.15
N PRO G 134 -20.81 17.37 -13.84
CA PRO G 134 -22.09 17.13 -13.14
C PRO G 134 -23.09 18.27 -13.22
N LEU G 135 -22.65 19.51 -13.08
CA LEU G 135 -23.60 20.63 -13.12
C LEU G 135 -24.15 20.84 -14.52
N HIS G 136 -23.30 20.71 -15.54
CA HIS G 136 -23.76 20.81 -16.92
C HIS G 136 -24.78 19.72 -17.22
N ALA G 137 -24.52 18.50 -16.73
CA ALA G 137 -25.45 17.39 -16.92
C ALA G 137 -26.77 17.66 -16.22
N LYS G 138 -26.72 18.21 -15.01
CA LYS G 138 -27.96 18.54 -14.31
C LYS G 138 -28.78 19.57 -15.06
N THR G 139 -28.12 20.61 -15.58
CA THR G 139 -28.83 21.63 -16.35
C THR G 139 -29.47 21.03 -17.59
N LEU G 140 -28.71 20.21 -18.34
CA LEU G 140 -29.24 19.63 -19.56
C LEU G 140 -30.33 18.60 -19.27
N ALA G 141 -30.29 17.97 -18.09
CA ALA G 141 -31.34 17.04 -17.73
C ALA G 141 -32.62 17.76 -17.34
N ARG G 142 -32.52 18.83 -16.55
CA ARG G 142 -33.71 19.57 -16.16
C ARG G 142 -34.33 20.32 -17.32
N THR G 143 -33.53 20.68 -18.33
CA THR G 143 -34.11 21.39 -19.48
C THR G 143 -34.99 20.49 -20.33
N GLY G 144 -34.98 19.19 -20.09
CA GLY G 144 -35.72 18.27 -20.93
C GLY G 144 -35.00 18.00 -22.24
N ARG G 145 -35.77 17.55 -23.23
CA ARG G 145 -35.36 17.33 -24.61
C ARG G 145 -34.39 16.18 -24.79
N TYR G 146 -33.95 15.53 -23.71
CA TYR G 146 -32.91 14.52 -23.79
C TYR G 146 -33.36 13.25 -23.08
N ALA G 147 -33.15 12.11 -23.73
CA ALA G 147 -33.45 10.83 -23.12
C ALA G 147 -32.27 10.22 -22.38
N ALA G 148 -31.06 10.65 -22.68
CA ALA G 148 -29.88 10.16 -21.99
C ALA G 148 -28.77 11.20 -22.12
N ILE G 149 -27.80 11.13 -21.21
CA ILE G 149 -26.69 12.05 -21.17
C ILE G 149 -25.40 11.25 -21.02
N VAL G 150 -24.39 11.58 -21.83
CA VAL G 150 -23.11 10.90 -21.81
C VAL G 150 -22.02 11.91 -21.48
N GLY G 151 -21.18 11.57 -20.51
CA GLY G 151 -20.09 12.44 -20.13
C GLY G 151 -18.74 11.75 -20.23
N ALA G 152 -17.82 12.34 -20.98
CA ALA G 152 -16.52 11.72 -21.26
C ALA G 152 -15.39 12.62 -20.82
N ALA G 153 -14.38 12.02 -20.19
CA ALA G 153 -13.19 12.74 -19.76
C ALA G 153 -12.09 11.72 -19.48
N PHE G 154 -10.87 12.23 -19.35
CA PHE G 154 -9.68 11.39 -19.14
C PHE G 154 -8.94 11.96 -17.92
N VAL G 155 -9.19 11.39 -16.75
CA VAL G 155 -8.59 11.86 -15.51
C VAL G 155 -7.24 11.19 -15.33
N ILE G 156 -6.20 12.01 -15.18
CA ILE G 156 -4.82 11.55 -15.29
C ILE G 156 -4.05 11.97 -14.04
N ASP G 157 -3.27 11.04 -13.48
CA ASP G 157 -2.35 11.36 -12.40
C ASP G 157 -1.09 11.96 -13.00
N GLY G 158 -0.88 13.26 -12.80
CA GLY G 158 0.24 13.95 -13.40
C GLY G 158 1.56 13.78 -12.69
N GLY G 159 1.57 13.13 -11.53
CA GLY G 159 2.78 12.91 -10.78
C GLY G 159 3.13 14.00 -9.78
N ILE G 160 2.37 15.09 -9.74
CA ILE G 160 2.60 16.19 -8.80
C ILE G 160 1.52 16.24 -7.73
N TYR G 161 0.26 16.32 -8.14
CA TYR G 161 -0.87 16.36 -7.23
C TYR G 161 -1.66 15.06 -7.29
N ARG G 162 -2.45 14.82 -6.25
CA ARG G 162 -3.31 13.64 -6.20
C ARG G 162 -4.59 13.89 -7.00
N HIS G 163 -5.01 12.87 -7.74
CA HIS G 163 -6.11 13.00 -8.68
C HIS G 163 -7.37 12.24 -8.28
N ASP G 164 -7.32 11.44 -7.22
CA ASP G 164 -8.47 10.57 -6.92
C ASP G 164 -9.63 11.34 -6.33
N PHE G 165 -9.37 12.47 -5.65
CA PHE G 165 -10.44 13.26 -5.07
C PHE G 165 -11.40 13.76 -6.14
N VAL G 166 -10.86 14.31 -7.22
CA VAL G 166 -11.70 14.87 -8.28
C VAL G 166 -12.46 13.77 -9.00
N ALA G 167 -11.82 12.63 -9.25
CA ALA G 167 -12.50 11.52 -9.92
C ALA G 167 -13.65 11.00 -9.07
N THR G 168 -13.41 10.81 -7.78
CA THR G 168 -14.49 10.36 -6.89
C THR G 168 -15.63 11.36 -6.87
N ALA G 169 -15.30 12.65 -6.75
CA ALA G 169 -16.34 13.68 -6.73
C ALA G 169 -17.15 13.67 -8.00
N VAL G 170 -16.49 13.53 -9.15
CA VAL G 170 -17.20 13.56 -10.44
C VAL G 170 -18.12 12.36 -10.57
N ILE G 171 -17.63 11.16 -10.24
CA ILE G 171 -18.46 9.96 -10.38
C ILE G 171 -19.66 10.04 -9.46
N ASN G 172 -19.44 10.40 -8.19
CA ASN G 172 -20.54 10.49 -7.24
C ASN G 172 -21.52 11.59 -7.64
N GLY G 173 -21.02 12.71 -8.17
CA GLY G 173 -21.91 13.78 -8.59
C GLY G 173 -22.76 13.38 -9.78
N MET G 174 -22.19 12.65 -10.74
CA MET G 174 -22.99 12.17 -11.86
C MET G 174 -24.07 11.20 -11.40
N MET G 175 -23.72 10.31 -10.47
CA MET G 175 -24.74 9.40 -9.94
C MET G 175 -25.85 10.18 -9.21
N GLN G 176 -25.47 11.17 -8.42
CA GLN G 176 -26.47 11.97 -7.70
C GLN G 176 -27.36 12.73 -8.67
N VAL G 177 -26.78 13.28 -9.73
CA VAL G 177 -27.56 14.03 -10.72
C VAL G 177 -28.55 13.10 -11.42
N GLN G 178 -28.10 11.91 -11.82
CA GLN G 178 -29.01 11.01 -12.53
C GLN G 178 -30.09 10.48 -11.60
N LEU G 179 -29.81 10.34 -10.31
CA LEU G 179 -30.87 9.97 -9.37
C LEU G 179 -31.83 11.12 -9.12
N GLU G 180 -31.33 12.36 -9.14
CA GLU G 180 -32.18 13.51 -8.87
C GLU G 180 -33.13 13.79 -10.02
N THR G 181 -32.62 13.80 -11.25
CA THR G 181 -33.41 14.24 -12.40
C THR G 181 -34.07 13.09 -13.16
N GLU G 182 -33.79 11.84 -12.79
CA GLU G 182 -34.38 10.67 -13.43
C GLU G 182 -34.11 10.64 -14.94
N VAL G 183 -32.89 11.02 -15.32
CA VAL G 183 -32.43 10.93 -16.70
C VAL G 183 -31.13 10.12 -16.69
N PRO G 184 -31.04 9.05 -17.46
CA PRO G 184 -29.83 8.22 -17.43
C PRO G 184 -28.59 9.02 -17.80
N VAL G 185 -27.52 8.79 -17.04
CA VAL G 185 -26.23 9.42 -17.30
C VAL G 185 -25.19 8.31 -17.38
N LEU G 186 -24.58 8.15 -18.55
CA LEU G 186 -23.59 7.11 -18.78
C LEU G 186 -22.19 7.70 -18.61
N SER G 187 -21.32 6.97 -17.92
CA SER G 187 -20.01 7.46 -17.53
C SER G 187 -18.95 6.93 -18.48
N VAL G 188 -18.24 7.84 -19.15
CA VAL G 188 -17.08 7.48 -19.95
C VAL G 188 -15.89 8.26 -19.43
N VAL G 189 -15.91 8.57 -18.14
CA VAL G 189 -14.75 9.16 -17.47
C VAL G 189 -13.89 8.01 -16.95
N LEU G 190 -12.64 7.94 -17.40
CA LEU G 190 -11.80 6.78 -17.15
C LEU G 190 -10.48 7.23 -16.55
N THR G 191 -10.02 6.47 -15.56
CA THR G 191 -8.77 6.76 -14.85
C THR G 191 -7.81 5.60 -15.01
N PRO G 192 -6.77 5.73 -15.84
CA PRO G 192 -5.84 4.62 -16.03
C PRO G 192 -4.95 4.40 -14.82
N HIS G 193 -4.45 3.17 -14.70
CA HIS G 193 -3.52 2.84 -13.63
C HIS G 193 -2.22 3.63 -13.76
N HIS G 194 -1.68 3.70 -14.98
CA HIS G 194 -0.41 4.38 -15.23
C HIS G 194 -0.48 5.09 -16.57
N PHE G 195 0.06 6.31 -16.61
CA PHE G 195 0.14 7.07 -17.87
C PHE G 195 1.28 8.07 -17.71
N HIS G 196 2.43 7.77 -18.31
CA HIS G 196 3.62 8.59 -18.15
C HIS G 196 3.98 9.34 -19.43
N GLU G 197 3.09 9.38 -20.42
CA GLU G 197 3.27 10.15 -21.64
C GLU G 197 4.54 9.74 -22.38
N SER G 198 4.67 8.43 -22.61
CA SER G 198 5.83 7.87 -23.31
C SER G 198 5.50 7.53 -24.76
N LYS G 199 4.35 7.98 -25.26
CA LYS G 199 3.89 7.84 -26.64
C LYS G 199 3.45 6.40 -26.91
N GLU G 200 3.82 5.48 -26.04
CA GLU G 200 3.27 4.13 -26.10
C GLU G 200 1.88 4.11 -25.47
N HIS G 201 1.76 4.71 -24.29
CA HIS G 201 0.45 4.95 -23.70
C HIS G 201 -0.40 5.82 -24.61
N HIS G 202 0.21 6.80 -25.25
CA HIS G 202 -0.53 7.69 -26.15
C HIS G 202 -1.09 6.91 -27.33
N ASP G 203 -0.31 5.99 -27.90
CA ASP G 203 -0.85 5.19 -29.00
C ASP G 203 -1.90 4.21 -28.52
N PHE G 204 -1.72 3.64 -27.32
CA PHE G 204 -2.64 2.62 -26.82
C PHE G 204 -4.02 3.22 -26.51
N PHE G 205 -4.04 4.35 -25.80
CA PHE G 205 -5.31 4.86 -25.32
C PHE G 205 -6.17 5.45 -26.42
N HIS G 206 -5.58 5.87 -27.54
CA HIS G 206 -6.38 6.27 -28.69
C HIS G 206 -7.32 5.15 -29.11
N ALA G 207 -6.77 3.96 -29.37
CA ALA G 207 -7.59 2.84 -29.79
C ALA G 207 -8.52 2.37 -28.67
N HIS G 208 -8.04 2.41 -27.43
CA HIS G 208 -8.91 1.95 -26.34
C HIS G 208 -10.13 2.84 -26.18
N PHE G 209 -9.95 4.16 -26.27
CA PHE G 209 -11.10 5.06 -26.24
C PHE G 209 -11.97 4.90 -27.47
N LYS G 210 -11.36 4.58 -28.61
CA LYS G 210 -12.16 4.28 -29.80
C LYS G 210 -13.10 3.11 -29.54
N VAL G 211 -12.64 2.09 -28.82
CA VAL G 211 -13.51 0.97 -28.47
C VAL G 211 -14.57 1.40 -27.44
N LYS G 212 -14.14 2.17 -26.43
CA LYS G 212 -15.06 2.58 -25.37
C LYS G 212 -16.22 3.41 -25.90
N GLY G 213 -15.98 4.20 -26.96
CA GLY G 213 -17.07 4.98 -27.53
C GLY G 213 -18.19 4.10 -28.07
N VAL G 214 -17.82 3.06 -28.81
CA VAL G 214 -18.81 2.12 -29.35
C VAL G 214 -19.54 1.42 -28.21
N GLU G 215 -18.78 0.99 -27.20
CA GLU G 215 -19.41 0.34 -26.05
C GLU G 215 -20.46 1.24 -25.40
N ALA G 216 -20.10 2.52 -25.20
CA ALA G 216 -21.03 3.46 -24.59
C ALA G 216 -22.25 3.70 -25.46
N ALA G 217 -22.07 3.75 -26.78
CA ALA G 217 -23.21 3.93 -27.67
C ALA G 217 -24.19 2.76 -27.54
N HIS G 218 -23.67 1.53 -27.54
CA HIS G 218 -24.55 0.38 -27.39
C HIS G 218 -25.27 0.40 -26.04
N ALA G 219 -24.55 0.73 -24.97
CA ALA G 219 -25.16 0.79 -23.65
C ALA G 219 -26.27 1.83 -23.60
N ALA G 220 -26.03 3.01 -24.17
CA ALA G 220 -27.03 4.07 -24.17
C ALA G 220 -28.29 3.63 -24.90
N LEU G 221 -28.12 3.05 -26.09
CA LEU G 221 -29.28 2.59 -26.84
C LEU G 221 -30.09 1.57 -26.03
N GLN G 222 -29.39 0.58 -25.46
CA GLN G 222 -30.11 -0.48 -24.75
C GLN G 222 -30.83 0.07 -23.52
N ILE G 223 -30.17 0.96 -22.77
CA ILE G 223 -30.80 1.47 -21.55
C ILE G 223 -31.99 2.34 -21.86
N VAL G 224 -31.91 3.16 -22.92
CA VAL G 224 -33.06 3.99 -23.28
C VAL G 224 -34.22 3.11 -23.72
N SER G 225 -33.94 2.08 -24.53
CA SER G 225 -35.02 1.19 -24.97
C SER G 225 -35.67 0.47 -23.78
N GLU G 226 -34.85 -0.03 -22.85
CA GLU G 226 -35.41 -0.74 -21.70
C GLU G 226 -36.23 0.19 -20.81
N ARG G 227 -35.73 1.39 -20.55
CA ARG G 227 -36.48 2.33 -19.71
C ARG G 227 -37.79 2.72 -20.35
N SER G 228 -37.80 2.91 -21.67
CA SER G 228 -39.07 3.19 -22.34
C SER G 228 -39.99 1.97 -22.29
N ARG G 229 -39.42 0.76 -22.25
CA ARG G 229 -40.25 -0.44 -22.21
C ARG G 229 -40.95 -0.57 -20.86
N ILE G 230 -40.21 -0.44 -19.76
CA ILE G 230 -40.79 -0.69 -18.44
C ILE G 230 -41.76 0.40 -18.00
N ALA G 231 -41.82 1.52 -18.71
CA ALA G 231 -42.72 2.61 -18.35
C ALA G 231 -44.13 2.42 -18.88
N ALA G 232 -44.38 1.34 -19.61
CA ALA G 232 -45.72 1.08 -20.14
C ALA G 232 -46.45 0.05 -19.30
N MET H 1 -69.83 2.66 1.15
CA MET H 1 -69.33 3.73 0.29
C MET H 1 -70.25 3.94 -0.91
N HIS H 2 -70.24 5.17 -1.44
CA HIS H 2 -71.04 5.48 -2.61
C HIS H 2 -70.46 4.80 -3.85
N ALA H 3 -71.29 4.70 -4.88
CA ALA H 3 -70.88 4.07 -6.13
C ALA H 3 -69.66 4.75 -6.72
N ASP H 4 -68.56 4.00 -6.83
CA ASP H 4 -67.29 4.54 -7.31
C ASP H 4 -67.31 4.53 -8.83
N CYS H 5 -67.66 5.67 -9.42
CA CYS H 5 -67.68 5.77 -10.88
C CYS H 5 -66.27 5.62 -11.46
N ALA H 6 -65.28 6.26 -10.83
CA ALA H 6 -63.91 6.17 -11.31
C ALA H 6 -62.98 6.58 -10.17
N LYS H 7 -61.87 5.84 -10.02
CA LYS H 7 -60.86 6.12 -9.01
C LYS H 7 -59.51 6.20 -9.68
N GLY H 8 -58.76 7.25 -9.39
CA GLY H 8 -57.44 7.43 -9.96
C GLY H 8 -57.02 8.88 -9.90
N LYS H 9 -55.82 9.12 -10.41
CA LYS H 9 -55.27 10.47 -10.45
C LYS H 9 -56.00 11.31 -11.48
N ILE H 10 -56.07 12.62 -11.22
CA ILE H 10 -56.72 13.55 -12.13
C ILE H 10 -55.82 13.71 -13.36
N GLU H 11 -56.27 13.15 -14.49
CA GLU H 11 -55.48 13.26 -15.72
C GLU H 11 -55.35 14.70 -16.17
N PHE H 12 -56.44 15.46 -16.12
CA PHE H 12 -56.40 16.88 -16.44
C PHE H 12 -57.61 17.56 -15.81
N SER H 13 -57.42 18.78 -15.35
CA SER H 13 -58.48 19.59 -14.75
C SER H 13 -58.76 20.78 -15.66
N LYS H 14 -60.03 20.96 -16.03
CA LYS H 14 -60.43 22.00 -16.96
C LYS H 14 -61.58 22.79 -16.35
N TYR H 15 -61.35 24.07 -16.08
CA TYR H 15 -62.38 24.95 -15.54
C TYR H 15 -63.07 25.64 -16.71
N ASN H 16 -64.27 25.17 -17.04
CA ASN H 16 -65.00 25.72 -18.18
C ASN H 16 -65.59 27.09 -17.82
N GLU H 17 -66.09 27.77 -18.85
CA GLU H 17 -66.63 29.12 -18.67
C GLU H 17 -67.97 29.13 -17.95
N ASP H 18 -68.61 27.98 -17.77
CA ASP H 18 -69.90 27.90 -17.08
C ASP H 18 -69.76 27.57 -15.61
N ASP H 19 -68.66 27.99 -14.97
CA ASP H 19 -68.41 27.75 -13.55
C ASP H 19 -68.43 26.26 -13.21
N THR H 20 -67.87 25.46 -14.10
CA THR H 20 -67.75 24.02 -13.91
C THR H 20 -66.29 23.61 -13.98
N PHE H 21 -65.87 22.77 -13.02
CA PHE H 21 -64.50 22.29 -12.93
C PHE H 21 -64.49 20.84 -13.42
N THR H 22 -64.09 20.65 -14.68
CA THR H 22 -64.06 19.33 -15.29
C THR H 22 -62.74 18.66 -14.97
N VAL H 23 -62.80 17.48 -14.36
CA VAL H 23 -61.63 16.70 -13.99
C VAL H 23 -61.76 15.30 -14.56
N LYS H 24 -60.70 14.79 -15.17
CA LYS H 24 -60.68 13.46 -15.75
C LYS H 24 -60.02 12.50 -14.77
N VAL H 25 -60.79 11.49 -14.33
CA VAL H 25 -60.33 10.51 -13.37
C VAL H 25 -60.51 9.13 -13.98
N ASP H 26 -59.43 8.34 -13.99
CA ASP H 26 -59.44 6.96 -14.51
C ASP H 26 -59.97 6.90 -15.94
N GLY H 27 -59.58 7.88 -16.74
CA GLY H 27 -59.99 7.93 -18.13
C GLY H 27 -61.37 8.46 -18.39
N LYS H 28 -62.09 8.90 -17.36
CA LYS H 28 -63.45 9.42 -17.50
C LYS H 28 -63.49 10.85 -16.98
N GLU H 29 -64.10 11.74 -17.75
CA GLU H 29 -64.16 13.16 -17.40
C GLU H 29 -65.40 13.43 -16.55
N TYR H 30 -65.20 14.13 -15.45
CA TYR H 30 -66.28 14.52 -14.54
C TYR H 30 -66.12 16.00 -14.19
N TRP H 31 -67.25 16.68 -14.02
CA TRP H 31 -67.27 18.11 -13.74
C TRP H 31 -68.12 18.41 -12.51
N THR H 32 -67.75 19.47 -11.80
CA THR H 32 -68.46 19.92 -10.60
C THR H 32 -68.87 21.38 -10.76
N SER H 33 -70.10 21.69 -10.36
CA SER H 33 -70.56 23.06 -10.29
C SER H 33 -70.37 23.68 -8.91
N ARG H 34 -69.81 22.93 -7.97
CA ARG H 34 -69.61 23.44 -6.62
C ARG H 34 -68.46 24.44 -6.60
N TRP H 35 -68.67 25.57 -5.95
CA TRP H 35 -67.61 26.57 -5.84
C TRP H 35 -66.52 26.11 -4.87
N ASN H 36 -66.90 25.40 -3.81
CA ASN H 36 -65.93 24.95 -2.83
C ASN H 36 -65.08 23.80 -3.35
N LEU H 37 -65.62 23.02 -4.30
CA LEU H 37 -64.88 21.85 -4.78
C LEU H 37 -63.72 22.23 -5.69
N GLN H 38 -63.80 23.40 -6.34
CA GLN H 38 -62.75 23.80 -7.28
C GLN H 38 -61.40 23.97 -6.60
N PRO H 39 -61.26 24.73 -5.50
CA PRO H 39 -59.94 24.80 -4.83
C PRO H 39 -59.49 23.45 -4.31
N LEU H 40 -60.42 22.63 -3.81
CA LEU H 40 -60.05 21.30 -3.34
C LEU H 40 -59.54 20.44 -4.48
N LEU H 41 -60.20 20.50 -5.64
CA LEU H 41 -59.74 19.73 -6.81
C LEU H 41 -58.37 20.22 -7.28
N GLN H 42 -58.16 21.55 -7.29
CA GLN H 42 -56.87 22.07 -7.68
C GLN H 42 -55.77 21.63 -6.72
N SER H 43 -56.05 21.67 -5.42
CA SER H 43 -55.06 21.21 -4.44
C SER H 43 -54.76 19.73 -4.61
N ALA H 44 -55.80 18.93 -4.86
CA ALA H 44 -55.59 17.49 -5.08
C ALA H 44 -54.74 17.26 -6.32
N GLN H 45 -54.98 18.01 -7.39
CA GLN H 45 -54.19 17.85 -8.61
C GLN H 45 -52.73 18.24 -8.38
N LEU H 46 -52.50 19.37 -7.70
CA LEU H 46 -51.13 19.82 -7.51
C LEU H 46 -50.38 19.01 -6.46
N THR H 47 -51.09 18.31 -5.57
CA THR H 47 -50.45 17.50 -4.55
C THR H 47 -50.28 16.05 -4.97
N GLY H 48 -50.60 15.71 -6.21
CA GLY H 48 -50.52 14.33 -6.65
C GLY H 48 -51.51 13.42 -5.95
N MET H 49 -52.75 13.86 -5.81
CA MET H 49 -53.79 13.12 -5.10
C MET H 49 -54.69 12.38 -6.08
N THR H 50 -55.02 11.15 -5.73
CA THR H 50 -55.96 10.35 -6.50
C THR H 50 -57.33 10.40 -5.81
N VAL H 51 -58.32 10.87 -6.54
CA VAL H 51 -59.65 11.06 -6.00
C VAL H 51 -60.56 9.94 -6.51
N THR H 52 -61.63 9.68 -5.78
CA THR H 52 -62.61 8.66 -6.12
C THR H 52 -63.92 9.36 -6.46
N ILE H 53 -64.37 9.19 -7.70
CA ILE H 53 -65.58 9.85 -8.17
C ILE H 53 -66.79 9.06 -7.69
N LYS H 54 -67.65 9.72 -6.92
CA LYS H 54 -68.85 9.10 -6.38
C LYS H 54 -70.06 9.89 -6.84
N SER H 55 -70.94 9.25 -7.62
CA SER H 55 -72.13 9.90 -8.13
C SER H 55 -73.13 8.84 -8.56
N SER H 56 -74.39 9.27 -8.69
CA SER H 56 -75.43 8.38 -9.20
C SER H 56 -75.21 8.06 -10.68
N THR H 57 -74.73 9.04 -11.45
CA THR H 57 -74.48 8.87 -12.87
C THR H 57 -72.98 8.73 -13.09
N CYS H 58 -72.57 7.59 -13.65
CA CYS H 58 -71.16 7.31 -13.89
C CYS H 58 -70.75 7.51 -15.35
N GLU H 59 -71.64 8.06 -16.17
CA GLU H 59 -71.32 8.26 -17.57
C GLU H 59 -70.35 9.43 -17.74
N SER H 60 -69.76 9.50 -18.93
CA SER H 60 -68.81 10.58 -19.24
C SER H 60 -69.53 11.92 -19.29
N GLY H 61 -68.88 12.95 -18.73
CA GLY H 61 -69.46 14.27 -18.71
C GLY H 61 -70.61 14.45 -17.74
N SER H 62 -70.71 13.58 -16.73
CA SER H 62 -71.78 13.66 -15.74
C SER H 62 -71.27 14.38 -14.50
N GLY H 63 -72.09 15.29 -13.99
CA GLY H 63 -71.71 16.04 -12.81
C GLY H 63 -71.73 15.19 -11.55
N PHE H 64 -70.88 15.56 -10.60
CA PHE H 64 -70.82 14.85 -9.32
C PHE H 64 -70.50 15.85 -8.22
N ALA H 65 -70.86 15.48 -6.99
CA ALA H 65 -70.58 16.31 -5.82
C ALA H 65 -70.06 15.52 -4.64
N GLU H 66 -69.79 14.23 -4.79
CA GLU H 66 -69.30 13.38 -3.71
C GLU H 66 -67.92 12.85 -4.06
N VAL H 67 -66.96 13.02 -3.16
CA VAL H 67 -65.60 12.57 -3.38
C VAL H 67 -64.99 12.19 -2.03
N GLN H 68 -64.07 11.23 -2.07
CA GLN H 68 -63.45 10.71 -0.86
C GLN H 68 -61.94 10.71 -1.01
N PHE H 69 -61.24 11.24 -0.01
CA PHE H 69 -59.78 11.25 0.04
C PHE H 69 -59.35 10.38 1.23
N ASN H 70 -58.87 9.17 0.94
CA ASN H 70 -58.48 8.25 2.00
C ASN H 70 -57.31 8.80 2.82
N ASN H 71 -56.14 8.92 2.21
CA ASN H 71 -54.99 9.52 2.90
C ASN H 71 -54.07 10.10 1.82
N ASP H 72 -54.24 11.41 1.56
CA ASP H 72 -53.46 12.12 0.56
C ASP H 72 -53.48 11.41 -0.80
N GLY H 73 -54.57 10.68 -1.07
CA GLY H 73 -54.65 9.92 -2.30
C GLY H 73 -53.65 8.77 -2.34
N SER H 74 -53.36 8.35 -3.57
CA SER H 74 -52.34 7.33 -3.81
C SER H 74 -51.14 7.90 -4.57
N GLY H 75 -51.38 8.49 -5.73
CA GLY H 75 -50.29 9.09 -6.50
C GLY H 75 -49.20 8.08 -6.82
N SER H 76 -47.95 8.46 -6.56
CA SER H 76 -46.83 7.56 -6.71
C SER H 76 -46.68 6.61 -5.53
N GLY H 77 -47.48 6.78 -4.48
CA GLY H 77 -47.39 5.95 -3.30
C GLY H 77 -47.98 4.56 -3.49
N SER H 78 -48.55 4.02 -2.42
CA SER H 78 -49.12 2.66 -2.37
C SER H 78 -48.10 1.58 -2.66
N GLY H 79 -46.81 1.90 -2.54
CA GLY H 79 -45.72 0.96 -2.75
C GLY H 79 -45.19 0.40 -1.45
N SER H 80 -43.89 0.11 -1.44
CA SER H 80 -43.18 -0.42 -0.27
C SER H 80 -43.72 -1.78 0.17
N GLY H 81 -44.38 -2.50 -0.73
CA GLY H 81 -44.92 -3.80 -0.41
C GLY H 81 -46.19 -4.12 -1.16
N SER H 82 -46.47 -5.41 -1.35
CA SER H 82 -47.68 -5.85 -2.04
C SER H 82 -48.65 -6.57 -1.12
N LEU H 83 -48.20 -7.65 -0.48
CA LEU H 83 -49.02 -8.45 0.43
C LEU H 83 -48.12 -9.49 1.07
N LYS H 84 -48.48 -9.92 2.27
CA LYS H 84 -47.73 -10.96 2.95
C LYS H 84 -48.04 -12.33 2.33
N THR H 85 -47.00 -13.17 2.23
CA THR H 85 -47.06 -14.55 1.73
C THR H 85 -47.36 -14.57 0.24
N SER H 86 -47.56 -13.41 -0.38
CA SER H 86 -47.76 -13.33 -1.82
C SER H 86 -47.29 -11.95 -2.28
N PHE H 87 -46.08 -11.87 -2.79
CA PHE H 87 -45.51 -10.61 -3.24
C PHE H 87 -44.60 -10.89 -4.43
N LYS H 88 -43.93 -9.85 -4.91
CA LYS H 88 -43.07 -9.94 -6.08
C LYS H 88 -41.69 -9.39 -5.75
N ILE H 89 -40.69 -9.86 -6.48
CA ILE H 89 -39.31 -9.44 -6.30
C ILE H 89 -38.74 -9.09 -7.67
N ALA H 90 -38.03 -7.96 -7.75
CA ALA H 90 -37.40 -7.53 -8.99
C ALA H 90 -35.92 -7.89 -8.96
N PHE H 91 -35.46 -8.59 -9.98
CA PHE H 91 -34.07 -9.03 -10.09
C PHE H 91 -33.42 -8.25 -11.23
N ILE H 92 -32.65 -7.23 -10.89
CA ILE H 92 -31.93 -6.42 -11.86
C ILE H 92 -30.53 -7.01 -12.02
N GLN H 93 -30.19 -7.43 -13.23
CA GLN H 93 -28.93 -8.09 -13.52
C GLN H 93 -28.18 -7.34 -14.62
N ALA H 94 -26.88 -7.18 -14.44
CA ALA H 94 -26.05 -6.55 -15.45
C ALA H 94 -25.63 -7.56 -16.51
N ARG H 95 -25.40 -7.07 -17.72
CA ARG H 95 -25.04 -7.92 -18.85
C ARG H 95 -23.54 -7.96 -19.10
N TRP H 96 -22.74 -7.42 -18.18
CA TRP H 96 -21.28 -7.53 -18.23
C TRP H 96 -20.90 -8.77 -17.43
N HIS H 97 -20.18 -9.70 -18.07
CA HIS H 97 -19.90 -11.02 -17.50
C HIS H 97 -21.20 -11.76 -17.18
N ALA H 98 -21.97 -12.01 -18.24
CA ALA H 98 -23.30 -12.58 -18.07
C ALA H 98 -23.25 -14.04 -17.62
N ASP H 99 -22.17 -14.75 -17.92
CA ASP H 99 -22.11 -16.18 -17.63
C ASP H 99 -22.07 -16.49 -16.14
N ILE H 100 -21.85 -15.50 -15.28
CA ILE H 100 -21.77 -15.70 -13.85
C ILE H 100 -23.00 -15.13 -13.13
N VAL H 101 -23.43 -13.93 -13.53
CA VAL H 101 -24.68 -13.40 -13.05
C VAL H 101 -25.83 -14.32 -13.41
N ASP H 102 -25.71 -15.02 -14.54
CA ASP H 102 -26.72 -16.00 -14.92
C ASP H 102 -26.80 -17.12 -13.90
N GLU H 103 -25.65 -17.62 -13.44
CA GLU H 103 -25.66 -18.66 -12.42
C GLU H 103 -26.28 -18.17 -11.12
N ALA H 104 -25.91 -16.95 -10.72
CA ALA H 104 -26.50 -16.39 -9.49
C ALA H 104 -28.01 -16.28 -9.62
N ARG H 105 -28.50 -15.78 -10.76
CA ARG H 105 -29.93 -15.61 -10.96
C ARG H 105 -30.66 -16.95 -10.96
N LYS H 106 -30.08 -17.96 -11.64
CA LYS H 106 -30.71 -19.27 -11.67
C LYS H 106 -30.80 -19.88 -10.29
N SER H 107 -29.73 -19.76 -9.49
CA SER H 107 -29.77 -20.27 -8.12
C SER H 107 -30.83 -19.54 -7.30
N PHE H 108 -30.90 -18.22 -7.43
CA PHE H 108 -31.90 -17.44 -6.70
C PHE H 108 -33.31 -17.92 -7.03
N VAL H 109 -33.63 -18.02 -8.32
CA VAL H 109 -34.97 -18.41 -8.73
C VAL H 109 -35.28 -19.83 -8.28
N ALA H 110 -34.33 -20.75 -8.44
CA ALA H 110 -34.57 -22.14 -8.07
C ALA H 110 -34.83 -22.27 -6.57
N GLU H 111 -34.05 -21.60 -5.73
CA GLU H 111 -34.27 -21.68 -4.29
C GLU H 111 -35.61 -21.06 -3.90
N LEU H 112 -35.90 -19.90 -4.49
CA LEU H 112 -37.20 -19.24 -4.20
C LEU H 112 -38.32 -20.24 -4.50
N ALA H 113 -38.30 -20.82 -5.71
CA ALA H 113 -39.35 -21.75 -6.09
C ALA H 113 -39.36 -22.99 -5.20
N ALA H 114 -38.20 -23.36 -4.66
CA ALA H 114 -38.13 -24.54 -3.80
C ALA H 114 -38.84 -24.30 -2.48
N LYS H 115 -38.57 -23.18 -1.82
CA LYS H 115 -39.23 -22.93 -0.54
C LYS H 115 -40.67 -22.46 -0.72
N THR H 116 -40.87 -21.32 -1.38
CA THR H 116 -42.20 -20.74 -1.45
C THR H 116 -43.14 -21.59 -2.30
N GLY H 117 -42.65 -22.16 -3.40
CA GLY H 117 -43.49 -22.97 -4.26
C GLY H 117 -44.59 -22.23 -4.97
N GLY H 118 -44.28 -21.05 -5.53
CA GLY H 118 -45.25 -20.26 -6.26
C GLY H 118 -45.85 -19.10 -5.50
N SER H 119 -45.50 -18.93 -4.23
CA SER H 119 -46.02 -17.78 -3.48
C SER H 119 -45.31 -16.49 -3.90
N VAL H 120 -44.03 -16.57 -4.24
CA VAL H 120 -43.24 -15.42 -4.64
C VAL H 120 -42.89 -15.57 -6.11
N GLU H 121 -43.17 -14.53 -6.89
CA GLU H 121 -42.83 -14.47 -8.30
C GLU H 121 -41.70 -13.46 -8.52
N VAL H 122 -40.75 -13.83 -9.35
CA VAL H 122 -39.56 -13.02 -9.61
C VAL H 122 -39.63 -12.50 -11.03
N GLU H 123 -39.60 -11.18 -11.19
CA GLU H 123 -39.52 -10.54 -12.49
C GLU H 123 -38.07 -10.16 -12.77
N ILE H 124 -37.67 -10.26 -14.03
CA ILE H 124 -36.27 -10.22 -14.42
C ILE H 124 -36.06 -9.01 -15.32
N PHE H 125 -35.10 -8.16 -14.95
CA PHE H 125 -34.82 -6.93 -15.68
C PHE H 125 -33.35 -6.88 -16.07
N ASP H 126 -33.09 -6.59 -17.34
CA ASP H 126 -31.74 -6.54 -17.87
C ASP H 126 -31.23 -5.10 -17.88
N VAL H 127 -29.92 -4.95 -17.73
CA VAL H 127 -29.29 -3.64 -17.61
C VAL H 127 -27.87 -3.73 -18.15
N PRO H 128 -27.40 -2.72 -18.90
CA PRO H 128 -26.09 -2.84 -19.56
C PRO H 128 -24.91 -3.05 -18.62
N GLY H 129 -24.92 -2.40 -17.45
CA GLY H 129 -23.78 -2.50 -16.56
C GLY H 129 -24.15 -2.10 -15.15
N ALA H 130 -23.17 -2.21 -14.26
CA ALA H 130 -23.43 -1.96 -12.83
C ALA H 130 -23.84 -0.51 -12.58
N TYR H 131 -23.33 0.43 -13.37
CA TYR H 131 -23.61 1.84 -13.13
C TYR H 131 -25.07 2.19 -13.40
N GLU H 132 -25.83 1.34 -14.08
CA GLU H 132 -27.20 1.64 -14.45
C GLU H 132 -28.22 1.05 -13.49
N ILE H 133 -27.77 0.42 -12.40
CA ILE H 133 -28.64 -0.30 -11.49
C ILE H 133 -29.41 0.63 -10.55
N PRO H 134 -28.78 1.61 -9.88
CA PRO H 134 -29.53 2.42 -8.91
C PRO H 134 -30.75 3.13 -9.48
N LEU H 135 -30.67 3.67 -10.69
CA LEU H 135 -31.82 4.38 -11.25
C LEU H 135 -32.96 3.41 -11.58
N HIS H 136 -32.62 2.25 -12.14
CA HIS H 136 -33.63 1.22 -12.40
C HIS H 136 -34.29 0.79 -11.10
N ALA H 137 -33.49 0.61 -10.05
CA ALA H 137 -34.04 0.20 -8.76
C ALA H 137 -34.96 1.28 -8.20
N LYS H 138 -34.58 2.55 -8.34
CA LYS H 138 -35.44 3.63 -7.87
C LYS H 138 -36.77 3.66 -8.62
N THR H 139 -36.72 3.49 -9.95
CA THR H 139 -37.96 3.48 -10.73
C THR H 139 -38.85 2.32 -10.31
N LEU H 140 -38.28 1.12 -10.19
CA LEU H 140 -39.08 -0.05 -9.85
C LEU H 140 -39.60 0.02 -8.42
N ALA H 141 -38.88 0.70 -7.53
CA ALA H 141 -39.37 0.87 -6.16
C ALA H 141 -40.50 1.89 -6.10
N ARG H 142 -40.37 3.01 -6.83
CA ARG H 142 -41.41 4.03 -6.80
C ARG H 142 -42.67 3.55 -7.51
N THR H 143 -42.55 2.62 -8.46
CA THR H 143 -43.74 2.12 -9.13
C THR H 143 -44.59 1.24 -8.23
N GLY H 144 -44.08 0.86 -7.07
CA GLY H 144 -44.79 -0.07 -6.21
C GLY H 144 -44.65 -1.51 -6.70
N ARG H 145 -45.60 -2.34 -6.29
CA ARG H 145 -45.76 -3.72 -6.73
C ARG H 145 -44.67 -4.65 -6.23
N TYR H 146 -43.65 -4.14 -5.53
CA TYR H 146 -42.49 -4.95 -5.18
C TYR H 146 -42.19 -4.78 -3.70
N ALA H 147 -41.97 -5.91 -3.01
CA ALA H 147 -41.59 -5.89 -1.61
C ALA H 147 -40.08 -5.87 -1.42
N ALA H 148 -39.30 -6.23 -2.44
CA ALA H 148 -37.85 -6.20 -2.35
C ALA H 148 -37.28 -6.10 -3.75
N ILE H 149 -36.03 -5.65 -3.82
CA ILE H 149 -35.31 -5.49 -5.08
C ILE H 149 -33.92 -6.08 -4.92
N VAL H 150 -33.49 -6.86 -5.90
CA VAL H 150 -32.19 -7.52 -5.88
C VAL H 150 -31.40 -7.05 -7.09
N GLY H 151 -30.16 -6.63 -6.87
CA GLY H 151 -29.30 -6.18 -7.96
C GLY H 151 -28.00 -6.95 -8.02
N ALA H 152 -27.72 -7.59 -9.15
CA ALA H 152 -26.58 -8.47 -9.31
C ALA H 152 -25.66 -7.98 -10.42
N ALA H 153 -24.36 -7.95 -10.13
CA ALA H 153 -23.36 -7.58 -11.10
C ALA H 153 -22.01 -8.11 -10.64
N PHE H 154 -21.05 -8.11 -11.56
CA PHE H 154 -19.70 -8.62 -11.31
C PHE H 154 -18.71 -7.54 -11.74
N VAL H 155 -18.20 -6.78 -10.79
CA VAL H 155 -17.30 -5.66 -11.08
C VAL H 155 -15.86 -6.17 -11.06
N ILE H 156 -15.15 -5.96 -12.17
CA ILE H 156 -13.86 -6.60 -12.40
C ILE H 156 -12.81 -5.53 -12.66
N ASP H 157 -11.66 -5.66 -12.01
CA ASP H 157 -10.50 -4.83 -12.33
C ASP H 157 -9.84 -5.38 -13.58
N GLY H 158 -9.97 -4.67 -14.69
CA GLY H 158 -9.47 -5.16 -15.96
C GLY H 158 -8.00 -4.99 -16.20
N GLY H 159 -7.27 -4.32 -15.30
CA GLY H 159 -5.86 -4.11 -15.46
C GLY H 159 -5.46 -2.86 -16.23
N ILE H 160 -6.42 -2.12 -16.77
CA ILE H 160 -6.15 -0.89 -17.51
C ILE H 160 -6.65 0.33 -16.74
N TYR H 161 -7.93 0.36 -16.41
CA TYR H 161 -8.53 1.46 -15.68
C TYR H 161 -8.85 1.03 -14.25
N ARG H 162 -8.99 2.02 -13.37
CA ARG H 162 -9.38 1.77 -11.99
C ARG H 162 -10.88 1.54 -11.91
N HIS H 163 -11.29 0.59 -11.07
CA HIS H 163 -12.67 0.14 -11.01
C HIS H 163 -13.36 0.46 -9.70
N ASP H 164 -12.64 0.93 -8.68
CA ASP H 164 -13.25 1.09 -7.37
C ASP H 164 -14.21 2.27 -7.31
N PHE H 165 -14.03 3.27 -8.18
CA PHE H 165 -14.93 4.42 -8.18
C PHE H 165 -16.34 4.00 -8.53
N VAL H 166 -16.50 3.19 -9.57
CA VAL H 166 -17.82 2.77 -10.01
C VAL H 166 -18.47 1.87 -8.97
N ALA H 167 -17.69 0.96 -8.37
CA ALA H 167 -18.23 0.08 -7.34
C ALA H 167 -18.71 0.87 -6.14
N THR H 168 -17.91 1.82 -5.66
CA THR H 168 -18.32 2.65 -4.54
C THR H 168 -19.58 3.44 -4.88
N ALA H 169 -19.62 4.03 -6.07
CA ALA H 169 -20.80 4.79 -6.47
C ALA H 169 -22.04 3.91 -6.51
N VAL H 170 -21.91 2.68 -7.02
CA VAL H 170 -23.06 1.80 -7.15
C VAL H 170 -23.58 1.39 -5.77
N ILE H 171 -22.67 1.00 -4.86
CA ILE H 171 -23.11 0.58 -3.53
C ILE H 171 -23.79 1.75 -2.80
N ASN H 172 -23.16 2.92 -2.83
CA ASN H 172 -23.73 4.07 -2.13
C ASN H 172 -25.06 4.49 -2.75
N GLY H 173 -25.17 4.43 -4.08
CA GLY H 173 -26.43 4.78 -4.72
C GLY H 173 -27.54 3.81 -4.41
N MET H 174 -27.22 2.51 -4.36
CA MET H 174 -28.23 1.52 -3.99
C MET H 174 -28.72 1.75 -2.57
N MET H 175 -27.80 2.03 -1.64
CA MET H 175 -28.22 2.32 -0.27
C MET H 175 -29.07 3.59 -0.21
N GLN H 176 -28.68 4.62 -0.96
CA GLN H 176 -29.45 5.86 -0.97
C GLN H 176 -30.86 5.64 -1.52
N VAL H 177 -30.98 4.86 -2.60
CA VAL H 177 -32.29 4.57 -3.16
C VAL H 177 -33.13 3.79 -2.17
N GLN H 178 -32.54 2.80 -1.51
CA GLN H 178 -33.25 1.99 -0.54
C GLN H 178 -33.75 2.83 0.63
N LEU H 179 -32.93 3.77 1.12
CA LEU H 179 -33.39 4.66 2.18
C LEU H 179 -34.43 5.66 1.70
N GLU H 180 -34.34 6.08 0.44
CA GLU H 180 -35.29 7.06 -0.10
C GLU H 180 -36.67 6.48 -0.28
N THR H 181 -36.76 5.30 -0.89
CA THR H 181 -38.06 4.72 -1.26
C THR H 181 -38.62 3.77 -0.23
N GLU H 182 -37.85 3.45 0.82
CA GLU H 182 -38.30 2.55 1.88
C GLU H 182 -38.68 1.18 1.33
N VAL H 183 -37.92 0.68 0.37
CA VAL H 183 -38.07 -0.66 -0.17
C VAL H 183 -36.72 -1.36 -0.03
N PRO H 184 -36.65 -2.53 0.60
CA PRO H 184 -35.35 -3.19 0.78
C PRO H 184 -34.68 -3.49 -0.55
N VAL H 185 -33.38 -3.24 -0.61
CA VAL H 185 -32.57 -3.51 -1.79
C VAL H 185 -31.39 -4.35 -1.35
N LEU H 186 -31.31 -5.59 -1.85
CA LEU H 186 -30.25 -6.51 -1.49
C LEU H 186 -29.17 -6.49 -2.55
N SER H 187 -27.91 -6.44 -2.11
CA SER H 187 -26.77 -6.24 -2.99
C SER H 187 -26.09 -7.57 -3.29
N VAL H 188 -26.04 -7.93 -4.57
CA VAL H 188 -25.26 -9.09 -5.01
C VAL H 188 -24.24 -8.60 -6.03
N VAL H 189 -23.82 -7.35 -5.91
CA VAL H 189 -22.72 -6.83 -6.70
C VAL H 189 -21.43 -7.11 -5.94
N LEU H 190 -20.52 -7.86 -6.57
CA LEU H 190 -19.35 -8.39 -5.88
C LEU H 190 -18.09 -8.03 -6.65
N THR H 191 -17.05 -7.66 -5.90
CA THR H 191 -15.77 -7.26 -6.48
C THR H 191 -14.67 -8.19 -5.97
N PRO H 192 -14.18 -9.11 -6.78
CA PRO H 192 -13.15 -10.03 -6.31
C PRO H 192 -11.80 -9.33 -6.15
N HIS H 193 -10.97 -9.94 -5.30
CA HIS H 193 -9.61 -9.41 -5.11
C HIS H 193 -8.78 -9.53 -6.38
N HIS H 194 -8.86 -10.67 -7.06
CA HIS H 194 -8.07 -10.93 -8.25
C HIS H 194 -8.89 -11.72 -9.25
N PHE H 195 -8.79 -11.35 -10.53
CA PHE H 195 -9.47 -12.09 -11.59
C PHE H 195 -8.72 -11.80 -12.89
N HIS H 196 -7.91 -12.78 -13.32
CA HIS H 196 -7.05 -12.61 -14.50
C HIS H 196 -7.49 -13.46 -15.69
N GLU H 197 -8.68 -14.06 -15.62
CA GLU H 197 -9.26 -14.82 -16.73
C GLU H 197 -8.33 -15.94 -17.19
N SER H 198 -8.06 -16.87 -16.28
CA SER H 198 -7.21 -18.03 -16.56
C SER H 198 -7.98 -19.33 -16.48
N LYS H 199 -9.31 -19.27 -16.49
CA LYS H 199 -10.27 -20.37 -16.49
C LYS H 199 -10.31 -21.09 -15.14
N GLU H 200 -9.33 -20.83 -14.27
CA GLU H 200 -9.42 -21.28 -12.90
C GLU H 200 -10.35 -20.36 -12.11
N HIS H 201 -10.13 -19.04 -12.24
CA HIS H 201 -11.07 -18.07 -11.71
C HIS H 201 -12.44 -18.24 -12.36
N HIS H 202 -12.48 -18.49 -13.66
CA HIS H 202 -13.74 -18.66 -14.36
C HIS H 202 -14.51 -19.87 -13.84
N ASP H 203 -13.81 -20.97 -13.55
CA ASP H 203 -14.49 -22.14 -13.00
C ASP H 203 -14.88 -21.94 -11.55
N PHE H 204 -14.09 -21.18 -10.78
CA PHE H 204 -14.38 -21.00 -9.36
C PHE H 204 -15.58 -20.08 -9.15
N PHE H 205 -15.64 -18.97 -9.88
CA PHE H 205 -16.65 -17.97 -9.62
C PHE H 205 -18.03 -18.41 -10.07
N HIS H 206 -18.13 -19.34 -11.03
CA HIS H 206 -19.42 -19.93 -11.37
C HIS H 206 -20.08 -20.53 -10.14
N ALA H 207 -19.36 -21.43 -9.46
CA ALA H 207 -19.91 -22.09 -8.28
C ALA H 207 -20.10 -21.09 -7.14
N HIS H 208 -19.18 -20.14 -6.99
CA HIS H 208 -19.34 -19.21 -5.88
C HIS H 208 -20.57 -18.33 -6.06
N PHE H 209 -20.85 -17.88 -7.28
CA PHE H 209 -22.08 -17.13 -7.53
C PHE H 209 -23.30 -18.03 -7.39
N LYS H 210 -23.17 -19.32 -7.73
CA LYS H 210 -24.26 -20.26 -7.47
C LYS H 210 -24.62 -20.29 -5.99
N VAL H 211 -23.61 -20.24 -5.12
CA VAL H 211 -23.88 -20.19 -3.68
C VAL H 211 -24.48 -18.85 -3.27
N LYS H 212 -23.92 -17.75 -3.80
CA LYS H 212 -24.39 -16.42 -3.44
C LYS H 212 -25.85 -16.21 -3.80
N GLY H 213 -26.31 -16.82 -4.89
CA GLY H 213 -27.72 -16.68 -5.25
C GLY H 213 -28.65 -17.25 -4.20
N VAL H 214 -28.34 -18.45 -3.70
CA VAL H 214 -29.15 -19.06 -2.66
C VAL H 214 -29.10 -18.21 -1.39
N GLU H 215 -27.91 -17.72 -1.03
CA GLU H 215 -27.80 -16.87 0.14
C GLU H 215 -28.67 -15.63 0.03
N ALA H 216 -28.66 -14.99 -1.15
CA ALA H 216 -29.47 -13.80 -1.36
C ALA H 216 -30.95 -14.11 -1.30
N ALA H 217 -31.36 -15.27 -1.84
CA ALA H 217 -32.77 -15.65 -1.76
C ALA H 217 -33.22 -15.79 -0.31
N HIS H 218 -32.41 -16.46 0.51
CA HIS H 218 -32.76 -16.63 1.91
C HIS H 218 -32.84 -15.28 2.61
N ALA H 219 -31.86 -14.40 2.35
CA ALA H 219 -31.86 -13.09 2.99
C ALA H 219 -33.08 -12.27 2.59
N ALA H 220 -33.46 -12.32 1.31
CA ALA H 220 -34.63 -11.57 0.86
C ALA H 220 -35.89 -12.05 1.54
N LEU H 221 -36.08 -13.38 1.60
CA LEU H 221 -37.26 -13.91 2.27
C LEU H 221 -37.32 -13.46 3.72
N GLN H 222 -36.20 -13.59 4.43
CA GLN H 222 -36.19 -13.26 5.86
C GLN H 222 -36.45 -11.77 6.07
N ILE H 223 -35.84 -10.91 5.26
CA ILE H 223 -35.99 -9.47 5.48
C ILE H 223 -37.41 -9.03 5.17
N VAL H 224 -38.02 -9.58 4.12
CA VAL H 224 -39.41 -9.22 3.82
C VAL H 224 -40.33 -9.66 4.95
N SER H 225 -40.14 -10.88 5.45
CA SER H 225 -40.98 -11.35 6.55
C SER H 225 -40.82 -10.48 7.79
N GLU H 226 -39.58 -10.12 8.13
CA GLU H 226 -39.35 -9.30 9.32
C GLU H 226 -39.95 -7.91 9.17
N ARG H 227 -39.76 -7.28 8.01
CA ARG H 227 -40.32 -5.95 7.80
C ARG H 227 -41.84 -5.98 7.86
N SER H 228 -42.45 -7.03 7.32
CA SER H 228 -43.90 -7.16 7.46
C SER H 228 -44.30 -7.38 8.91
N ARG H 229 -43.45 -8.05 9.69
CA ARG H 229 -43.80 -8.32 11.08
C ARG H 229 -43.76 -7.06 11.93
N ILE H 230 -42.70 -6.26 11.82
CA ILE H 230 -42.56 -5.10 12.70
C ILE H 230 -43.51 -3.97 12.35
N ALA H 231 -44.23 -4.06 11.24
CA ALA H 231 -45.15 -3.03 10.82
C ALA H 231 -46.55 -3.22 11.38
N ALA H 232 -46.75 -4.21 12.24
CA ALA H 232 -48.05 -4.44 12.85
C ALA H 232 -48.05 -4.06 14.32
N MET I 1 -61.89 20.68 30.43
CA MET I 1 -61.29 20.36 29.15
C MET I 1 -62.28 19.49 28.39
N HIS I 2 -62.47 19.77 27.11
CA HIS I 2 -63.52 19.12 26.34
C HIS I 2 -63.23 17.62 26.19
N ALA I 3 -64.30 16.84 26.11
CA ALA I 3 -64.15 15.39 25.97
C ALA I 3 -63.58 15.04 24.61
N ASP I 4 -62.68 14.05 24.58
CA ASP I 4 -62.06 13.60 23.35
C ASP I 4 -62.80 12.35 22.86
N CYS I 5 -63.67 12.55 21.86
CA CYS I 5 -64.38 11.42 21.28
C CYS I 5 -63.43 10.45 20.60
N ALA I 6 -62.46 10.97 19.85
CA ALA I 6 -61.48 10.14 19.17
C ALA I 6 -60.31 11.02 18.75
N LYS I 7 -59.09 10.52 19.00
CA LYS I 7 -57.87 11.24 18.66
C LYS I 7 -56.99 10.34 17.79
N GLY I 8 -56.50 10.89 16.69
CA GLY I 8 -55.64 10.14 15.80
C GLY I 8 -55.68 10.71 14.40
N LYS I 9 -54.93 10.06 13.53
CA LYS I 9 -54.88 10.47 12.13
C LYS I 9 -56.20 10.13 11.43
N ILE I 10 -56.56 10.96 10.45
CA ILE I 10 -57.79 10.76 9.68
C ILE I 10 -57.58 9.54 8.78
N GLU I 11 -58.29 8.45 9.06
CA GLU I 11 -58.15 7.25 8.25
C GLU I 11 -58.64 7.48 6.83
N PHE I 12 -59.77 8.15 6.67
CA PHE I 12 -60.28 8.50 5.35
C PHE I 12 -61.22 9.69 5.47
N SER I 13 -61.16 10.59 4.51
CA SER I 13 -62.00 11.77 4.46
C SER I 13 -62.97 11.65 3.30
N LYS I 14 -64.28 11.76 3.59
CA LYS I 14 -65.28 11.54 2.51
C LYS I 14 -66.18 12.77 2.36
N TYR I 15 -65.79 13.73 1.52
CA TYR I 15 -66.67 14.89 1.25
C TYR I 15 -67.85 14.39 0.41
N ASN I 16 -69.00 14.17 1.04
CA ASN I 16 -70.20 13.68 0.31
C ASN I 16 -70.89 14.89 -0.35
N GLU I 17 -71.75 14.63 -1.34
CA GLU I 17 -72.51 15.72 -2.01
C GLU I 17 -73.16 16.60 -0.93
N ASP I 18 -73.40 16.02 0.25
CA ASP I 18 -74.04 16.78 1.36
C ASP I 18 -73.14 17.91 1.84
N ASP I 19 -71.98 18.07 1.19
CA ASP I 19 -71.00 19.10 1.64
C ASP I 19 -70.65 18.83 3.10
N THR I 20 -70.28 17.60 3.42
CA THR I 20 -69.85 17.25 4.81
C THR I 20 -68.55 16.45 4.73
N PHE I 21 -67.45 17.00 5.26
CA PHE I 21 -66.14 16.31 5.19
C PHE I 21 -66.13 15.14 6.17
N THR I 22 -66.95 14.11 5.91
CA THR I 22 -66.95 12.90 6.77
C THR I 22 -65.50 12.46 7.00
N VAL I 23 -65.08 12.31 8.26
CA VAL I 23 -63.69 11.99 8.54
C VAL I 23 -63.66 10.89 9.60
N LYS I 24 -62.84 9.87 9.36
CA LYS I 24 -62.69 8.76 10.29
C LYS I 24 -61.43 8.96 11.11
N VAL I 25 -61.59 9.12 12.43
CA VAL I 25 -60.48 9.36 13.35
C VAL I 25 -60.51 8.28 14.41
N ASP I 26 -59.37 7.61 14.61
CA ASP I 26 -59.21 6.57 15.62
C ASP I 26 -60.25 5.45 15.45
N GLY I 27 -60.54 5.11 14.20
CA GLY I 27 -61.47 4.04 13.90
C GLY I 27 -62.94 4.42 13.98
N LYS I 28 -63.26 5.69 14.23
CA LYS I 28 -64.63 6.14 14.34
C LYS I 28 -64.88 7.23 13.31
N GLU I 29 -65.99 7.12 12.58
CA GLU I 29 -66.32 8.06 11.52
C GLU I 29 -67.13 9.22 12.08
N TYR I 30 -66.68 10.44 11.77
CA TYR I 30 -67.37 11.65 12.18
C TYR I 30 -67.53 12.58 10.97
N TRP I 31 -68.64 13.31 10.94
CA TRP I 31 -68.94 14.22 9.85
C TRP I 31 -69.26 15.61 10.40
N THR I 32 -68.95 16.63 9.61
CA THR I 32 -69.21 18.01 9.97
C THR I 32 -69.87 18.73 8.81
N SER I 33 -70.83 19.59 9.11
CA SER I 33 -71.53 20.38 8.11
C SER I 33 -70.96 21.78 7.96
N ARG I 34 -69.90 22.11 8.70
CA ARG I 34 -69.30 23.44 8.61
C ARG I 34 -68.59 23.61 7.28
N TRP I 35 -68.86 24.73 6.59
CA TRP I 35 -68.19 25.00 5.33
C TRP I 35 -66.73 25.34 5.52
N ASN I 36 -66.40 26.02 6.62
CA ASN I 36 -65.01 26.41 6.86
C ASN I 36 -64.16 25.22 7.32
N LEU I 37 -64.79 24.20 7.92
CA LEU I 37 -64.02 23.07 8.44
C LEU I 37 -63.53 22.16 7.32
N GLN I 38 -64.22 22.14 6.18
CA GLN I 38 -63.83 21.25 5.10
C GLN I 38 -62.43 21.54 4.56
N PRO I 39 -62.08 22.78 4.18
CA PRO I 39 -60.69 23.03 3.77
C PRO I 39 -59.68 22.76 4.86
N LEU I 40 -60.03 23.05 6.12
CA LEU I 40 -59.13 22.75 7.23
C LEU I 40 -58.91 21.26 7.37
N LEU I 41 -59.99 20.47 7.26
CA LEU I 41 -59.86 19.02 7.34
C LEU I 41 -59.03 18.48 6.18
N GLN I 42 -59.24 19.00 4.98
CA GLN I 42 -58.44 18.56 3.83
C GLN I 42 -56.96 18.89 4.03
N SER I 43 -56.67 20.10 4.52
CA SER I 43 -55.28 20.47 4.78
C SER I 43 -54.66 19.58 5.85
N ALA I 44 -55.42 19.27 6.90
CA ALA I 44 -54.93 18.38 7.94
C ALA I 44 -54.64 17.00 7.38
N GLN I 45 -55.51 16.49 6.51
CA GLN I 45 -55.30 15.17 5.92
C GLN I 45 -54.06 15.16 5.03
N LEU I 46 -53.90 16.19 4.19
CA LEU I 46 -52.76 16.21 3.27
C LEU I 46 -51.44 16.53 3.97
N THR I 47 -51.49 17.16 5.14
CA THR I 47 -50.28 17.49 5.88
C THR I 47 -49.90 16.43 6.91
N GLY I 48 -50.60 15.31 6.94
CA GLY I 48 -50.33 14.28 7.94
C GLY I 48 -50.63 14.72 9.36
N MET I 49 -51.75 15.41 9.56
CA MET I 49 -52.14 15.93 10.86
C MET I 49 -53.10 14.98 11.55
N THR I 50 -52.93 14.84 12.86
CA THR I 50 -53.82 14.05 13.71
C THR I 50 -54.76 15.01 14.43
N VAL I 51 -56.06 14.82 14.23
CA VAL I 51 -57.06 15.70 14.79
C VAL I 51 -57.83 14.95 15.87
N THR I 52 -58.39 15.72 16.81
CA THR I 52 -59.19 15.18 17.90
C THR I 52 -60.63 15.64 17.71
N ILE I 53 -61.50 14.71 17.34
CA ILE I 53 -62.90 15.05 17.13
C ILE I 53 -63.57 15.30 18.47
N LYS I 54 -64.23 16.45 18.58
CA LYS I 54 -64.85 16.87 19.83
C LYS I 54 -66.32 17.19 19.57
N SER I 55 -67.21 16.53 20.31
CA SER I 55 -68.64 16.77 20.17
C SER I 55 -69.34 16.24 21.42
N SER I 56 -70.58 16.69 21.63
CA SER I 56 -71.37 16.21 22.74
C SER I 56 -71.70 14.72 22.59
N THR I 57 -71.80 14.22 21.37
CA THR I 57 -72.06 12.81 21.10
C THR I 57 -70.82 12.21 20.44
N CYS I 58 -70.29 11.14 21.05
CA CYS I 58 -69.08 10.50 20.57
C CYS I 58 -69.36 9.24 19.75
N GLU I 59 -70.62 8.94 19.45
CA GLU I 59 -70.95 7.75 18.69
C GLU I 59 -70.58 7.93 17.22
N SER I 60 -70.55 6.81 16.50
CA SER I 60 -70.21 6.84 15.08
C SER I 60 -71.29 7.56 14.29
N GLY I 61 -70.84 8.34 13.29
CA GLY I 61 -71.76 9.08 12.46
C GLY I 61 -72.41 10.28 13.14
N SER I 62 -71.79 10.80 14.19
CA SER I 62 -72.32 11.94 14.93
C SER I 62 -71.63 13.21 14.47
N GLY I 63 -72.42 14.29 14.35
CA GLY I 63 -71.87 15.56 13.92
C GLY I 63 -70.95 16.16 14.97
N PHE I 64 -70.01 16.97 14.50
CA PHE I 64 -69.06 17.63 15.38
C PHE I 64 -68.70 18.99 14.81
N ALA I 65 -68.31 19.91 15.70
CA ALA I 65 -67.91 21.25 15.29
C ALA I 65 -66.69 21.75 16.05
N GLU I 66 -66.08 20.93 16.90
CA GLU I 66 -64.94 21.31 17.72
C GLU I 66 -63.78 20.39 17.43
N VAL I 67 -62.58 20.97 17.26
CA VAL I 67 -61.39 20.18 16.96
C VAL I 67 -60.18 20.98 17.44
N GLN I 68 -59.11 20.27 17.81
CA GLN I 68 -57.91 20.89 18.33
C GLN I 68 -56.69 20.36 17.59
N PHE I 69 -55.81 21.27 17.18
CA PHE I 69 -54.54 20.95 16.54
C PHE I 69 -53.43 21.45 17.45
N ASN I 70 -52.78 20.54 18.19
CA ASN I 70 -51.75 20.93 19.14
C ASN I 70 -50.56 21.58 18.44
N ASN I 71 -49.82 20.80 17.65
CA ASN I 71 -48.70 21.35 16.86
C ASN I 71 -48.56 20.48 15.62
N ASP I 72 -49.21 20.89 14.53
CA ASP I 72 -49.19 20.15 13.26
C ASP I 72 -49.59 18.69 13.46
N GLY I 73 -50.42 18.41 14.47
CA GLY I 73 -50.81 17.05 14.78
C GLY I 73 -49.62 16.23 15.28
N SER I 74 -49.77 14.92 15.14
CA SER I 74 -48.71 13.97 15.48
C SER I 74 -48.15 13.29 14.25
N GLY I 75 -49.00 12.62 13.47
CA GLY I 75 -48.55 11.95 12.26
C GLY I 75 -47.47 10.94 12.56
N SER I 76 -46.38 11.01 11.79
CA SER I 76 -45.22 10.17 12.03
C SER I 76 -44.32 10.71 13.13
N GLY I 77 -44.63 11.89 13.66
CA GLY I 77 -43.81 12.49 14.69
C GLY I 77 -43.99 11.86 16.06
N SER I 78 -43.87 12.68 17.12
CA SER I 78 -43.94 12.25 18.50
C SER I 78 -42.87 11.23 18.87
N GLY I 79 -41.79 11.17 18.09
CA GLY I 79 -40.68 10.27 18.34
C GLY I 79 -39.51 10.97 19.00
N SER I 80 -38.31 10.51 18.68
CA SER I 80 -37.05 11.06 19.20
C SER I 80 -36.95 10.94 20.72
N GLY I 81 -37.72 10.04 21.33
CA GLY I 81 -37.67 9.86 22.76
C GLY I 81 -39.01 9.46 23.34
N SER I 82 -38.99 8.81 24.50
CA SER I 82 -40.21 8.38 25.19
C SER I 82 -40.40 9.11 26.51
N LEU I 83 -39.44 9.03 27.41
CA LEU I 83 -39.50 9.66 28.72
C LEU I 83 -38.16 9.49 29.41
N LYS I 84 -37.81 10.44 30.28
CA LYS I 84 -36.57 10.34 31.03
C LYS I 84 -36.67 9.27 32.10
N THR I 85 -35.58 8.53 32.29
CA THR I 85 -35.42 7.50 33.32
C THR I 85 -36.30 6.28 33.03
N SER I 86 -37.11 6.35 31.98
CA SER I 86 -37.93 5.21 31.58
C SER I 86 -38.14 5.31 30.07
N PHE I 87 -37.31 4.59 29.32
CA PHE I 87 -37.38 4.60 27.86
C PHE I 87 -37.03 3.21 27.35
N LYS I 88 -36.93 3.09 26.02
CA LYS I 88 -36.64 1.81 25.38
C LYS I 88 -35.49 1.98 24.40
N ILE I 89 -34.80 0.88 24.13
CA ILE I 89 -33.68 0.86 23.19
C ILE I 89 -33.88 -0.31 22.24
N ALA I 90 -33.65 -0.08 20.95
CA ALA I 90 -33.76 -1.12 19.94
C ALA I 90 -32.37 -1.62 19.59
N PHE I 91 -32.17 -2.93 19.70
CA PHE I 91 -30.88 -3.55 19.40
C PHE I 91 -31.03 -4.38 18.13
N ILE I 92 -30.53 -3.85 17.02
CA ILE I 92 -30.56 -4.53 15.73
C ILE I 92 -29.25 -5.29 15.57
N GLN I 93 -29.35 -6.60 15.34
CA GLN I 93 -28.18 -7.46 15.24
C GLN I 93 -28.23 -8.27 13.95
N ALA I 94 -27.08 -8.37 13.29
CA ALA I 94 -26.97 -9.18 12.08
C ALA I 94 -26.79 -10.65 12.44
N ARG I 95 -27.23 -11.52 11.53
CA ARG I 95 -27.13 -12.96 11.74
C ARG I 95 -25.92 -13.58 11.06
N TRP I 96 -25.03 -12.77 10.53
CA TRP I 96 -23.76 -13.25 9.99
C TRP I 96 -22.73 -13.21 11.11
N HIS I 97 -22.13 -14.37 11.40
CA HIS I 97 -21.26 -14.55 12.57
C HIS I 97 -22.03 -14.25 13.86
N ALA I 98 -23.09 -15.03 14.07
CA ALA I 98 -24.00 -14.76 15.19
C ALA I 98 -23.36 -15.08 16.54
N ASP I 99 -22.36 -15.95 16.57
CA ASP I 99 -21.79 -16.40 17.83
C ASP I 99 -21.01 -15.32 18.56
N ILE I 100 -20.76 -14.18 17.92
CA ILE I 100 -20.03 -13.08 18.53
C ILE I 100 -20.95 -11.89 18.81
N VAL I 101 -21.83 -11.58 17.87
CA VAL I 101 -22.87 -10.58 18.12
C VAL I 101 -23.75 -11.01 19.29
N ASP I 102 -23.92 -12.32 19.47
CA ASP I 102 -24.65 -12.81 20.64
C ASP I 102 -23.96 -12.41 21.93
N GLU I 103 -22.64 -12.55 21.99
CA GLU I 103 -21.90 -12.13 23.18
C GLU I 103 -22.04 -10.64 23.41
N ALA I 104 -21.94 -9.85 22.34
CA ALA I 104 -22.10 -8.40 22.48
C ALA I 104 -23.48 -8.05 23.05
N ARG I 105 -24.52 -8.67 22.49
CA ARG I 105 -25.88 -8.38 22.95
C ARG I 105 -26.09 -8.80 24.40
N LYS I 106 -25.57 -9.98 24.77
CA LYS I 106 -25.72 -10.43 26.15
C LYS I 106 -25.03 -9.48 27.12
N SER I 107 -23.83 -9.03 26.78
CA SER I 107 -23.14 -8.06 27.64
C SER I 107 -23.93 -6.78 27.77
N PHE I 108 -24.43 -6.26 26.64
CA PHE I 108 -25.21 -5.03 26.65
C PHE I 108 -26.42 -5.16 27.57
N VAL I 109 -27.20 -6.23 27.40
CA VAL I 109 -28.42 -6.40 28.18
C VAL I 109 -28.09 -6.59 29.66
N ALA I 110 -27.05 -7.37 29.96
CA ALA I 110 -26.70 -7.60 31.36
C ALA I 110 -26.27 -6.31 32.04
N GLU I 111 -25.45 -5.50 31.37
CA GLU I 111 -25.02 -4.24 31.97
C GLU I 111 -26.20 -3.30 32.17
N LEU I 112 -27.06 -3.20 31.16
CA LEU I 112 -28.27 -2.33 31.28
C LEU I 112 -29.05 -2.78 32.52
N ALA I 113 -29.33 -4.08 32.62
CA ALA I 113 -30.13 -4.57 33.74
C ALA I 113 -29.43 -4.35 35.08
N ALA I 114 -28.09 -4.38 35.08
CA ALA I 114 -27.35 -4.18 36.33
C ALA I 114 -27.46 -2.75 36.81
N LYS I 115 -27.25 -1.78 35.91
CA LYS I 115 -27.27 -0.38 36.33
C LYS I 115 -28.69 0.13 36.54
N THR I 116 -29.50 0.14 35.48
CA THR I 116 -30.83 0.73 35.57
C THR I 116 -31.75 -0.11 36.45
N GLY I 117 -31.65 -1.44 36.36
CA GLY I 117 -32.50 -2.31 37.15
C GLY I 117 -33.96 -2.30 36.76
N GLY I 118 -34.25 -2.36 35.46
CA GLY I 118 -35.62 -2.41 34.98
C GLY I 118 -36.16 -1.10 34.46
N SER I 119 -35.40 0.00 34.59
CA SER I 119 -35.87 1.28 34.08
C SER I 119 -35.79 1.34 32.56
N VAL I 120 -34.84 0.64 31.96
CA VAL I 120 -34.63 0.64 30.52
C VAL I 120 -34.92 -0.76 29.98
N GLU I 121 -35.74 -0.84 28.93
CA GLU I 121 -36.09 -2.10 28.30
C GLU I 121 -35.45 -2.16 26.93
N VAL I 122 -34.91 -3.33 26.58
CA VAL I 122 -34.22 -3.55 25.32
C VAL I 122 -35.01 -4.55 24.49
N GLU I 123 -35.31 -4.17 23.26
CA GLU I 123 -35.97 -5.05 22.30
C GLU I 123 -34.98 -5.47 21.23
N ILE I 124 -35.01 -6.76 20.88
CA ILE I 124 -34.04 -7.34 19.96
C ILE I 124 -34.70 -7.52 18.60
N PHE I 125 -34.03 -7.02 17.56
CA PHE I 125 -34.51 -7.13 16.18
C PHE I 125 -33.45 -7.84 15.35
N ASP I 126 -33.85 -8.84 14.59
CA ASP I 126 -32.93 -9.66 13.81
C ASP I 126 -32.90 -9.18 12.36
N VAL I 127 -31.74 -9.32 11.74
CA VAL I 127 -31.52 -8.80 10.39
C VAL I 127 -30.50 -9.69 9.68
N PRO I 128 -30.69 -10.00 8.40
CA PRO I 128 -29.80 -10.97 7.73
C PRO I 128 -28.34 -10.56 7.67
N GLY I 129 -28.05 -9.28 7.49
CA GLY I 129 -26.67 -8.86 7.34
C GLY I 129 -26.52 -7.38 7.59
N ALA I 130 -25.25 -6.94 7.58
CA ALA I 130 -24.96 -5.55 7.92
C ALA I 130 -25.61 -4.57 6.95
N TYR I 131 -25.79 -4.98 5.69
CA TYR I 131 -26.34 -4.07 4.68
C TYR I 131 -27.81 -3.72 4.95
N GLU I 132 -28.49 -4.47 5.81
CA GLU I 132 -29.91 -4.26 6.05
C GLU I 132 -30.20 -3.52 7.35
N ILE I 133 -29.18 -2.96 7.99
CA ILE I 133 -29.34 -2.27 9.27
C ILE I 133 -29.88 -0.86 9.09
N PRO I 134 -29.34 -0.02 8.20
CA PRO I 134 -29.81 1.39 8.14
C PRO I 134 -31.30 1.55 7.88
N LEU I 135 -31.89 0.74 7.00
CA LEU I 135 -33.32 0.89 6.73
C LEU I 135 -34.16 0.48 7.93
N HIS I 136 -33.76 -0.61 8.61
CA HIS I 136 -34.45 -1.03 9.82
C HIS I 136 -34.36 0.05 10.89
N ALA I 137 -33.17 0.66 11.02
CA ALA I 137 -33.00 1.73 11.99
C ALA I 137 -33.87 2.93 11.65
N LYS I 138 -33.97 3.28 10.37
CA LYS I 138 -34.83 4.40 9.98
C LYS I 138 -36.28 4.11 10.29
N THR I 139 -36.74 2.89 10.01
CA THR I 139 -38.13 2.55 10.32
C THR I 139 -38.41 2.61 11.82
N LEU I 140 -37.51 2.02 12.61
CA LEU I 140 -37.71 2.01 14.06
C LEU I 140 -37.59 3.40 14.66
N ALA I 141 -36.79 4.28 14.05
CA ALA I 141 -36.70 5.65 14.55
C ALA I 141 -37.94 6.46 14.19
N ARG I 142 -38.44 6.31 12.97
CA ARG I 142 -39.63 7.05 12.58
C ARG I 142 -40.87 6.57 13.32
N THR I 143 -40.90 5.30 13.74
CA THR I 143 -42.05 4.82 14.48
C THR I 143 -42.15 5.41 15.88
N GLY I 144 -41.10 6.09 16.35
CA GLY I 144 -41.09 6.58 17.71
C GLY I 144 -40.75 5.49 18.70
N ARG I 145 -41.17 5.70 19.95
CA ARG I 145 -41.10 4.74 21.05
C ARG I 145 -39.69 4.45 21.52
N TYR I 146 -38.66 5.01 20.89
CA TYR I 146 -37.28 4.65 21.18
C TYR I 146 -36.45 5.91 21.38
N ALA I 147 -35.62 5.92 22.42
CA ALA I 147 -34.72 7.02 22.66
C ALA I 147 -33.34 6.79 22.06
N ALA I 148 -32.99 5.55 21.71
CA ALA I 148 -31.72 5.26 21.09
C ALA I 148 -31.84 3.95 20.31
N ILE I 149 -30.93 3.77 19.35
CA ILE I 149 -30.91 2.59 18.50
C ILE I 149 -29.47 2.10 18.42
N VAL I 150 -29.27 0.79 18.58
CA VAL I 150 -27.95 0.19 18.55
C VAL I 150 -27.92 -0.85 17.44
N GLY I 151 -26.90 -0.80 16.59
CA GLY I 151 -26.73 -1.77 15.53
C GLY I 151 -25.43 -2.52 15.63
N ALA I 152 -25.48 -3.84 15.66
CA ALA I 152 -24.30 -4.68 15.86
C ALA I 152 -24.11 -5.62 14.68
N ALA I 153 -22.87 -5.75 14.23
CA ALA I 153 -22.52 -6.65 13.14
C ALA I 153 -21.01 -6.88 13.17
N PHE I 154 -20.59 -7.91 12.43
CA PHE I 154 -19.18 -8.30 12.34
C PHE I 154 -18.84 -8.44 10.86
N VAL I 155 -18.28 -7.38 10.27
CA VAL I 155 -17.95 -7.36 8.86
C VAL I 155 -16.56 -7.95 8.67
N ILE I 156 -16.45 -8.98 7.84
CA ILE I 156 -15.26 -9.81 7.77
C ILE I 156 -14.77 -9.87 6.33
N ASP I 157 -13.48 -9.69 6.13
CA ASP I 157 -12.85 -9.91 4.83
C ASP I 157 -12.63 -11.41 4.65
N GLY I 158 -13.41 -12.03 3.78
CA GLY I 158 -13.34 -13.46 3.59
C GLY I 158 -12.23 -13.96 2.70
N GLY I 159 -11.46 -13.06 2.10
CA GLY I 159 -10.35 -13.44 1.24
C GLY I 159 -10.70 -13.66 -0.20
N ILE I 160 -11.96 -13.52 -0.59
CA ILE I 160 -12.40 -13.68 -1.97
C ILE I 160 -12.84 -12.34 -2.57
N TYR I 161 -13.85 -11.71 -1.97
CA TYR I 161 -14.34 -10.42 -2.41
C TYR I 161 -13.89 -9.32 -1.46
N ARG I 162 -13.93 -8.08 -1.96
CA ARG I 162 -13.61 -6.93 -1.13
C ARG I 162 -14.81 -6.57 -0.26
N HIS I 163 -14.52 -6.18 0.99
CA HIS I 163 -15.56 -5.96 1.99
C HIS I 163 -15.71 -4.53 2.44
N ASP I 164 -14.82 -3.61 2.02
CA ASP I 164 -14.85 -2.26 2.57
C ASP I 164 -16.00 -1.44 2.02
N PHE I 165 -16.50 -1.77 0.83
CA PHE I 165 -17.61 -1.02 0.25
C PHE I 165 -18.86 -1.12 1.12
N VAL I 166 -19.19 -2.35 1.55
CA VAL I 166 -20.39 -2.55 2.35
C VAL I 166 -20.24 -1.89 3.72
N ALA I 167 -19.05 -2.00 4.33
CA ALA I 167 -18.84 -1.37 5.63
C ALA I 167 -18.96 0.14 5.55
N THR I 168 -18.35 0.75 4.52
CA THR I 168 -18.47 2.19 4.35
C THR I 168 -19.93 2.59 4.13
N ALA I 169 -20.65 1.85 3.30
CA ALA I 169 -22.05 2.15 3.06
C ALA I 169 -22.86 2.07 4.34
N VAL I 170 -22.60 1.05 5.16
CA VAL I 170 -23.38 0.86 6.39
C VAL I 170 -23.12 2.00 7.37
N ILE I 171 -21.85 2.35 7.58
CA ILE I 171 -21.53 3.42 8.52
C ILE I 171 -22.14 4.74 8.07
N ASN I 172 -21.95 5.07 6.79
CA ASN I 172 -22.49 6.33 6.28
C ASN I 172 -24.01 6.35 6.32
N GLY I 173 -24.65 5.21 6.04
CA GLY I 173 -26.09 5.15 6.11
C GLY I 173 -26.63 5.31 7.51
N MET I 174 -25.97 4.71 8.49
CA MET I 174 -26.39 4.89 9.88
C MET I 174 -26.24 6.35 10.31
N MET I 175 -25.14 6.99 9.93
CA MET I 175 -24.99 8.41 10.25
C MET I 175 -26.08 9.24 9.58
N GLN I 176 -26.37 8.97 8.31
CA GLN I 176 -27.42 9.71 7.62
C GLN I 176 -28.78 9.50 8.27
N VAL I 177 -29.08 8.27 8.67
CA VAL I 177 -30.36 7.98 9.31
C VAL I 177 -30.49 8.72 10.63
N GLN I 178 -29.43 8.71 11.45
CA GLN I 178 -29.51 9.37 12.74
C GLN I 178 -29.57 10.89 12.59
N LEU I 179 -28.96 11.44 11.53
CA LEU I 179 -29.11 12.86 11.28
C LEU I 179 -30.51 13.19 10.77
N GLU I 180 -31.10 12.29 10.00
CA GLU I 180 -32.43 12.54 9.42
C GLU I 180 -33.52 12.49 10.49
N THR I 181 -33.50 11.45 11.32
CA THR I 181 -34.60 11.21 12.26
C THR I 181 -34.36 11.79 13.64
N GLU I 182 -33.17 12.34 13.91
CA GLU I 182 -32.85 12.94 15.20
C GLU I 182 -33.02 11.95 16.36
N VAL I 183 -32.63 10.71 16.13
CA VAL I 183 -32.60 9.67 17.15
C VAL I 183 -31.18 9.13 17.19
N PRO I 184 -30.51 9.11 18.34
CA PRO I 184 -29.13 8.63 18.39
C PRO I 184 -29.02 7.19 17.92
N VAL I 185 -27.99 6.91 17.13
CA VAL I 185 -27.70 5.56 16.66
C VAL I 185 -26.25 5.25 17.00
N LEU I 186 -26.04 4.25 17.86
CA LEU I 186 -24.71 3.86 18.29
C LEU I 186 -24.24 2.69 17.45
N SER I 187 -22.99 2.73 17.02
CA SER I 187 -22.43 1.77 16.07
C SER I 187 -21.60 0.74 16.81
N VAL I 188 -21.98 -0.53 16.71
CA VAL I 188 -21.19 -1.63 17.22
C VAL I 188 -20.89 -2.56 16.05
N VAL I 189 -20.83 -2.00 14.84
CA VAL I 189 -20.37 -2.74 13.66
C VAL I 189 -18.86 -2.55 13.56
N LEU I 190 -18.11 -3.65 13.59
CA LEU I 190 -16.67 -3.60 13.73
C LEU I 190 -16.00 -4.42 12.65
N THR I 191 -14.92 -3.89 12.10
CA THR I 191 -14.16 -4.55 11.04
C THR I 191 -12.74 -4.83 11.52
N PRO I 192 -12.40 -6.07 11.84
CA PRO I 192 -11.05 -6.37 12.31
C PRO I 192 -10.03 -6.27 11.19
N HIS I 193 -8.77 -6.05 11.59
CA HIS I 193 -7.68 -5.98 10.63
C HIS I 193 -7.46 -7.33 9.96
N HIS I 194 -7.46 -8.41 10.73
CA HIS I 194 -7.23 -9.75 10.22
C HIS I 194 -8.12 -10.74 10.95
N PHE I 195 -8.69 -11.68 10.20
CA PHE I 195 -9.50 -12.75 10.79
C PHE I 195 -9.49 -13.92 9.81
N HIS I 196 -8.68 -14.94 10.12
CA HIS I 196 -8.48 -16.07 9.23
C HIS I 196 -9.12 -17.35 9.75
N GLU I 197 -9.95 -17.27 10.79
CA GLU I 197 -10.71 -18.41 11.31
C GLU I 197 -9.78 -19.55 11.74
N SER I 198 -8.89 -19.24 12.69
CA SER I 198 -7.94 -20.21 13.21
C SER I 198 -8.21 -20.56 14.67
N LYS I 199 -9.39 -20.21 15.18
CA LYS I 199 -9.87 -20.53 16.53
C LYS I 199 -9.15 -19.70 17.58
N GLU I 200 -8.01 -19.09 17.20
CA GLU I 200 -7.39 -18.11 18.08
C GLU I 200 -8.10 -16.77 17.96
N HIS I 201 -8.35 -16.34 16.72
CA HIS I 201 -9.20 -15.19 16.49
C HIS I 201 -10.60 -15.43 17.03
N HIS I 202 -11.11 -16.65 16.87
CA HIS I 202 -12.44 -16.97 17.37
C HIS I 202 -12.50 -16.85 18.89
N ASP I 203 -11.47 -17.30 19.59
CA ASP I 203 -11.46 -17.17 21.04
C ASP I 203 -11.28 -15.72 21.46
N PHE I 204 -10.46 -14.96 20.73
CA PHE I 204 -10.17 -13.58 21.12
C PHE I 204 -11.40 -12.68 20.96
N PHE I 205 -12.08 -12.81 19.81
CA PHE I 205 -13.14 -11.85 19.51
C PHE I 205 -14.39 -12.07 20.34
N HIS I 206 -14.61 -13.28 20.86
CA HIS I 206 -15.69 -13.50 21.81
C HIS I 206 -15.56 -12.55 23.01
N ALA I 207 -14.39 -12.56 23.65
CA ALA I 207 -14.19 -11.70 24.81
C ALA I 207 -14.15 -10.23 24.41
N HIS I 208 -13.57 -9.92 23.25
CA HIS I 208 -13.51 -8.51 22.87
C HIS I 208 -14.90 -7.94 22.63
N PHE I 209 -15.79 -8.70 21.99
CA PHE I 209 -17.17 -8.24 21.84
C PHE I 209 -17.89 -8.21 23.18
N LYS I 210 -17.55 -9.13 24.09
CA LYS I 210 -18.09 -9.06 25.44
C LYS I 210 -17.78 -7.72 26.08
N VAL I 211 -16.56 -7.21 25.87
CA VAL I 211 -16.20 -5.88 26.39
C VAL I 211 -16.95 -4.77 25.64
N LYS I 212 -17.01 -4.88 24.32
CA LYS I 212 -17.63 -3.83 23.50
C LYS I 212 -19.11 -3.65 23.85
N GLY I 213 -19.79 -4.73 24.24
CA GLY I 213 -21.19 -4.60 24.62
C GLY I 213 -21.37 -3.69 25.82
N VAL I 214 -20.56 -3.88 26.86
CA VAL I 214 -20.63 -3.04 28.04
C VAL I 214 -20.27 -1.59 27.68
N GLU I 215 -19.25 -1.41 26.84
CA GLU I 215 -18.88 -0.07 26.43
C GLU I 215 -20.05 0.63 25.73
N ALA I 216 -20.72 -0.08 24.82
CA ALA I 216 -21.84 0.50 24.09
C ALA I 216 -23.01 0.80 25.03
N ALA I 217 -23.24 -0.04 26.03
CA ALA I 217 -24.30 0.23 26.99
C ALA I 217 -24.04 1.53 27.74
N HIS I 218 -22.80 1.70 28.22
CA HIS I 218 -22.46 2.94 28.92
C HIS I 218 -22.61 4.15 28.02
N ALA I 219 -22.14 4.04 26.78
CA ALA I 219 -22.25 5.16 25.85
C ALA I 219 -23.70 5.53 25.58
N ALA I 220 -24.56 4.52 25.39
CA ALA I 220 -25.97 4.79 25.11
C ALA I 220 -26.63 5.49 26.29
N LEU I 221 -26.39 4.99 27.51
CA LEU I 221 -26.98 5.64 28.69
C LEU I 221 -26.52 7.09 28.80
N GLN I 222 -25.22 7.33 28.61
CA GLN I 222 -24.70 8.68 28.76
C GLN I 222 -25.28 9.62 27.70
N ILE I 223 -25.36 9.16 26.45
CA ILE I 223 -25.83 10.04 25.39
C ILE I 223 -27.31 10.34 25.55
N VAL I 224 -28.11 9.37 25.98
CA VAL I 224 -29.53 9.64 26.20
C VAL I 224 -29.70 10.64 27.33
N SER I 225 -28.97 10.45 28.43
CA SER I 225 -29.08 11.39 29.55
C SER I 225 -28.67 12.80 29.13
N GLU I 226 -27.57 12.94 28.40
CA GLU I 226 -27.11 14.26 27.99
C GLU I 226 -28.10 14.92 27.03
N ARG I 227 -28.62 14.17 26.06
CA ARG I 227 -29.58 14.74 25.12
C ARG I 227 -30.84 15.18 25.83
N SER I 228 -31.31 14.40 26.81
CA SER I 228 -32.47 14.84 27.58
C SER I 228 -32.14 16.06 28.43
N ARG I 229 -30.88 16.20 28.85
CA ARG I 229 -30.50 17.36 29.66
C ARG I 229 -30.50 18.65 28.84
N ILE I 230 -29.88 18.63 27.66
CA ILE I 230 -29.72 19.86 26.90
C ILE I 230 -31.03 20.34 26.26
N ALA I 231 -32.07 19.53 26.28
CA ALA I 231 -33.35 19.89 25.67
C ALA I 231 -34.24 20.70 26.61
N ALA I 232 -33.79 20.97 27.83
CA ALA I 232 -34.58 21.74 28.78
C ALA I 232 -34.06 23.17 28.86
N MET J 1 -46.42 51.78 19.02
CA MET J 1 -46.34 50.38 18.63
C MET J 1 -47.25 49.60 19.59
N HIS J 2 -48.05 48.70 19.03
CA HIS J 2 -49.07 48.02 19.81
C HIS J 2 -48.44 47.14 20.89
N ALA J 3 -49.14 47.03 22.02
CA ALA J 3 -48.65 46.20 23.12
C ALA J 3 -48.65 44.72 22.73
N ASP J 4 -47.60 44.02 23.14
CA ASP J 4 -47.46 42.59 22.84
C ASP J 4 -47.93 41.80 24.06
N CYS J 5 -49.14 41.26 23.98
CA CYS J 5 -49.65 40.45 25.08
C CYS J 5 -48.82 39.18 25.27
N ALA J 6 -48.46 38.52 24.18
CA ALA J 6 -47.66 37.32 24.23
C ALA J 6 -47.07 37.04 22.85
N LYS J 7 -45.79 36.68 22.83
CA LYS J 7 -45.09 36.37 21.59
C LYS J 7 -44.45 35.00 21.70
N GLY J 8 -44.67 34.17 20.69
CA GLY J 8 -44.12 32.82 20.69
C GLY J 8 -44.90 31.92 19.76
N LYS J 9 -44.47 30.67 19.73
CA LYS J 9 -45.12 29.67 18.90
C LYS J 9 -46.48 29.29 19.49
N ILE J 10 -47.40 28.91 18.61
CA ILE J 10 -48.73 28.48 19.04
C ILE J 10 -48.60 27.11 19.70
N GLU J 11 -48.74 27.06 21.03
CA GLU J 11 -48.61 25.80 21.74
C GLU J 11 -49.71 24.83 21.33
N PHE J 12 -50.95 25.30 21.21
CA PHE J 12 -52.04 24.48 20.73
C PHE J 12 -53.15 25.38 20.22
N SER J 13 -53.83 24.94 19.17
CA SER J 13 -54.94 25.66 18.58
C SER J 13 -56.22 24.86 18.78
N LYS J 14 -57.25 25.50 19.33
CA LYS J 14 -58.50 24.84 19.66
C LYS J 14 -59.65 25.66 19.09
N TYR J 15 -60.34 25.10 18.10
CA TYR J 15 -61.51 25.74 17.50
C TYR J 15 -62.74 25.31 18.28
N ASN J 16 -63.22 26.17 19.18
CA ASN J 16 -64.35 25.84 20.01
C ASN J 16 -65.65 25.88 19.19
N GLU J 17 -66.72 25.36 19.80
CA GLU J 17 -68.00 25.28 19.12
C GLU J 17 -68.69 26.63 18.93
N ASP J 18 -68.19 27.69 19.58
CA ASP J 18 -68.78 29.01 19.46
C ASP J 18 -68.11 29.86 18.38
N ASP J 19 -67.57 29.22 17.34
CA ASP J 19 -66.91 29.91 16.23
C ASP J 19 -65.75 30.77 16.71
N THR J 20 -65.00 30.25 17.68
CA THR J 20 -63.82 30.92 18.22
C THR J 20 -62.61 30.02 18.07
N PHE J 21 -61.50 30.60 17.63
CA PHE J 21 -60.24 29.87 17.43
C PHE J 21 -59.31 30.22 18.59
N THR J 22 -59.25 29.34 19.58
CA THR J 22 -58.41 29.53 20.75
C THR J 22 -57.00 29.05 20.45
N VAL J 23 -56.02 29.94 20.60
CA VAL J 23 -54.62 29.63 20.34
C VAL J 23 -53.80 30.04 21.57
N LYS J 24 -52.90 29.17 22.00
CA LYS J 24 -52.04 29.42 23.15
C LYS J 24 -50.68 29.89 22.66
N VAL J 25 -50.31 31.12 23.02
CA VAL J 25 -49.05 31.72 22.62
C VAL J 25 -48.30 32.15 23.88
N ASP J 26 -47.04 31.72 23.99
CA ASP J 26 -46.17 32.08 25.12
C ASP J 26 -46.81 31.71 26.45
N GLY J 27 -47.48 30.56 26.49
CA GLY J 27 -48.09 30.08 27.71
C GLY J 27 -49.43 30.70 28.06
N LYS J 28 -49.96 31.58 27.21
CA LYS J 28 -51.24 32.24 27.46
C LYS J 28 -52.19 31.91 26.33
N GLU J 29 -53.42 31.53 26.69
CA GLU J 29 -54.44 31.14 25.72
C GLU J 29 -55.23 32.37 25.26
N TYR J 30 -55.34 32.54 23.94
CA TYR J 30 -56.11 33.62 23.36
C TYR J 30 -57.02 33.06 22.28
N TRP J 31 -58.21 33.64 22.15
CA TRP J 31 -59.20 33.21 21.18
C TRP J 31 -59.64 34.40 20.32
N THR J 32 -60.01 34.10 19.08
CA THR J 32 -60.49 35.10 18.15
C THR J 32 -61.75 34.61 17.46
N SER J 33 -62.70 35.52 17.25
CA SER J 33 -63.95 35.21 16.58
C SER J 33 -63.93 35.56 15.10
N ARG J 34 -62.81 36.03 14.57
CA ARG J 34 -62.72 36.40 13.17
C ARG J 34 -62.71 35.14 12.29
N TRP J 35 -63.57 35.14 11.27
CA TRP J 35 -63.62 34.01 10.36
C TRP J 35 -62.36 33.94 9.48
N ASN J 36 -61.85 35.10 9.07
CA ASN J 36 -60.67 35.11 8.22
C ASN J 36 -59.41 34.72 8.98
N LEU J 37 -59.38 34.95 10.29
CA LEU J 37 -58.18 34.66 11.06
C LEU J 37 -57.96 33.17 11.27
N GLN J 38 -59.04 32.38 11.24
CA GLN J 38 -58.91 30.94 11.49
C GLN J 38 -58.03 30.24 10.47
N PRO J 39 -58.24 30.39 9.15
CA PRO J 39 -57.28 29.77 8.20
C PRO J 39 -55.89 30.33 8.34
N LEU J 40 -55.76 31.63 8.61
CA LEU J 40 -54.44 32.22 8.81
C LEU J 40 -53.76 31.63 10.03
N LEU J 41 -54.50 31.46 11.13
CA LEU J 41 -53.93 30.86 12.32
C LEU J 41 -53.54 29.40 12.08
N GLN J 42 -54.36 28.65 11.34
CA GLN J 42 -54.02 27.28 11.02
C GLN J 42 -52.75 27.20 10.18
N SER J 43 -52.64 28.07 9.18
CA SER J 43 -51.43 28.10 8.36
C SER J 43 -50.21 28.47 9.19
N ALA J 44 -50.36 29.44 10.09
CA ALA J 44 -49.26 29.83 10.97
C ALA J 44 -48.83 28.65 11.85
N GLN J 45 -49.81 27.91 12.38
CA GLN J 45 -49.48 26.76 13.21
C GLN J 45 -48.77 25.66 12.43
N LEU J 46 -49.26 25.36 11.23
CA LEU J 46 -48.67 24.28 10.44
C LEU J 46 -47.34 24.66 9.81
N THR J 47 -47.05 25.96 9.67
CA THR J 47 -45.80 26.41 9.10
C THR J 47 -44.68 26.54 10.12
N GLY J 48 -44.94 26.23 11.39
CA GLY J 48 -43.93 26.35 12.41
C GLY J 48 -43.46 27.77 12.66
N MET J 49 -44.39 28.72 12.76
CA MET J 49 -44.08 30.13 12.92
C MET J 49 -44.60 30.62 14.28
N THR J 50 -44.01 31.72 14.72
CA THR J 50 -44.35 32.34 16.00
C THR J 50 -45.14 33.61 15.73
N VAL J 51 -46.32 33.71 16.33
CA VAL J 51 -47.18 34.87 16.18
C VAL J 51 -47.20 35.65 17.49
N THR J 52 -47.57 36.92 17.39
CA THR J 52 -47.64 37.82 18.55
C THR J 52 -49.08 38.26 18.72
N ILE J 53 -49.73 37.78 19.78
CA ILE J 53 -51.12 38.15 20.05
C ILE J 53 -51.18 39.58 20.54
N LYS J 54 -52.04 40.38 19.90
CA LYS J 54 -52.18 41.79 20.24
C LYS J 54 -53.64 42.10 20.52
N SER J 55 -53.91 42.66 21.69
CA SER J 55 -55.27 43.03 22.08
C SER J 55 -55.19 44.04 23.21
N SER J 56 -56.30 44.73 23.43
CA SER J 56 -56.38 45.69 24.55
C SER J 56 -56.29 44.99 25.89
N THR J 57 -56.75 43.75 25.98
CA THR J 57 -56.69 42.96 27.21
C THR J 57 -55.73 41.79 26.99
N CYS J 58 -54.73 41.68 27.84
CA CYS J 58 -53.70 40.66 27.72
C CYS J 58 -53.91 39.48 28.66
N GLU J 59 -55.05 39.43 29.35
CA GLU J 59 -55.31 38.33 30.28
C GLU J 59 -55.65 37.06 29.51
N SER J 60 -55.61 35.94 30.22
CA SER J 60 -55.93 34.65 29.62
C SER J 60 -57.39 34.58 29.22
N GLY J 61 -57.66 33.97 28.07
CA GLY J 61 -59.03 33.85 27.60
C GLY J 61 -59.63 35.13 27.07
N SER J 62 -58.81 36.11 26.69
CA SER J 62 -59.28 37.38 26.19
C SER J 62 -59.26 37.38 24.66
N GLY J 63 -60.28 37.98 24.07
CA GLY J 63 -60.35 38.03 22.62
C GLY J 63 -59.30 38.96 22.03
N PHE J 64 -58.93 38.68 20.79
CA PHE J 64 -57.93 39.47 20.08
C PHE J 64 -58.27 39.51 18.61
N ALA J 65 -57.84 40.58 17.94
CA ALA J 65 -58.06 40.73 16.51
C ALA J 65 -56.84 41.29 15.78
N GLU J 66 -55.72 41.49 16.48
CA GLU J 66 -54.51 42.06 15.89
C GLU J 66 -53.36 41.09 16.07
N VAL J 67 -52.58 40.88 15.02
CA VAL J 67 -51.45 39.96 15.04
C VAL J 67 -50.46 40.38 13.97
N GLN J 68 -49.19 40.13 14.22
CA GLN J 68 -48.11 40.53 13.32
C GLN J 68 -47.25 39.32 12.98
N PHE J 69 -46.97 39.14 11.69
CA PHE J 69 -46.08 38.09 11.19
C PHE J 69 -44.86 38.77 10.58
N ASN J 70 -43.75 38.80 11.32
CA ASN J 70 -42.55 39.49 10.84
C ASN J 70 -42.00 38.86 9.58
N ASN J 71 -41.49 37.63 9.68
CA ASN J 71 -41.04 36.88 8.51
C ASN J 71 -41.17 35.39 8.82
N ASP J 72 -42.32 34.82 8.47
CA ASP J 72 -42.63 33.41 8.72
C ASP J 72 -42.36 33.03 10.18
N GLY J 73 -42.57 33.98 11.09
CA GLY J 73 -42.33 33.73 12.50
C GLY J 73 -40.86 33.50 12.80
N SER J 74 -40.63 32.87 13.96
CA SER J 74 -39.29 32.46 14.37
C SER J 74 -39.14 30.94 14.35
N GLY J 75 -40.00 30.23 15.09
CA GLY J 75 -39.95 28.77 15.10
C GLY J 75 -38.58 28.26 15.51
N SER J 76 -38.05 27.33 14.71
CA SER J 76 -36.70 26.83 14.92
C SER J 76 -35.63 27.80 14.41
N GLY J 77 -36.03 28.88 13.74
CA GLY J 77 -35.09 29.83 13.19
C GLY J 77 -34.48 30.74 14.23
N SER J 78 -34.20 31.99 13.83
CA SER J 78 -33.55 33.00 14.66
C SER J 78 -32.15 32.59 15.11
N GLY J 79 -31.57 31.58 14.48
CA GLY J 79 -30.24 31.10 14.81
C GLY J 79 -29.19 31.66 13.87
N SER J 80 -28.15 30.87 13.62
CA SER J 80 -27.04 31.21 12.74
C SER J 80 -26.26 32.42 13.24
N GLY J 81 -26.39 32.75 14.52
CA GLY J 81 -25.66 33.88 15.09
C GLY J 81 -26.41 34.52 16.24
N SER J 82 -25.67 35.20 17.13
CA SER J 82 -26.27 35.87 18.27
C SER J 82 -26.12 37.39 18.19
N LEU J 83 -24.89 37.89 18.08
CA LEU J 83 -24.61 39.31 17.98
C LEU J 83 -23.10 39.48 17.73
N LYS J 84 -22.74 40.59 17.09
CA LYS J 84 -21.34 40.86 16.85
C LYS J 84 -20.66 41.33 18.13
N THR J 85 -19.41 40.88 18.32
CA THR J 85 -18.54 41.25 19.44
C THR J 85 -19.05 40.67 20.76
N SER J 86 -20.21 40.01 20.73
CA SER J 86 -20.74 39.35 21.93
C SER J 86 -21.58 38.16 21.46
N PHE J 87 -20.99 36.98 21.47
CA PHE J 87 -21.68 35.77 21.04
C PHE J 87 -21.22 34.62 21.92
N LYS J 88 -21.62 33.41 21.54
CA LYS J 88 -21.30 32.20 22.30
C LYS J 88 -20.75 31.14 21.36
N ILE J 89 -19.98 30.22 21.92
CA ILE J 89 -19.40 29.11 21.18
C ILE J 89 -19.65 27.83 21.97
N ALA J 90 -20.05 26.77 21.27
CA ALA J 90 -20.28 25.47 21.88
C ALA J 90 -19.10 24.57 21.61
N PHE J 91 -18.51 24.02 22.65
CA PHE J 91 -17.34 23.14 22.54
C PHE J 91 -17.76 21.73 22.88
N ILE J 92 -17.97 20.91 21.85
CA ILE J 92 -18.32 19.51 22.03
C ILE J 92 -17.05 18.69 22.05
N GLN J 93 -16.87 17.87 23.09
CA GLN J 93 -15.65 17.09 23.27
C GLN J 93 -15.99 15.66 23.58
N ALA J 94 -15.22 14.74 23.03
CA ALA J 94 -15.39 13.32 23.29
C ALA J 94 -14.64 12.92 24.55
N ARG J 95 -15.17 11.90 25.24
CA ARG J 95 -14.59 11.42 26.48
C ARG J 95 -13.64 10.25 26.27
N TRP J 96 -13.38 9.86 25.02
CA TRP J 96 -12.38 8.86 24.72
C TRP J 96 -11.04 9.56 24.57
N HIS J 97 -10.04 9.12 25.33
CA HIS J 97 -8.75 9.81 25.45
C HIS J 97 -8.96 11.24 25.95
N ALA J 98 -9.51 11.34 27.16
CA ALA J 98 -9.90 12.63 27.69
C ALA J 98 -8.70 13.51 28.06
N ASP J 99 -7.56 12.90 28.36
CA ASP J 99 -6.41 13.64 28.86
C ASP J 99 -5.78 14.55 27.81
N ILE J 100 -6.15 14.41 26.54
CA ILE J 100 -5.61 15.23 25.47
C ILE J 100 -6.64 16.25 24.98
N VAL J 101 -7.89 15.82 24.82
CA VAL J 101 -8.97 16.76 24.52
C VAL J 101 -9.09 17.79 25.64
N ASP J 102 -8.77 17.40 26.87
CA ASP J 102 -8.76 18.35 27.97
C ASP J 102 -7.74 19.46 27.73
N GLU J 103 -6.54 19.10 27.30
CA GLU J 103 -5.53 20.10 26.99
C GLU J 103 -5.99 21.01 25.86
N ALA J 104 -6.58 20.43 24.82
CA ALA J 104 -7.08 21.24 23.71
C ALA J 104 -8.12 22.24 24.19
N ARG J 105 -9.07 21.78 25.01
CA ARG J 105 -10.14 22.66 25.49
C ARG J 105 -9.58 23.75 26.39
N LYS J 106 -8.63 23.41 27.27
CA LYS J 106 -8.04 24.42 28.15
C LYS J 106 -7.32 25.49 27.34
N SER J 107 -6.55 25.09 26.33
CA SER J 107 -5.88 26.07 25.49
C SER J 107 -6.87 26.96 24.77
N PHE J 108 -7.92 26.36 24.20
CA PHE J 108 -8.94 27.14 23.50
C PHE J 108 -9.56 28.18 24.42
N VAL J 109 -10.02 27.76 25.59
CA VAL J 109 -10.68 28.68 26.52
C VAL J 109 -9.72 29.77 26.98
N ALA J 110 -8.48 29.40 27.30
CA ALA J 110 -7.53 30.39 27.78
C ALA J 110 -7.24 31.43 26.72
N GLU J 111 -7.04 31.01 25.47
CA GLU J 111 -6.77 31.98 24.41
C GLU J 111 -7.97 32.89 24.16
N LEU J 112 -9.16 32.29 24.13
CA LEU J 112 -10.39 33.11 23.95
C LEU J 112 -10.41 34.17 25.04
N ALA J 113 -10.26 33.75 26.31
CA ALA J 113 -10.32 34.71 27.41
C ALA J 113 -9.22 35.74 27.33
N ALA J 114 -8.06 35.37 26.75
CA ALA J 114 -6.96 36.31 26.64
C ALA J 114 -7.26 37.41 25.63
N LYS J 115 -7.77 37.04 24.44
CA LYS J 115 -8.05 38.07 23.44
C LYS J 115 -9.35 38.81 23.73
N THR J 116 -10.47 38.10 23.74
CA THR J 116 -11.76 38.75 23.88
C THR J 116 -11.93 39.39 25.25
N GLY J 117 -11.45 38.71 26.29
CA GLY J 117 -11.58 39.23 27.65
C GLY J 117 -12.99 39.31 28.17
N GLY J 118 -13.79 38.27 27.95
CA GLY J 118 -15.15 38.20 28.44
C GLY J 118 -16.22 38.51 27.41
N SER J 119 -15.84 38.90 26.20
CA SER J 119 -16.83 39.18 25.17
C SER J 119 -17.42 37.90 24.61
N VAL J 120 -16.68 36.79 24.63
CA VAL J 120 -17.12 35.52 24.08
C VAL J 120 -17.17 34.50 25.22
N GLU J 121 -18.30 33.81 25.33
CA GLU J 121 -18.50 32.77 26.32
C GLU J 121 -18.47 31.41 25.65
N VAL J 122 -17.75 30.47 26.25
CA VAL J 122 -17.61 29.12 25.72
C VAL J 122 -18.34 28.16 26.65
N GLU J 123 -19.24 27.36 26.08
CA GLU J 123 -19.97 26.34 26.81
C GLU J 123 -19.44 24.97 26.43
N ILE J 124 -19.29 24.09 27.43
CA ILE J 124 -18.69 22.78 27.24
C ILE J 124 -19.78 21.72 27.25
N PHE J 125 -19.78 20.86 26.24
CA PHE J 125 -20.73 19.76 26.11
C PHE J 125 -19.96 18.47 25.99
N ASP J 126 -20.36 17.47 26.78
CA ASP J 126 -19.64 16.20 26.85
C ASP J 126 -20.36 15.15 26.02
N VAL J 127 -19.59 14.30 25.36
CA VAL J 127 -20.15 13.31 24.43
C VAL J 127 -19.32 12.03 24.53
N PRO J 128 -19.95 10.85 24.56
CA PRO J 128 -19.18 9.62 24.80
C PRO J 128 -18.11 9.31 23.75
N GLY J 129 -18.36 9.64 22.48
CA GLY J 129 -17.41 9.28 21.46
C GLY J 129 -17.54 10.17 20.25
N ALA J 130 -16.55 10.06 19.35
CA ALA J 130 -16.52 10.94 18.18
C ALA J 130 -17.72 10.71 17.28
N TYR J 131 -18.29 9.51 17.27
CA TYR J 131 -19.42 9.20 16.39
C TYR J 131 -20.67 9.98 16.77
N GLU J 132 -20.76 10.52 17.97
CA GLU J 132 -21.95 11.21 18.44
C GLU J 132 -21.81 12.72 18.44
N ILE J 133 -20.82 13.25 17.74
CA ILE J 133 -20.61 14.69 17.64
C ILE J 133 -21.56 15.34 16.63
N PRO J 134 -21.71 14.83 15.40
CA PRO J 134 -22.53 15.55 14.41
C PRO J 134 -23.97 15.79 14.82
N LEU J 135 -24.63 14.83 15.48
CA LEU J 135 -26.02 15.04 15.87
C LEU J 135 -26.12 16.08 16.98
N HIS J 136 -25.19 16.06 17.93
CA HIS J 136 -25.15 17.09 18.97
C HIS J 136 -24.92 18.46 18.35
N ALA J 137 -24.04 18.53 17.35
CA ALA J 137 -23.78 19.80 16.68
C ALA J 137 -25.02 20.28 15.94
N LYS J 138 -25.75 19.37 15.29
CA LYS J 138 -26.98 19.78 14.61
C LYS J 138 -28.00 20.32 15.59
N THR J 139 -28.17 19.65 16.74
CA THR J 139 -29.12 20.14 17.73
C THR J 139 -28.73 21.52 18.25
N LEU J 140 -27.45 21.67 18.62
CA LEU J 140 -26.99 22.96 19.15
C LEU J 140 -26.96 24.05 18.10
N ALA J 141 -26.96 23.69 16.81
CA ALA J 141 -27.04 24.70 15.77
C ALA J 141 -28.48 25.12 15.51
N ARG J 142 -29.40 24.15 15.49
CA ARG J 142 -30.81 24.49 15.28
C ARG J 142 -31.39 25.26 16.44
N THR J 143 -30.90 25.03 17.66
CA THR J 143 -31.47 25.76 18.79
C THR J 143 -31.12 27.24 18.77
N GLY J 144 -30.16 27.65 17.94
CA GLY J 144 -29.71 29.02 17.94
C GLY J 144 -28.68 29.29 19.03
N ARG J 145 -28.57 30.57 19.39
CA ARG J 145 -27.76 31.07 20.49
C ARG J 145 -26.25 30.95 20.25
N TYR J 146 -25.82 30.37 19.13
CA TYR J 146 -24.41 30.09 18.90
C TYR J 146 -24.00 30.59 17.53
N ALA J 147 -22.86 31.27 17.48
CA ALA J 147 -22.30 31.71 16.21
C ALA J 147 -21.32 30.72 15.61
N ALA J 148 -20.78 29.81 16.41
CA ALA J 148 -19.86 28.79 15.91
C ALA J 148 -19.92 27.59 16.83
N ILE J 149 -19.50 26.44 16.31
CA ILE J 149 -19.50 25.19 17.04
C ILE J 149 -18.15 24.50 16.81
N VAL J 150 -17.54 24.00 17.88
CA VAL J 150 -16.24 23.37 17.81
C VAL J 150 -16.39 21.93 18.31
N GLY J 151 -15.87 20.98 17.54
CA GLY J 151 -15.91 19.59 17.93
C GLY J 151 -14.52 18.98 18.02
N ALA J 152 -14.16 18.48 19.20
CA ALA J 152 -12.81 17.97 19.45
C ALA J 152 -12.86 16.51 19.84
N ALA J 153 -11.97 15.72 19.23
CA ALA J 153 -11.87 14.30 19.54
C ALA J 153 -10.50 13.80 19.07
N PHE J 154 -10.16 12.59 19.48
CA PHE J 154 -8.87 11.98 19.16
C PHE J 154 -9.14 10.55 18.69
N VAL J 155 -9.28 10.39 17.37
CA VAL J 155 -9.60 9.09 16.78
C VAL J 155 -8.31 8.31 16.61
N ILE J 156 -8.27 7.10 17.17
CA ILE J 156 -7.04 6.35 17.34
C ILE J 156 -7.21 4.96 16.76
N ASP J 157 -6.21 4.50 16.00
CA ASP J 157 -6.16 3.13 15.52
C ASP J 157 -5.61 2.25 16.64
N GLY J 158 -6.47 1.42 17.22
CA GLY J 158 -6.08 0.60 18.34
C GLY J 158 -5.33 -0.67 18.00
N GLY J 159 -5.19 -0.99 16.72
CA GLY J 159 -4.47 -2.18 16.31
C GLY J 159 -5.32 -3.42 16.17
N ILE J 160 -6.61 -3.36 16.53
CA ILE J 160 -7.51 -4.50 16.41
C ILE J 160 -8.53 -4.29 15.30
N TYR J 161 -9.29 -3.20 15.37
CA TYR J 161 -10.29 -2.86 14.37
C TYR J 161 -9.82 -1.68 13.52
N ARG J 162 -10.44 -1.54 12.36
CA ARG J 162 -10.16 -0.41 11.49
C ARG J 162 -10.90 0.83 11.97
N HIS J 163 -10.24 1.98 11.88
CA HIS J 163 -10.76 3.21 12.46
C HIS J 163 -11.13 4.27 11.43
N ASP J 164 -10.79 4.08 10.15
CA ASP J 164 -10.97 5.15 9.18
C ASP J 164 -12.44 5.34 8.81
N PHE J 165 -13.28 4.31 8.96
CA PHE J 165 -14.68 4.44 8.64
C PHE J 165 -15.36 5.47 9.53
N VAL J 166 -15.13 5.37 10.84
CA VAL J 166 -15.76 6.30 11.78
C VAL J 166 -15.24 7.71 11.59
N ALA J 167 -13.93 7.86 11.35
CA ALA J 167 -13.37 9.19 11.13
C ALA J 167 -13.96 9.84 9.87
N THR J 168 -14.04 9.08 8.78
CA THR J 168 -14.63 9.61 7.56
C THR J 168 -16.09 10.00 7.78
N ALA J 169 -16.85 9.14 8.47
CA ALA J 169 -18.25 9.44 8.74
C ALA J 169 -18.39 10.71 9.57
N VAL J 170 -17.53 10.88 10.58
CA VAL J 170 -17.63 12.05 11.46
C VAL J 170 -17.31 13.32 10.69
N ILE J 171 -16.23 13.31 9.90
CA ILE J 171 -15.86 14.51 9.16
C ILE J 171 -16.96 14.89 8.17
N ASN J 172 -17.45 13.90 7.40
CA ASN J 172 -18.48 14.19 6.42
C ASN J 172 -19.78 14.64 7.09
N GLY J 173 -20.13 14.04 8.23
CA GLY J 173 -21.33 14.45 8.93
C GLY J 173 -21.25 15.85 9.49
N MET J 174 -20.09 16.22 10.03
CA MET J 174 -19.92 17.59 10.51
C MET J 174 -20.01 18.58 9.36
N MET J 175 -19.42 18.26 8.22
CA MET J 175 -19.56 19.14 7.05
C MET J 175 -21.01 19.25 6.61
N GLN J 176 -21.73 18.14 6.57
CA GLN J 176 -23.13 18.16 6.17
C GLN J 176 -23.97 18.99 7.13
N VAL J 177 -23.72 18.84 8.43
CA VAL J 177 -24.47 19.61 9.43
C VAL J 177 -24.19 21.11 9.27
N GLN J 178 -22.92 21.47 9.07
CA GLN J 178 -22.60 22.89 8.93
C GLN J 178 -23.20 23.47 7.65
N LEU J 179 -23.31 22.67 6.59
CA LEU J 179 -23.97 23.14 5.38
C LEU J 179 -25.47 23.24 5.57
N GLU J 180 -26.05 22.32 6.34
CA GLU J 180 -27.50 22.31 6.53
C GLU J 180 -27.98 23.47 7.38
N THR J 181 -27.32 23.70 8.52
CA THR J 181 -27.80 24.68 9.48
C THR J 181 -27.19 26.06 9.31
N GLU J 182 -26.21 26.22 8.42
CA GLU J 182 -25.56 27.51 8.15
C GLU J 182 -24.94 28.10 9.42
N VAL J 183 -24.36 27.24 10.24
CA VAL J 183 -23.60 27.65 11.41
C VAL J 183 -22.20 27.06 11.26
N PRO J 184 -21.13 27.85 11.28
CA PRO J 184 -19.79 27.30 11.09
C PRO J 184 -19.46 26.26 12.15
N VAL J 185 -18.83 25.17 11.70
CA VAL J 185 -18.38 24.10 12.58
C VAL J 185 -16.91 23.85 12.32
N LEU J 186 -16.08 24.09 13.33
CA LEU J 186 -14.63 23.94 13.21
C LEU J 186 -14.23 22.57 13.72
N SER J 187 -13.37 21.88 12.98
CA SER J 187 -13.01 20.49 13.24
C SER J 187 -11.68 20.43 13.98
N VAL J 188 -11.69 19.88 15.19
CA VAL J 188 -10.48 19.61 15.93
C VAL J 188 -10.44 18.12 16.24
N VAL J 189 -11.04 17.32 15.37
CA VAL J 189 -10.92 15.86 15.46
C VAL J 189 -9.74 15.44 14.60
N LEU J 190 -8.76 14.78 15.23
CA LEU J 190 -7.48 14.53 14.60
C LEU J 190 -7.14 13.05 14.67
N THR J 191 -6.60 12.51 13.58
CA THR J 191 -6.22 11.11 13.48
C THR J 191 -4.72 11.01 13.22
N PRO J 192 -3.92 10.62 14.21
CA PRO J 192 -2.48 10.54 14.00
C PRO J 192 -2.09 9.36 13.14
N HIS J 193 -0.89 9.47 12.53
CA HIS J 193 -0.37 8.39 11.71
C HIS J 193 -0.07 7.15 12.55
N HIS J 194 0.56 7.34 13.70
CA HIS J 194 0.95 6.24 14.57
C HIS J 194 0.79 6.65 16.02
N PHE J 195 0.26 5.74 16.84
CA PHE J 195 0.12 6.00 18.28
C PHE J 195 0.06 4.63 18.97
N HIS J 196 1.18 4.22 19.58
CA HIS J 196 1.28 2.91 20.19
C HIS J 196 1.33 2.96 21.71
N GLU J 197 1.00 4.11 22.31
CA GLU J 197 0.92 4.26 23.76
C GLU J 197 2.24 3.89 24.44
N SER J 198 3.31 4.53 23.99
CA SER J 198 4.65 4.31 24.52
C SER J 198 5.13 5.43 25.41
N LYS J 199 4.23 6.34 25.80
CA LYS J 199 4.47 7.45 26.72
C LYS J 199 5.30 8.54 26.04
N GLU J 200 5.94 8.21 24.93
CA GLU J 200 6.56 9.24 24.10
C GLU J 200 5.50 9.93 23.25
N HIS J 201 4.66 9.13 22.60
CA HIS J 201 3.49 9.68 21.92
C HIS J 201 2.58 10.39 22.92
N HIS J 202 2.42 9.82 24.11
CA HIS J 202 1.57 10.43 25.12
C HIS J 202 2.10 11.79 25.56
N ASP J 203 3.42 11.92 25.71
CA ASP J 203 3.97 13.22 26.06
C ASP J 203 3.91 14.21 24.89
N PHE J 204 4.08 13.72 23.66
CA PHE J 204 4.10 14.60 22.50
C PHE J 204 2.71 15.18 22.21
N PHE J 205 1.69 14.33 22.24
CA PHE J 205 0.38 14.76 21.79
C PHE J 205 -0.29 15.70 22.79
N HIS J 206 0.10 15.66 24.05
CA HIS J 206 -0.39 16.66 25.01
C HIS J 206 -0.05 18.07 24.52
N ALA J 207 1.24 18.32 24.23
CA ALA J 207 1.65 19.64 23.78
C ALA J 207 1.08 19.95 22.39
N HIS J 208 1.00 18.94 21.52
CA HIS J 208 0.48 19.24 20.19
C HIS J 208 -0.98 19.65 20.24
N PHE J 209 -1.79 18.98 21.06
CA PHE J 209 -3.17 19.42 21.25
C PHE J 209 -3.25 20.77 21.93
N LYS J 210 -2.31 21.06 22.83
CA LYS J 210 -2.24 22.39 23.43
C LYS J 210 -2.07 23.46 22.36
N VAL J 211 -1.26 23.19 21.34
CA VAL J 211 -1.10 24.14 20.23
C VAL J 211 -2.37 24.20 19.39
N LYS J 212 -2.96 23.03 19.09
CA LYS J 212 -4.14 23.00 18.23
C LYS J 212 -5.30 23.75 18.82
N GLY J 213 -5.42 23.77 20.15
CA GLY J 213 -6.49 24.53 20.77
C GLY J 213 -6.41 26.01 20.46
N VAL J 214 -5.21 26.59 20.59
CA VAL J 214 -5.02 28.01 20.29
C VAL J 214 -5.29 28.26 18.81
N GLU J 215 -4.80 27.37 17.94
CA GLU J 215 -5.05 27.53 16.51
C GLU J 215 -6.54 27.56 16.21
N ALA J 216 -7.29 26.65 16.81
CA ALA J 216 -8.74 26.60 16.58
C ALA J 216 -9.42 27.84 17.12
N ALA J 217 -8.96 28.36 18.26
CA ALA J 217 -9.55 29.57 18.81
C ALA J 217 -9.39 30.74 17.84
N HIS J 218 -8.17 30.91 17.31
CA HIS J 218 -7.95 31.99 16.35
C HIS J 218 -8.79 31.82 15.10
N ALA J 219 -8.88 30.58 14.59
CA ALA J 219 -9.67 30.33 13.39
C ALA J 219 -11.13 30.64 13.63
N ALA J 220 -11.67 30.24 14.78
CA ALA J 220 -13.07 30.50 15.08
C ALA J 220 -13.36 31.99 15.16
N LEU J 221 -12.49 32.73 15.85
CA LEU J 221 -12.70 34.18 15.95
C LEU J 221 -12.71 34.82 14.56
N GLN J 222 -11.72 34.46 13.73
CA GLN J 222 -11.62 35.10 12.42
C GLN J 222 -12.79 34.74 11.53
N ILE J 223 -13.23 33.47 11.56
CA ILE J 223 -14.33 33.07 10.68
C ILE J 223 -15.63 33.72 11.11
N VAL J 224 -15.88 33.84 12.43
CA VAL J 224 -17.09 34.50 12.88
C VAL J 224 -17.07 35.97 12.47
N SER J 225 -15.93 36.64 12.64
CA SER J 225 -15.85 38.05 12.25
C SER J 225 -16.09 38.21 10.75
N GLU J 226 -15.47 37.36 9.92
CA GLU J 226 -15.66 37.48 8.48
C GLU J 226 -17.10 37.22 8.06
N ARG J 227 -17.72 36.17 8.63
CA ARG J 227 -19.11 35.87 8.28
C ARG J 227 -20.03 37.01 8.68
N SER J 228 -19.79 37.63 9.83
CA SER J 228 -20.58 38.81 10.20
C SER J 228 -20.30 39.97 9.27
N ARG J 229 -19.08 40.07 8.73
CA ARG J 229 -18.76 41.19 7.85
C ARG J 229 -19.47 41.07 6.51
N ILE J 230 -19.43 39.89 5.88
CA ILE J 230 -19.99 39.75 4.53
C ILE J 230 -21.51 39.78 4.51
N ALA J 231 -22.16 39.73 5.67
CA ALA J 231 -23.62 39.75 5.74
C ALA J 231 -24.20 41.14 5.71
N ALA J 232 -23.37 42.18 5.64
CA ALA J 232 -23.86 43.55 5.60
C ALA J 232 -23.78 44.11 4.18
#